data_9BTW
#
_entry.id   9BTW
#
_cell.length_a   1.00
_cell.length_b   1.00
_cell.length_c   1.00
_cell.angle_alpha   90.00
_cell.angle_beta   90.00
_cell.angle_gamma   90.00
#
_symmetry.space_group_name_H-M   'P 1'
#
loop_
_entity.id
_entity.type
_entity.pdbx_description
1 polymer 'Receptor activity-modifying protein 3'
2 polymer Cagrilintide
3 polymer 'Calcitonin receptor'
4 polymer 'Guanine nucleotide-binding protein G(s) subunit alpha isoforms short'
5 polymer 'Guanine nucleotide-binding protein G(I)/G(S)/G(T) subunit beta-1'
6 polymer 'Guanine nucleotide-binding protein G(I)/G(S)/G(O) subunit gamma-2'
7 polymer 'Nanobody 35'
8 non-polymer 2-acetamido-2-deoxy-beta-D-glucopyranose
#
loop_
_entity_poly.entity_id
_entity_poly.type
_entity_poly.pdbx_seq_one_letter_code
_entity_poly.pdbx_strand_id
1 'polypeptide(L)'
;MKTIIALSYIFCLVFADYKDDDDKRAGGCNETGMLERLPLCGKAFADMMGKVDVWKWCNLSEFIVYYESFTNCTEMEANV
VGCYWPNPLAQGFITGIHRQFFSNCTVDRVHLEDPPDEVLIPLIVIPVVLTVAMAGLVVWRSKRTDTLL
;
E
2 'polypeptide(L)' KCNTATCATQRLAEFLRHSSNNFGPILPPTNVGSNTP P
3 'polypeptide(L)'
;GPAAFSNQTYPTIEPKPFLYVVGRKKMMDAQYKCYDRMQQLPAYQGEGPYCNRTWDGWLCWDDTPAGVLSYQFCPDYFPD
FDPSEKVTKYCDEKGVWFKHPENNRTWSNYTMCNAFTPEKLKNAYVLYYLAIVGHSLSIFTLVISLGIFVFFRSLGCQRV
TLHKNMFLTYILNSMIIIIHLVEVVPNGELVRRDPVSCKILHFFHQYMMACNYFWMLCEGIYLHTLIVVAVFTEKQRLRW
YYLLGWGFPLVPTTIHAITRAVYFNDNCWLSVETHLLYIIHGPVMAALVVNFFFLLNIVRVLVTKMRETHEAESHMYLKA
VKATMILVPLLGIQFVVFPWRPSNKMLGKIYDYVMHSLIHFQGFFVATIYCFCNNEVQTTVKRQWAQFKIQWNQRWGRRP
SNRSARAAAAAAEAGDIPIYICHQELRNEPANNQGEESAEIIPLNIIEQESSAPAGLEVLFQ
;
R
4 'polypeptide(L)'
;MGCLGNSKTEDQRNEEKAQREANKKIEKQLQKDKQVYRATHRLLLLGAGESGKNTIVKQMRILHVNGFNGEGGEEDPQAA
RSNSDGEKATKVQDIKNNLKEAIETIVAAMSNLVPPVELANPENQFRVDYILSVMNVPDFDFPPEFYEHAKALWEDEGVR
ACYERSNEYQLIDCAQYFLDKIDVIKQADYVPSDQDLLRCRVLTSGIFETKFQVDKVNFHMFDVGAQRDERRKWIQCFND
VTAIIFVVASSSYNMVIREDNQTNRLQAALKLFDSIWNNKWLRDTSVILFLNKQDLLAEKVLAGKSKIEDYFPEFARYTT
PEDATPEPGEDPRVTRAKYFIRDEFLRISTASGDGRHYCYPHFTCSVDTENIRRVFNDCRDIIQRMHLRQYELL
;
A
5 'polypeptide(L)'
;MHHHHHHGSSGSELDQLRQEAEQLKNQIRDARKACADATLSQITNNIDPVGRIQMRTRRTLRGHLAKIYAMHWGTDSRLL
VSASQDGKLIIWDSYTTNKVHAIPLRSSWVMTCAYAPSGNYVACGGLDNICSIYNLKTREGNVRVSRELAGHTGYLSCCR
FLDDNQIVTSSGDTTCALWDIETGQQTTTFTGHTGDVMSLSLAPDTRLFVSGACDASAKLWDVREGMCRQTFTGHESDIN
AICFFPNGNAFATGSDDATCRLFDLRADQELMTYSHDNIICGITSVSFSKSGRLLLAGYDDFNCNVWDALKADRAGVLAG
HDNRVSCLGVTDDGMAVATGSWDSFLKIWN
;
B
6 'polypeptide(L)' MASNNTASIAQARKLVEQLKMEANIDRIKVSKAAADLMAYCEAHAKEDPLLTPVPASENPFREKKFFCAIL G
7 'polypeptide(L)'
;QVQLQESGGGLVQPGGSLRLSCAASGFTFSNYKMNWVRQAPGKGLEWVSDISQSGASISYTGSVKGRFTISRDNAKNTLY
LQMNSLKPEDTAVYYCARCPAPFTRDCFDVTSTTYAYRGQGTQVTVSSHHHHHHEPEA
;
N
#
loop_
_chem_comp.id
_chem_comp.type
_chem_comp.name
_chem_comp.formula
NAG D-saccharide, beta linking 2-acetamido-2-deoxy-beta-D-glucopyranose 'C8 H15 N O6'
#
# COMPACT_ATOMS: atom_id res chain seq x y z
N GLU A 31 35.96 -67.61 46.39
CA GLU A 31 36.32 -67.13 45.07
C GLU A 31 36.64 -68.28 44.13
N THR A 32 37.24 -69.34 44.69
CA THR A 32 37.58 -70.51 43.88
C THR A 32 36.33 -71.19 43.34
N GLY A 33 35.27 -71.27 44.16
CA GLY A 33 34.06 -71.92 43.72
C GLY A 33 33.42 -71.22 42.53
N MET A 34 33.30 -69.90 42.61
CA MET A 34 32.75 -69.13 41.49
C MET A 34 33.66 -69.18 40.28
N LEU A 35 34.98 -69.17 40.51
CA LEU A 35 35.92 -69.26 39.40
C LEU A 35 35.79 -70.58 38.66
N GLU A 36 35.53 -71.66 39.39
CA GLU A 36 35.30 -72.96 38.75
C GLU A 36 33.91 -73.04 38.13
N ARG A 37 32.92 -72.36 38.71
CA ARG A 37 31.57 -72.42 38.19
C ARG A 37 31.40 -71.59 36.91
N LEU A 38 32.22 -70.56 36.74
CA LEU A 38 32.13 -69.73 35.54
C LEU A 38 32.30 -70.52 34.24
N PRO A 39 33.26 -71.45 34.10
CA PRO A 39 33.26 -72.31 32.91
C PRO A 39 31.98 -73.13 32.76
N LEU A 40 31.37 -73.55 33.87
CA LEU A 40 30.10 -74.26 33.77
C LEU A 40 29.01 -73.35 33.20
N CYS A 41 28.98 -72.09 33.64
CA CYS A 41 28.03 -71.13 33.07
C CYS A 41 28.28 -70.90 31.59
N GLY A 42 29.56 -70.78 31.20
CA GLY A 42 29.88 -70.63 29.79
C GLY A 42 29.46 -71.83 28.96
N LYS A 43 29.68 -73.04 29.49
CA LYS A 43 29.28 -74.25 28.79
C LYS A 43 27.76 -74.33 28.67
N ALA A 44 27.04 -73.95 29.72
CA ALA A 44 25.59 -73.93 29.65
C ALA A 44 25.09 -72.94 28.60
N PHE A 45 25.71 -71.76 28.54
CA PHE A 45 25.34 -70.78 27.52
C PHE A 45 25.64 -71.30 26.12
N ALA A 46 26.79 -71.96 25.95
CA ALA A 46 27.13 -72.53 24.65
C ALA A 46 26.14 -73.61 24.25
N ASP A 47 25.74 -74.46 25.19
CA ASP A 47 24.75 -75.50 24.89
C ASP A 47 23.41 -74.89 24.52
N MET A 48 23.00 -73.84 25.24
CA MET A 48 21.74 -73.17 24.91
C MET A 48 21.80 -72.55 23.53
N MET A 49 22.93 -71.94 23.17
CA MET A 49 23.09 -71.39 21.83
C MET A 49 23.05 -72.48 20.77
N GLY A 50 23.71 -73.62 21.06
CA GLY A 50 23.71 -74.72 20.10
C GLY A 50 22.34 -75.31 19.88
N LYS A 51 21.54 -75.41 20.96
CA LYS A 51 20.17 -75.88 20.80
C LYS A 51 19.34 -74.90 19.98
N VAL A 52 19.48 -73.60 20.24
CA VAL A 52 18.72 -72.60 19.51
C VAL A 52 19.22 -72.49 18.07
N ASP A 53 20.53 -72.44 17.88
CA ASP A 53 21.13 -72.27 16.56
C ASP A 53 22.17 -73.35 16.31
N VAL A 54 22.17 -73.90 15.09
CA VAL A 54 23.04 -75.03 14.78
C VAL A 54 24.50 -74.60 14.78
N TRP A 55 24.85 -73.64 13.92
CA TRP A 55 26.22 -73.18 13.79
C TRP A 55 26.38 -71.67 13.80
N LYS A 56 25.30 -70.90 13.64
CA LYS A 56 25.36 -69.44 13.61
C LYS A 56 24.47 -68.90 14.73
N TRP A 57 25.08 -68.54 15.86
CA TRP A 57 24.38 -67.92 16.98
C TRP A 57 24.40 -66.40 16.88
N CYS A 58 24.46 -65.88 15.65
CA CYS A 58 24.57 -64.45 15.39
C CYS A 58 23.21 -63.81 15.15
N ASN A 59 22.12 -64.57 15.30
CA ASN A 59 20.78 -64.07 15.02
C ASN A 59 20.31 -63.19 16.17
N LEU A 60 19.01 -62.88 16.19
CA LEU A 60 18.46 -61.99 17.21
C LEU A 60 17.90 -62.76 18.40
N SER A 61 16.90 -63.62 18.16
CA SER A 61 16.23 -64.29 19.26
C SER A 61 17.12 -65.32 19.93
N GLU A 62 17.82 -66.13 19.13
CA GLU A 62 18.69 -67.16 19.69
C GLU A 62 19.82 -66.54 20.49
N PHE A 63 20.46 -65.50 19.94
CA PHE A 63 21.54 -64.83 20.65
C PHE A 63 21.01 -64.14 21.91
N ILE A 64 19.81 -63.57 21.84
CA ILE A 64 19.23 -62.92 23.00
C ILE A 64 18.99 -63.93 24.12
N VAL A 65 18.45 -65.09 23.78
CA VAL A 65 18.19 -66.12 24.78
C VAL A 65 19.50 -66.64 25.37
N TYR A 66 20.51 -66.88 24.52
CA TYR A 66 21.79 -67.35 25.00
C TYR A 66 22.45 -66.32 25.92
N TYR A 67 22.39 -65.04 25.55
CA TYR A 67 22.96 -63.99 26.37
C TYR A 67 22.21 -63.85 27.70
N GLU A 68 20.88 -64.01 27.69
CA GLU A 68 20.12 -63.96 28.93
C GLU A 68 20.52 -65.10 29.87
N SER A 69 20.65 -66.31 29.33
CA SER A 69 21.08 -67.43 30.15
C SER A 69 22.50 -67.22 30.68
N PHE A 70 23.40 -66.73 29.83
CA PHE A 70 24.77 -66.48 30.24
C PHE A 70 24.82 -65.42 31.34
N THR A 71 24.05 -64.36 31.20
CA THR A 71 23.99 -63.32 32.22
C THR A 71 23.43 -63.86 33.53
N ASN A 72 22.41 -64.72 33.44
CA ASN A 72 21.84 -65.30 34.65
C ASN A 72 22.87 -66.13 35.40
N CYS A 73 23.55 -67.04 34.70
CA CYS A 73 24.52 -67.88 35.39
C CYS A 73 25.74 -67.07 35.86
N THR A 74 26.16 -66.06 35.09
CA THR A 74 27.27 -65.22 35.52
C THR A 74 26.90 -64.42 36.77
N GLU A 75 25.67 -63.90 36.83
CA GLU A 75 25.22 -63.20 38.02
C GLU A 75 25.14 -64.13 39.22
N MET A 76 24.67 -65.36 39.01
CA MET A 76 24.65 -66.33 40.10
C MET A 76 26.07 -66.60 40.61
N GLU A 77 27.02 -66.78 39.69
CA GLU A 77 28.40 -67.02 40.09
C GLU A 77 28.99 -65.82 40.83
N ALA A 78 28.68 -64.60 40.36
CA ALA A 78 29.18 -63.40 41.03
C ALA A 78 28.58 -63.27 42.43
N ASN A 79 27.29 -63.57 42.57
CA ASN A 79 26.67 -63.55 43.89
C ASN A 79 27.30 -64.58 44.82
N VAL A 80 27.63 -65.75 44.28
CA VAL A 80 28.36 -66.76 45.06
C VAL A 80 29.71 -66.22 45.50
N VAL A 81 30.41 -65.54 44.59
CA VAL A 81 31.72 -64.96 44.93
C VAL A 81 31.58 -63.75 45.84
N GLY A 82 30.42 -63.10 45.86
CA GLY A 82 30.23 -61.90 46.66
C GLY A 82 31.08 -60.73 46.21
N CYS A 83 31.16 -60.53 44.89
CA CYS A 83 31.95 -59.45 44.33
C CYS A 83 31.18 -58.82 43.18
N TYR A 84 31.51 -57.57 42.88
CA TYR A 84 30.85 -56.83 41.82
C TYR A 84 31.50 -57.16 40.48
N TRP A 85 30.72 -57.78 39.59
CA TRP A 85 31.20 -58.13 38.27
C TRP A 85 31.38 -56.87 37.41
N PRO A 86 32.27 -56.92 36.41
CA PRO A 86 33.18 -58.02 36.04
C PRO A 86 34.60 -57.85 36.56
N ASN A 87 35.14 -58.87 37.21
CA ASN A 87 36.54 -58.85 37.60
C ASN A 87 37.42 -58.99 36.35
N PRO A 88 38.67 -58.54 36.42
CA PRO A 88 39.57 -58.70 35.26
C PRO A 88 39.73 -60.15 34.82
N LEU A 89 39.81 -61.09 35.77
CA LEU A 89 39.81 -62.51 35.41
C LEU A 89 38.49 -62.91 34.77
N ALA A 90 37.37 -62.41 35.32
CA ALA A 90 36.07 -62.69 34.72
C ALA A 90 35.96 -62.09 33.32
N GLN A 91 36.47 -60.87 33.14
CA GLN A 91 36.45 -60.25 31.82
C GLN A 91 37.29 -61.05 30.83
N GLY A 92 38.47 -61.52 31.25
CA GLY A 92 39.28 -62.34 30.38
C GLY A 92 38.60 -63.66 30.03
N PHE A 93 37.95 -64.29 31.00
CA PHE A 93 37.23 -65.52 30.73
C PHE A 93 36.08 -65.29 29.75
N ILE A 94 35.35 -64.18 29.92
CA ILE A 94 34.26 -63.87 29.01
C ILE A 94 34.79 -63.62 27.60
N THR A 95 35.90 -62.89 27.49
CA THR A 95 36.49 -62.65 26.18
C THR A 95 36.94 -63.95 25.52
N GLY A 96 37.56 -64.84 26.30
CA GLY A 96 37.98 -66.12 25.75
C GLY A 96 36.81 -66.98 25.30
N ILE A 97 35.72 -66.97 26.09
CA ILE A 97 34.53 -67.72 25.71
C ILE A 97 33.91 -67.15 24.44
N HIS A 98 33.83 -65.83 24.32
CA HIS A 98 33.28 -65.21 23.13
C HIS A 98 34.14 -65.51 21.90
N ARG A 99 35.46 -65.46 22.06
CA ARG A 99 36.36 -65.74 20.94
C ARG A 99 36.29 -67.22 20.54
N GLN A 100 36.12 -68.11 21.51
CA GLN A 100 36.12 -69.53 21.21
C GLN A 100 34.84 -69.96 20.50
N PHE A 101 33.70 -69.36 20.86
CA PHE A 101 32.40 -69.80 20.36
C PHE A 101 31.70 -68.76 19.50
N PHE A 102 31.62 -67.51 19.98
CA PHE A 102 30.84 -66.48 19.31
C PHE A 102 31.63 -65.73 18.24
N SER A 103 32.75 -66.28 17.77
CA SER A 103 33.54 -65.65 16.73
C SER A 103 33.17 -66.11 15.33
N ASN A 104 32.16 -66.98 15.20
CA ASN A 104 31.77 -67.49 13.88
C ASN A 104 31.21 -66.39 12.98
N CYS A 105 30.40 -65.49 13.52
CA CYS A 105 29.77 -64.44 12.73
C CYS A 105 30.48 -63.11 12.93
N THR A 106 30.36 -62.25 11.93
CA THR A 106 30.86 -60.88 12.00
C THR A 106 29.80 -60.02 12.68
N VAL A 107 29.81 -60.07 14.01
CA VAL A 107 28.81 -59.37 14.82
C VAL A 107 29.16 -57.89 14.91
N ASP A 108 30.25 -57.50 14.27
CA ASP A 108 30.68 -56.10 14.29
C ASP A 108 29.72 -55.18 13.55
N ARG A 109 28.83 -55.73 12.72
CA ARG A 109 27.87 -54.91 12.01
C ARG A 109 26.84 -54.31 12.97
N VAL A 110 26.62 -53.00 12.86
CA VAL A 110 25.63 -52.30 13.65
C VAL A 110 24.68 -51.56 12.71
N HIS A 111 23.41 -51.55 13.08
CA HIS A 111 22.32 -51.19 12.18
C HIS A 111 22.34 -49.71 11.79
N LEU A 112 22.46 -48.83 12.77
CA LEU A 112 22.29 -47.39 12.57
C LEU A 112 23.63 -46.69 12.71
N GLU A 113 24.02 -45.93 11.67
CA GLU A 113 25.26 -45.16 11.69
C GLU A 113 25.08 -43.88 10.89
N ASP A 114 25.79 -42.84 11.28
CA ASP A 114 25.95 -41.66 10.44
C ASP A 114 27.01 -41.92 9.38
N PRO A 115 26.81 -41.51 8.14
CA PRO A 115 27.79 -41.78 7.08
C PRO A 115 29.10 -41.06 7.34
N PRO A 116 30.21 -41.56 6.81
CA PRO A 116 31.51 -40.92 7.06
C PRO A 116 31.57 -39.53 6.46
N ASP A 117 32.48 -38.72 7.02
CA ASP A 117 32.55 -37.31 6.64
C ASP A 117 32.91 -37.13 5.17
N GLU A 118 33.63 -38.08 4.58
CA GLU A 118 34.07 -37.94 3.19
C GLU A 118 32.89 -37.78 2.24
N VAL A 119 31.78 -38.48 2.51
CA VAL A 119 30.61 -38.39 1.66
C VAL A 119 29.59 -37.44 2.31
N LEU A 120 29.66 -37.31 3.64
CA LEU A 120 28.69 -36.50 4.35
C LEU A 120 28.87 -35.01 4.08
N ILE A 121 30.13 -34.54 4.11
CA ILE A 121 30.38 -33.10 3.96
C ILE A 121 29.92 -32.57 2.61
N PRO A 122 30.30 -33.16 1.47
CA PRO A 122 29.73 -32.66 0.20
C PRO A 122 28.22 -32.83 0.11
N LEU A 123 27.68 -33.88 0.72
CA LEU A 123 26.26 -34.16 0.70
C LEU A 123 25.45 -33.08 1.40
N ILE A 124 26.04 -32.39 2.38
CA ILE A 124 25.41 -31.25 3.03
C ILE A 124 25.75 -29.94 2.33
N VAL A 125 26.97 -29.84 1.79
CA VAL A 125 27.40 -28.62 1.13
C VAL A 125 26.56 -28.36 -0.12
N ILE A 126 26.25 -29.41 -0.87
CA ILE A 126 25.55 -29.22 -2.15
C ILE A 126 24.20 -28.54 -1.98
N PRO A 127 23.31 -28.96 -1.06
CA PRO A 127 22.04 -28.21 -0.91
C PRO A 127 22.23 -26.76 -0.51
N VAL A 128 23.20 -26.46 0.35
CA VAL A 128 23.40 -25.09 0.79
C VAL A 128 23.89 -24.22 -0.36
N VAL A 129 24.87 -24.71 -1.12
CA VAL A 129 25.38 -23.96 -2.26
C VAL A 129 24.27 -23.79 -3.30
N LEU A 130 23.46 -24.82 -3.51
CA LEU A 130 22.34 -24.71 -4.43
C LEU A 130 21.35 -23.64 -3.99
N THR A 131 21.05 -23.60 -2.68
CA THR A 131 20.14 -22.58 -2.17
C THR A 131 20.69 -21.18 -2.37
N VAL A 132 21.97 -20.97 -2.06
CA VAL A 132 22.58 -19.66 -2.23
C VAL A 132 22.59 -19.26 -3.70
N ALA A 133 22.92 -20.19 -4.60
CA ALA A 133 22.94 -19.87 -6.02
C ALA A 133 21.54 -19.57 -6.54
N MET A 134 20.54 -20.33 -6.10
CA MET A 134 19.18 -20.11 -6.57
C MET A 134 18.60 -18.80 -6.05
N ALA A 135 19.00 -18.37 -4.85
CA ALA A 135 18.57 -17.07 -4.37
C ALA A 135 19.03 -15.95 -5.31
N GLY A 136 20.30 -15.99 -5.70
CA GLY A 136 20.80 -15.00 -6.64
C GLY A 136 20.17 -15.13 -8.01
N LEU A 137 19.92 -16.37 -8.45
CA LEU A 137 19.27 -16.57 -9.74
C LEU A 137 17.87 -15.98 -9.75
N VAL A 138 17.11 -16.18 -8.67
CA VAL A 138 15.77 -15.61 -8.56
C VAL A 138 15.86 -14.09 -8.52
N VAL A 139 16.84 -13.54 -7.80
CA VAL A 139 17.03 -12.09 -7.78
C VAL A 139 17.29 -11.57 -9.19
N TRP A 140 18.11 -12.28 -9.97
CA TRP A 140 18.47 -11.83 -11.31
C TRP A 140 17.28 -11.86 -12.26
N ARG A 141 16.57 -13.00 -12.32
CA ARG A 141 15.58 -13.21 -13.35
C ARG A 141 14.19 -12.71 -12.98
N SER A 142 13.97 -12.29 -11.73
CA SER A 142 12.64 -11.83 -11.34
C SER A 142 12.25 -10.56 -12.08
N LYS A 143 13.19 -9.63 -12.24
CA LYS A 143 12.92 -8.34 -12.87
C LYS A 143 12.92 -8.40 -14.39
N ARG A 144 13.30 -9.53 -14.98
CA ARG A 144 13.34 -9.66 -16.42
C ARG A 144 11.94 -9.87 -16.99
N LYS B 1 25.82 -32.96 17.55
CA LYS B 1 24.46 -33.47 17.48
C LYS B 1 23.62 -32.49 16.63
N CYS B 2 22.93 -31.54 17.26
CA CYS B 2 22.14 -30.54 16.56
C CYS B 2 21.93 -29.36 17.50
N ASN B 3 22.59 -28.24 17.21
CA ASN B 3 22.48 -27.03 18.01
C ASN B 3 22.13 -25.87 17.09
N THR B 4 20.83 -25.69 16.83
CA THR B 4 20.33 -24.64 15.95
C THR B 4 18.93 -24.25 16.40
N ALA B 5 18.61 -22.96 16.26
CA ALA B 5 17.28 -22.50 16.62
C ALA B 5 16.22 -23.13 15.74
N THR B 6 16.55 -23.42 14.48
CA THR B 6 15.62 -24.15 13.62
C THR B 6 15.51 -25.60 14.05
N CYS B 7 16.58 -26.14 14.65
CA CYS B 7 16.55 -27.51 15.13
C CYS B 7 15.70 -27.64 16.40
N ALA B 8 15.25 -26.52 16.94
CA ALA B 8 14.39 -26.53 18.12
C ALA B 8 13.02 -27.10 17.77
N THR B 9 12.14 -27.12 18.77
CA THR B 9 10.78 -27.66 18.81
C THR B 9 10.74 -29.10 18.28
N GLN B 10 11.89 -29.76 18.15
CA GLN B 10 11.98 -31.17 17.83
C GLN B 10 12.85 -31.84 18.89
N ARG B 11 13.91 -31.14 19.31
CA ARG B 11 14.68 -31.58 20.46
C ARG B 11 13.84 -31.57 21.72
N LEU B 12 13.00 -30.54 21.88
CA LEU B 12 12.05 -30.52 22.99
C LEU B 12 11.07 -31.68 22.88
N ALA B 13 10.58 -31.94 21.67
CA ALA B 13 9.68 -33.07 21.46
C ALA B 13 10.39 -34.39 21.75
N GLU B 14 11.65 -34.51 21.33
CA GLU B 14 12.40 -35.73 21.62
C GLU B 14 12.59 -35.92 23.12
N PHE B 15 12.91 -34.84 23.83
CA PHE B 15 13.09 -34.93 25.28
C PHE B 15 11.79 -35.31 25.96
N LEU B 16 10.67 -34.73 25.53
CA LEU B 16 9.38 -35.08 26.12
C LEU B 16 9.02 -36.54 25.84
N ARG B 17 9.32 -37.02 24.64
CA ARG B 17 9.00 -38.40 24.30
C ARG B 17 9.88 -39.39 25.06
N HIS B 18 11.14 -39.03 25.30
CA HIS B 18 12.08 -39.97 25.91
C HIS B 18 12.03 -39.92 27.43
N SER B 19 12.30 -38.75 28.02
CA SER B 19 12.45 -38.64 29.46
C SER B 19 11.11 -38.73 30.20
N SER B 20 9.99 -38.48 29.52
CA SER B 20 8.68 -38.54 30.14
C SER B 20 7.94 -39.79 29.66
N ASN B 21 7.44 -40.58 30.62
CA ASN B 21 6.72 -41.81 30.31
C ASN B 21 5.25 -41.50 30.09
N ASN B 22 4.98 -40.81 28.98
CA ASN B 22 3.63 -40.40 28.59
C ASN B 22 2.96 -39.59 29.71
N PHE B 23 3.65 -38.53 30.14
CA PHE B 23 3.19 -37.66 31.23
C PHE B 23 2.90 -38.47 32.49
N GLY B 24 3.84 -39.33 32.86
CA GLY B 24 3.68 -40.20 34.01
C GLY B 24 3.68 -39.42 35.31
N PRO B 25 3.10 -40.03 36.35
CA PRO B 25 2.98 -39.32 37.63
C PRO B 25 4.26 -39.32 38.44
N ILE B 26 5.08 -40.36 38.30
CA ILE B 26 6.29 -40.51 39.08
C ILE B 26 7.42 -41.02 38.19
N LEU B 27 8.65 -40.59 38.49
CA LEU B 27 9.84 -41.10 37.81
C LEU B 27 10.93 -41.23 38.87
N PRO B 28 11.08 -42.40 39.47
CA PRO B 28 12.06 -42.55 40.55
C PRO B 28 13.46 -42.33 40.02
N PRO B 29 14.34 -41.73 40.82
CA PRO B 29 15.71 -41.50 40.37
C PRO B 29 16.45 -42.80 40.15
N THR B 30 17.30 -42.83 39.13
CA THR B 30 18.14 -43.97 38.82
C THR B 30 19.39 -43.91 39.71
N ASN B 31 19.68 -45.01 40.40
CA ASN B 31 20.81 -45.03 41.32
C ASN B 31 22.11 -44.85 40.54
N VAL B 32 22.95 -43.93 41.02
CA VAL B 32 24.24 -43.64 40.41
C VAL B 32 25.37 -43.71 41.43
N GLY B 33 25.12 -44.34 42.58
CA GLY B 33 26.09 -44.43 43.65
C GLY B 33 27.07 -45.57 43.45
N SER B 34 27.64 -46.01 44.57
CA SER B 34 28.65 -47.08 44.53
C SER B 34 28.04 -48.40 44.09
N ASN B 35 26.76 -48.63 44.36
CA ASN B 35 26.13 -49.89 43.99
C ASN B 35 26.13 -50.08 42.47
N THR B 36 25.79 -49.03 41.73
CA THR B 36 25.80 -49.06 40.28
C THR B 36 27.18 -48.69 39.75
N PRO B 37 27.53 -49.15 38.53
CA PRO B 37 28.83 -48.78 37.96
C PRO B 37 28.89 -47.32 37.52
N TYR C 20 11.78 -51.29 31.69
CA TYR C 20 12.89 -51.97 32.35
C TYR C 20 13.37 -53.16 31.51
N VAL C 21 12.41 -53.93 30.99
CA VAL C 21 12.75 -55.08 30.14
C VAL C 21 13.43 -54.61 28.86
N VAL C 22 12.88 -53.57 28.24
CA VAL C 22 13.50 -53.00 27.04
C VAL C 22 14.87 -52.44 27.37
N GLY C 23 14.99 -51.75 28.51
CA GLY C 23 16.29 -51.24 28.92
C GLY C 23 17.29 -52.35 29.19
N ARG C 24 16.83 -53.44 29.81
CA ARG C 24 17.72 -54.57 30.07
C ARG C 24 18.18 -55.21 28.76
N LYS C 25 17.27 -55.37 27.80
CA LYS C 25 17.65 -55.93 26.50
C LYS C 25 18.63 -55.02 25.78
N LYS C 26 18.42 -53.70 25.83
CA LYS C 26 19.34 -52.76 25.22
C LYS C 26 20.71 -52.84 25.89
N MET C 27 20.74 -52.95 27.21
CA MET C 27 22.01 -53.06 27.92
C MET C 27 22.74 -54.34 27.55
N MET C 28 22.00 -55.45 27.43
CA MET C 28 22.63 -56.71 27.02
C MET C 28 23.20 -56.62 25.62
N ASP C 29 22.44 -56.01 24.69
CA ASP C 29 22.94 -55.84 23.33
C ASP C 29 24.18 -54.95 23.30
N ALA C 30 24.17 -53.87 24.08
CA ALA C 30 25.33 -52.99 24.15
C ALA C 30 26.54 -53.71 24.74
N GLN C 31 26.32 -54.55 25.75
CA GLN C 31 27.42 -55.32 26.32
C GLN C 31 27.99 -56.29 25.30
N TYR C 32 27.13 -56.96 24.53
CA TYR C 32 27.61 -57.87 23.50
C TYR C 32 28.41 -57.11 22.44
N LYS C 33 27.92 -55.95 22.02
CA LYS C 33 28.63 -55.14 21.04
C LYS C 33 29.98 -54.67 21.58
N CYS C 34 30.01 -54.27 22.85
CA CYS C 34 31.26 -53.84 23.47
C CYS C 34 32.26 -54.98 23.55
N TYR C 35 31.79 -56.18 23.90
CA TYR C 35 32.68 -57.33 23.93
C TYR C 35 33.23 -57.64 22.54
N ASP C 36 32.37 -57.56 21.53
CA ASP C 36 32.82 -57.80 20.15
C ASP C 36 33.86 -56.77 19.73
N ARG C 37 33.64 -55.49 20.07
CA ARG C 37 34.59 -54.45 19.73
C ARG C 37 35.92 -54.65 20.47
N MET C 38 35.86 -55.03 21.74
CA MET C 38 37.08 -55.26 22.51
C MET C 38 37.84 -56.46 21.95
N GLN C 39 37.12 -57.45 21.42
CA GLN C 39 37.80 -58.57 20.77
C GLN C 39 38.60 -58.11 19.56
N GLN C 40 38.11 -57.11 18.83
CA GLN C 40 38.79 -56.59 17.66
C GLN C 40 39.82 -55.51 17.98
N LEU C 41 39.86 -55.03 19.23
CA LEU C 41 40.81 -54.01 19.66
C LEU C 41 41.48 -54.47 20.95
N PRO C 42 42.39 -55.45 20.87
CA PRO C 42 43.02 -55.98 22.08
C PRO C 42 44.21 -55.16 22.55
N ALA C 43 44.85 -54.44 21.63
CA ALA C 43 46.09 -53.74 21.92
C ALA C 43 45.81 -52.29 22.27
N TYR C 44 46.38 -51.82 23.38
CA TYR C 44 46.25 -50.42 23.76
C TYR C 44 47.07 -49.53 22.85
N GLN C 45 48.23 -50.01 22.39
CA GLN C 45 49.15 -49.35 21.48
C GLN C 45 49.76 -48.08 22.09
N GLY C 46 49.67 -47.89 23.40
CA GLY C 46 50.24 -46.74 24.06
C GLY C 46 51.54 -47.05 24.76
N GLU C 47 51.97 -46.13 25.62
CA GLU C 47 53.19 -46.30 26.40
C GLU C 47 52.93 -45.86 27.84
N GLY C 48 53.68 -46.45 28.76
CA GLY C 48 53.54 -46.14 30.17
C GLY C 48 52.36 -46.87 30.79
N PRO C 49 52.17 -46.69 32.09
CA PRO C 49 51.05 -47.33 32.77
C PRO C 49 49.72 -46.82 32.24
N TYR C 50 48.73 -47.72 32.20
CA TYR C 50 47.40 -47.39 31.70
C TYR C 50 46.39 -48.36 32.28
N CYS C 51 45.13 -47.94 32.26
CA CYS C 51 44.04 -48.77 32.74
C CYS C 51 43.47 -49.59 31.58
N ASN C 52 43.22 -50.87 31.84
CA ASN C 52 42.71 -51.76 30.81
C ASN C 52 41.26 -51.44 30.48
N ARG C 53 40.89 -51.69 29.22
CA ARG C 53 39.51 -51.50 28.80
C ARG C 53 38.61 -52.50 29.48
N THR C 54 37.46 -52.02 29.97
CA THR C 54 36.53 -52.88 30.69
C THR C 54 35.11 -52.37 30.49
N TRP C 55 34.15 -53.29 30.67
CA TRP C 55 32.73 -52.98 30.58
C TRP C 55 32.18 -52.84 31.99
N ASP C 56 31.96 -51.60 32.43
CA ASP C 56 31.49 -51.39 33.80
C ASP C 56 30.09 -51.95 34.01
N GLY C 57 29.26 -51.94 32.97
CA GLY C 57 27.90 -52.42 33.08
C GLY C 57 26.91 -51.62 32.26
N TRP C 58 27.30 -50.40 31.91
CA TRP C 58 26.45 -49.50 31.12
C TRP C 58 27.11 -49.02 29.84
N LEU C 59 28.40 -48.71 29.87
CA LEU C 59 29.10 -48.17 28.72
C LEU C 59 30.43 -48.89 28.52
N CYS C 60 30.91 -48.87 27.29
CA CYS C 60 32.19 -49.49 26.94
C CYS C 60 33.28 -48.43 27.02
N TRP C 61 34.32 -48.73 27.80
CA TRP C 61 35.45 -47.83 27.99
C TRP C 61 36.71 -48.43 27.39
N ASP C 62 37.49 -47.60 26.71
CA ASP C 62 38.75 -48.02 26.12
C ASP C 62 39.91 -47.76 27.07
N ASP C 63 41.09 -48.23 26.70
CA ASP C 63 42.28 -48.02 27.51
C ASP C 63 42.64 -46.54 27.55
N THR C 64 42.97 -46.04 28.74
CA THR C 64 43.33 -44.65 28.92
C THR C 64 44.62 -44.54 29.72
N PRO C 65 45.44 -43.52 29.45
CA PRO C 65 46.68 -43.36 30.21
C PRO C 65 46.42 -43.03 31.67
N ALA C 66 47.36 -43.40 32.52
CA ALA C 66 47.24 -43.12 33.95
C ALA C 66 47.24 -41.62 34.19
N GLY C 67 46.35 -41.18 35.08
CA GLY C 67 46.23 -39.76 35.37
C GLY C 67 45.54 -38.96 34.30
N VAL C 68 44.76 -39.61 33.44
CA VAL C 68 44.04 -38.95 32.36
C VAL C 68 42.56 -39.29 32.48
N LEU C 69 41.71 -38.27 32.40
CA LEU C 69 40.26 -38.45 32.52
C LEU C 69 39.67 -38.70 31.14
N SER C 70 38.91 -39.79 31.01
CA SER C 70 38.25 -40.15 29.76
C SER C 70 36.79 -39.69 29.79
N TYR C 71 36.22 -39.53 28.60
CA TYR C 71 34.85 -39.08 28.44
C TYR C 71 34.11 -39.98 27.46
N GLN C 72 32.80 -40.12 27.67
CA GLN C 72 31.97 -40.95 26.80
C GLN C 72 30.56 -40.40 26.80
N PHE C 73 29.80 -40.75 25.75
CA PHE C 73 28.43 -40.31 25.63
C PHE C 73 27.56 -40.91 26.73
N CYS C 74 26.65 -40.09 27.24
CA CYS C 74 25.82 -40.53 28.36
C CYS C 74 24.66 -41.39 27.84
N PRO C 75 24.48 -42.60 28.36
CA PRO C 75 23.57 -43.56 27.74
C PRO C 75 22.10 -43.15 27.89
N ASP C 76 21.28 -43.74 27.03
CA ASP C 76 19.84 -43.50 27.00
C ASP C 76 19.05 -44.74 27.43
N TYR C 77 19.60 -45.55 28.33
CA TYR C 77 18.92 -46.77 28.75
C TYR C 77 17.63 -46.46 29.49
N PHE C 78 17.63 -45.40 30.30
CA PHE C 78 16.48 -45.05 31.12
C PHE C 78 16.03 -43.63 30.81
N PRO C 79 14.74 -43.33 30.98
CA PRO C 79 14.29 -41.94 30.82
C PRO C 79 14.91 -41.00 31.82
N ASP C 80 15.42 -41.51 32.93
CA ASP C 80 16.04 -40.70 33.97
C ASP C 80 17.40 -40.15 33.55
N PHE C 81 17.94 -40.60 32.43
CA PHE C 81 19.25 -40.16 31.95
C PHE C 81 19.07 -39.27 30.72
N ASP C 82 19.94 -38.25 30.61
CA ASP C 82 19.89 -37.34 29.48
C ASP C 82 20.92 -37.78 28.45
N PRO C 83 20.50 -38.23 27.26
CA PRO C 83 21.47 -38.70 26.26
C PRO C 83 22.45 -37.63 25.80
N SER C 84 22.04 -36.37 25.81
CA SER C 84 22.88 -35.29 25.30
C SER C 84 24.09 -35.00 26.17
N GLU C 85 24.14 -35.55 27.39
CA GLU C 85 25.26 -35.29 28.28
C GLU C 85 26.42 -36.22 27.96
N LYS C 86 27.51 -36.07 28.71
CA LYS C 86 28.71 -36.87 28.54
C LYS C 86 29.15 -37.40 29.90
N VAL C 87 29.40 -38.70 29.98
CA VAL C 87 29.90 -39.35 31.19
C VAL C 87 31.42 -39.31 31.17
N THR C 88 32.01 -39.08 32.33
CA THR C 88 33.47 -38.99 32.45
C THR C 88 33.95 -40.07 33.43
N LYS C 89 35.06 -40.71 33.07
CA LYS C 89 35.70 -41.71 33.91
C LYS C 89 37.14 -41.30 34.15
N TYR C 90 37.57 -41.33 35.41
CA TYR C 90 38.89 -40.88 35.81
C TYR C 90 39.81 -42.08 35.99
N CYS C 91 41.01 -41.99 35.43
CA CYS C 91 42.03 -43.01 35.55
C CYS C 91 43.07 -42.56 36.57
N ASP C 92 43.31 -43.40 37.57
CA ASP C 92 44.28 -43.05 38.61
C ASP C 92 45.70 -43.10 38.07
N GLU C 93 46.58 -42.34 38.73
CA GLU C 93 47.98 -42.30 38.31
C GLU C 93 48.68 -43.64 38.51
N LYS C 94 48.14 -44.51 39.36
CA LYS C 94 48.73 -45.83 39.58
C LYS C 94 48.51 -46.78 38.40
N GLY C 95 47.69 -46.41 37.43
CA GLY C 95 47.41 -47.25 36.30
C GLY C 95 46.11 -48.02 36.36
N VAL C 96 45.23 -47.70 37.30
CA VAL C 96 43.95 -48.38 37.45
C VAL C 96 42.84 -47.34 37.44
N TRP C 97 41.60 -47.82 37.35
CA TRP C 97 40.45 -46.94 37.34
C TRP C 97 40.16 -46.39 38.72
N PHE C 98 39.34 -45.34 38.77
CA PHE C 98 38.99 -44.71 40.03
C PHE C 98 38.11 -45.64 40.86
N LYS C 99 38.38 -45.70 42.16
CA LYS C 99 37.65 -46.56 43.08
C LYS C 99 36.82 -45.70 44.02
N HIS C 100 35.55 -46.07 44.20
CA HIS C 100 34.68 -45.35 45.11
C HIS C 100 35.18 -45.51 46.54
N PRO C 101 35.39 -44.42 47.29
CA PRO C 101 35.88 -44.56 48.67
C PRO C 101 34.95 -45.34 49.57
N GLU C 102 33.66 -45.41 49.23
CA GLU C 102 32.71 -46.11 50.09
C GLU C 102 33.01 -47.59 50.18
N ASN C 103 33.35 -48.23 49.04
CA ASN C 103 33.54 -49.68 49.00
C ASN C 103 34.75 -50.10 48.18
N ASN C 104 35.60 -49.16 47.76
CA ASN C 104 36.81 -49.46 46.99
C ASN C 104 36.49 -50.24 45.71
N ARG C 105 35.40 -49.87 45.03
CA ARG C 105 34.98 -50.53 43.81
C ARG C 105 35.10 -49.58 42.63
N THR C 106 35.39 -50.13 41.45
CA THR C 106 35.49 -49.32 40.24
C THR C 106 34.16 -48.62 39.97
N TRP C 107 34.23 -47.33 39.65
CA TRP C 107 33.05 -46.52 39.51
C TRP C 107 33.34 -45.34 38.60
N SER C 108 32.30 -44.89 37.90
CA SER C 108 32.42 -43.79 36.94
C SER C 108 31.39 -42.72 37.27
N ASN C 109 31.69 -41.48 36.85
CA ASN C 109 30.88 -40.31 37.20
C ASN C 109 29.59 -40.34 36.38
N TYR C 110 28.66 -41.19 36.83
CA TYR C 110 27.33 -41.27 36.24
C TYR C 110 26.32 -40.36 36.91
N THR C 111 26.69 -39.70 38.00
CA THR C 111 25.73 -38.89 38.74
C THR C 111 25.38 -37.60 38.02
N MET C 112 26.16 -37.23 37.00
CA MET C 112 25.90 -35.98 36.29
C MET C 112 24.66 -36.10 35.41
N CYS C 113 24.43 -37.29 34.83
CA CYS C 113 23.29 -37.47 33.94
C CYS C 113 21.96 -37.38 34.69
N ASN C 114 21.97 -37.67 35.99
CA ASN C 114 20.75 -37.69 36.78
C ASN C 114 20.48 -36.41 37.54
N ALA C 115 21.47 -35.52 37.65
CA ALA C 115 21.30 -34.33 38.49
C ALA C 115 20.39 -33.30 37.83
N PHE C 116 20.54 -33.09 36.53
CA PHE C 116 19.87 -32.00 35.83
C PHE C 116 18.51 -32.37 35.25
N THR C 117 18.12 -33.65 35.33
CA THR C 117 16.89 -34.07 34.67
C THR C 117 15.61 -33.46 35.24
N PRO C 118 15.38 -33.38 36.56
CA PRO C 118 14.05 -32.93 37.03
C PRO C 118 13.72 -31.50 36.65
N GLU C 119 14.64 -30.56 36.88
CA GLU C 119 14.38 -29.17 36.51
C GLU C 119 14.22 -29.02 35.00
N LYS C 120 15.00 -29.79 34.23
CA LYS C 120 14.88 -29.75 32.78
C LYS C 120 13.49 -30.22 32.33
N LEU C 121 12.99 -31.30 32.93
CA LEU C 121 11.65 -31.78 32.59
C LEU C 121 10.58 -30.77 33.01
N LYS C 122 10.74 -30.16 34.18
CA LYS C 122 9.78 -29.16 34.64
C LYS C 122 9.73 -27.97 33.69
N ASN C 123 10.90 -27.51 33.22
CA ASN C 123 10.93 -26.42 32.25
C ASN C 123 10.38 -26.87 30.90
N ALA C 124 10.62 -28.13 30.50
CA ALA C 124 10.15 -28.62 29.22
C ALA C 124 8.63 -28.71 29.18
N TYR C 125 7.99 -29.03 30.30
CA TYR C 125 6.53 -29.05 30.34
C TYR C 125 5.97 -27.66 30.03
N VAL C 126 6.53 -26.63 30.68
CA VAL C 126 6.08 -25.26 30.44
C VAL C 126 6.38 -24.84 29.01
N LEU C 127 7.53 -25.26 28.48
CA LEU C 127 7.87 -24.95 27.10
C LEU C 127 6.88 -25.57 26.13
N TYR C 128 6.48 -26.81 26.38
CA TYR C 128 5.50 -27.47 25.52
C TYR C 128 4.15 -26.77 25.58
N TYR C 129 3.71 -26.40 26.79
CA TYR C 129 2.43 -25.69 26.92
C TYR C 129 2.49 -24.35 26.21
N LEU C 130 3.59 -23.61 26.36
CA LEU C 130 3.75 -22.33 25.68
C LEU C 130 3.76 -22.51 24.18
N ALA C 131 4.41 -23.56 23.69
CA ALA C 131 4.43 -23.83 22.25
C ALA C 131 3.02 -24.10 21.73
N ILE C 132 2.25 -24.91 22.46
CA ILE C 132 0.88 -25.20 22.04
C ILE C 132 0.05 -23.93 21.99
N VAL C 133 0.13 -23.12 23.05
CA VAL C 133 -0.67 -21.89 23.12
C VAL C 133 -0.29 -20.93 22.00
N GLY C 134 1.02 -20.75 21.79
CA GLY C 134 1.48 -19.83 20.76
C GLY C 134 1.10 -20.28 19.37
N HIS C 135 1.23 -21.59 19.09
CA HIS C 135 0.85 -22.09 17.78
C HIS C 135 -0.65 -21.96 17.55
N SER C 136 -1.47 -22.22 18.58
CA SER C 136 -2.91 -22.04 18.42
C SER C 136 -3.26 -20.57 18.14
N LEU C 137 -2.64 -19.65 18.90
CA LEU C 137 -2.91 -18.24 18.68
C LEU C 137 -2.46 -17.79 17.29
N SER C 138 -1.31 -18.27 16.84
CA SER C 138 -0.82 -17.95 15.50
C SER C 138 -1.77 -18.50 14.44
N ILE C 139 -2.27 -19.72 14.63
CA ILE C 139 -3.24 -20.29 13.70
C ILE C 139 -4.47 -19.41 13.61
N PHE C 140 -5.02 -19.02 14.76
CA PHE C 140 -6.24 -18.21 14.78
C PHE C 140 -6.01 -16.88 14.08
N THR C 141 -4.97 -16.14 14.48
CA THR C 141 -4.73 -14.83 13.92
C THR C 141 -4.42 -14.89 12.43
N LEU C 142 -3.62 -15.88 12.01
CA LEU C 142 -3.23 -15.98 10.62
C LEU C 142 -4.40 -16.39 9.74
N VAL C 143 -5.27 -17.28 10.24
CA VAL C 143 -6.46 -17.66 9.48
C VAL C 143 -7.37 -16.46 9.30
N ILE C 144 -7.58 -15.68 10.37
CA ILE C 144 -8.41 -14.49 10.24
C ILE C 144 -7.80 -13.49 9.28
N SER C 145 -6.47 -13.30 9.35
CA SER C 145 -5.81 -12.37 8.45
C SER C 145 -5.92 -12.81 7.00
N LEU C 146 -5.76 -14.11 6.74
CA LEU C 146 -5.90 -14.61 5.37
C LEU C 146 -7.32 -14.46 4.87
N GLY C 147 -8.31 -14.70 5.74
CA GLY C 147 -9.69 -14.49 5.34
C GLY C 147 -9.97 -13.03 5.00
N ILE C 148 -9.44 -12.12 5.81
CA ILE C 148 -9.60 -10.69 5.53
C ILE C 148 -8.94 -10.32 4.20
N PHE C 149 -7.73 -10.84 3.97
CA PHE C 149 -7.02 -10.55 2.73
C PHE C 149 -7.78 -11.07 1.51
N VAL C 150 -8.35 -12.27 1.60
CA VAL C 150 -9.07 -12.84 0.47
C VAL C 150 -10.38 -12.09 0.24
N PHE C 151 -11.10 -11.77 1.32
CA PHE C 151 -12.41 -11.13 1.19
C PHE C 151 -12.29 -9.75 0.55
N PHE C 152 -11.28 -8.98 0.95
CA PHE C 152 -11.08 -7.63 0.44
C PHE C 152 -10.28 -7.71 -0.86
N ARG C 153 -10.95 -7.52 -1.99
CA ARG C 153 -10.29 -7.58 -3.28
C ARG C 153 -9.57 -6.29 -3.66
N SER C 154 -9.86 -5.19 -2.97
CA SER C 154 -9.26 -3.91 -3.32
C SER C 154 -7.78 -3.84 -2.93
N LEU C 155 -7.32 -4.74 -2.07
CA LEU C 155 -5.93 -4.74 -1.63
C LEU C 155 -5.02 -5.56 -2.51
N GLY C 156 -5.55 -6.24 -3.52
CA GLY C 156 -4.79 -7.18 -4.32
C GLY C 156 -3.57 -6.61 -5.00
N CYS C 157 -2.41 -7.26 -4.80
CA CYS C 157 -1.16 -6.88 -5.44
C CYS C 157 -0.13 -8.00 -5.28
N GLN C 158 1.07 -7.80 -5.83
CA GLN C 158 2.11 -8.82 -5.69
C GLN C 158 2.51 -9.01 -4.24
N ARG C 159 2.66 -7.91 -3.50
CA ARG C 159 2.98 -8.01 -2.08
C ARG C 159 1.90 -8.74 -1.31
N VAL C 160 0.63 -8.47 -1.63
CA VAL C 160 -0.47 -9.15 -0.96
C VAL C 160 -0.48 -10.63 -1.31
N THR C 161 -0.17 -10.97 -2.57
CA THR C 161 -0.11 -12.37 -2.96
C THR C 161 1.00 -13.12 -2.21
N LEU C 162 2.18 -12.49 -2.10
CA LEU C 162 3.26 -13.11 -1.34
C LEU C 162 2.92 -13.23 0.14
N HIS C 163 2.22 -12.22 0.68
CA HIS C 163 1.77 -12.30 2.06
C HIS C 163 0.79 -13.44 2.25
N LYS C 164 -0.12 -13.63 1.30
CA LYS C 164 -1.08 -14.73 1.38
C LYS C 164 -0.37 -16.08 1.35
N ASN C 165 0.62 -16.23 0.47
CA ASN C 165 1.39 -17.47 0.43
C ASN C 165 2.14 -17.71 1.74
N MET C 166 2.75 -16.65 2.28
CA MET C 166 3.48 -16.75 3.54
C MET C 166 2.55 -17.14 4.69
N PHE C 167 1.36 -16.53 4.73
CA PHE C 167 0.38 -16.88 5.75
C PHE C 167 -0.07 -18.33 5.61
N LEU C 168 -0.28 -18.78 4.38
CA LEU C 168 -0.72 -20.16 4.15
C LEU C 168 0.32 -21.15 4.63
N THR C 169 1.60 -20.90 4.30
CA THR C 169 2.64 -21.84 4.73
C THR C 169 2.84 -21.78 6.25
N TYR C 170 2.74 -20.59 6.85
CA TYR C 170 2.70 -20.50 8.30
C TYR C 170 1.60 -21.36 8.89
N ILE C 171 0.39 -21.25 8.35
CA ILE C 171 -0.78 -21.92 8.92
C ILE C 171 -0.62 -23.44 8.81
N LEU C 172 -0.20 -23.92 7.65
CA LEU C 172 -0.04 -25.36 7.46
C LEU C 172 1.08 -25.91 8.34
N ASN C 173 2.20 -25.18 8.43
CA ASN C 173 3.29 -25.61 9.30
C ASN C 173 2.84 -25.64 10.76
N SER C 174 2.04 -24.66 11.18
CA SER C 174 1.55 -24.65 12.55
C SER C 174 0.62 -25.81 12.83
N MET C 175 -0.27 -26.14 11.88
CA MET C 175 -1.11 -27.32 12.08
C MET C 175 -0.27 -28.58 12.18
N ILE C 176 0.75 -28.70 11.34
CA ILE C 176 1.60 -29.88 11.36
C ILE C 176 2.33 -29.99 12.69
N ILE C 177 2.86 -28.87 13.18
CA ILE C 177 3.55 -28.87 14.48
C ILE C 177 2.60 -29.27 15.60
N ILE C 178 1.38 -28.72 15.60
CA ILE C 178 0.42 -29.03 16.64
C ILE C 178 0.06 -30.52 16.61
N ILE C 179 -0.19 -31.05 15.41
CA ILE C 179 -0.57 -32.45 15.27
C ILE C 179 0.56 -33.36 15.75
N HIS C 180 1.80 -33.02 15.38
CA HIS C 180 2.94 -33.80 15.87
C HIS C 180 3.08 -33.69 17.38
N LEU C 181 2.68 -32.56 17.95
CA LEU C 181 2.84 -32.36 19.39
C LEU C 181 1.79 -33.14 20.18
N VAL C 182 0.57 -33.23 19.68
CA VAL C 182 -0.52 -33.75 20.50
C VAL C 182 -0.77 -35.25 20.30
N GLU C 183 -0.54 -35.78 19.09
CA GLU C 183 -0.89 -37.17 18.81
C GLU C 183 0.32 -38.00 18.35
N VAL C 184 1.54 -37.52 18.55
CA VAL C 184 2.75 -38.26 18.22
C VAL C 184 3.67 -38.39 19.43
N VAL C 185 4.01 -37.26 20.05
CA VAL C 185 4.90 -37.29 21.22
C VAL C 185 4.29 -38.05 22.40
N PRO C 186 3.03 -37.80 22.82
CA PRO C 186 2.52 -38.48 24.02
C PRO C 186 2.45 -40.00 23.87
N ASN C 187 1.77 -40.48 22.83
CA ASN C 187 1.57 -41.91 22.62
C ASN C 187 2.76 -42.47 21.84
N GLY C 188 3.36 -43.53 22.37
CA GLY C 188 4.46 -44.20 21.70
C GLY C 188 4.10 -45.53 21.07
N GLU C 189 2.88 -46.02 21.29
CA GLU C 189 2.47 -47.29 20.72
C GLU C 189 2.45 -47.23 19.19
N LEU C 190 2.08 -46.08 18.64
CA LEU C 190 2.16 -45.90 17.20
C LEU C 190 3.60 -45.98 16.71
N VAL C 191 4.54 -45.42 17.49
CA VAL C 191 5.95 -45.51 17.14
C VAL C 191 6.42 -46.95 17.16
N ARG C 192 6.01 -47.71 18.18
CA ARG C 192 6.40 -49.12 18.24
C ARG C 192 5.75 -49.93 17.12
N ARG C 193 4.59 -49.51 16.63
CA ARG C 193 3.98 -50.20 15.49
C ARG C 193 4.84 -50.03 14.24
N ASP C 194 5.46 -48.87 14.07
CA ASP C 194 6.31 -48.52 12.95
C ASP C 194 5.54 -48.58 11.62
N PRO C 195 4.58 -47.69 11.39
CA PRO C 195 3.93 -47.63 10.08
C PRO C 195 4.63 -46.64 9.16
N VAL C 196 4.36 -46.80 7.85
CA VAL C 196 4.91 -45.87 6.88
C VAL C 196 4.19 -44.53 6.94
N SER C 197 3.01 -44.48 7.56
CA SER C 197 2.28 -43.22 7.67
C SER C 197 3.05 -42.22 8.51
N CYS C 198 3.72 -42.68 9.57
CA CYS C 198 4.54 -41.79 10.40
C CYS C 198 5.69 -41.22 9.59
N LYS C 199 6.33 -42.05 8.76
CA LYS C 199 7.40 -41.56 7.91
C LYS C 199 6.89 -40.52 6.90
N ILE C 200 5.70 -40.77 6.34
CA ILE C 200 5.11 -39.81 5.40
C ILE C 200 4.83 -38.49 6.12
N LEU C 201 4.30 -38.57 7.35
CA LEU C 201 4.01 -37.36 8.11
C LEU C 201 5.29 -36.59 8.43
N HIS C 202 6.36 -37.31 8.78
CA HIS C 202 7.64 -36.65 9.05
C HIS C 202 8.19 -35.98 7.79
N PHE C 203 8.06 -36.65 6.64
CA PHE C 203 8.48 -36.06 5.38
C PHE C 203 7.69 -34.77 5.10
N PHE C 204 6.37 -34.82 5.29
CA PHE C 204 5.56 -33.63 5.08
C PHE C 204 5.94 -32.51 6.04
N HIS C 205 6.21 -32.86 7.29
CA HIS C 205 6.62 -31.85 8.28
C HIS C 205 7.91 -31.16 7.86
N GLN C 206 8.92 -31.94 7.50
CA GLN C 206 10.20 -31.35 7.09
C GLN C 206 10.03 -30.51 5.83
N TYR C 207 9.27 -31.02 4.86
CA TYR C 207 9.05 -30.28 3.62
C TYR C 207 8.36 -28.95 3.89
N MET C 208 7.36 -28.95 4.78
CA MET C 208 6.60 -27.73 4.99
C MET C 208 7.38 -26.72 5.84
N MET C 209 8.20 -27.21 6.76
CA MET C 209 9.09 -26.31 7.49
C MET C 209 10.10 -25.64 6.55
N ALA C 210 10.67 -26.45 5.63
CA ALA C 210 11.57 -25.88 4.63
C ALA C 210 10.84 -24.88 3.74
N CYS C 211 9.60 -25.18 3.37
CA CYS C 211 8.81 -24.25 2.57
C CYS C 211 8.58 -22.94 3.31
N ASN C 212 8.27 -23.01 4.60
CA ASN C 212 8.05 -21.80 5.37
C ASN C 212 9.31 -20.94 5.44
N TYR C 213 10.45 -21.57 5.70
CA TYR C 213 11.69 -20.80 5.76
C TYR C 213 12.07 -20.23 4.39
N PHE C 214 11.86 -20.99 3.32
CA PHE C 214 12.18 -20.49 2.00
C PHE C 214 11.20 -19.40 1.56
N TRP C 215 9.96 -19.42 2.06
CA TRP C 215 9.05 -18.33 1.79
C TRP C 215 9.41 -17.08 2.58
N MET C 216 9.94 -17.24 3.80
CA MET C 216 10.55 -16.12 4.49
C MET C 216 11.66 -15.51 3.64
N LEU C 217 12.52 -16.36 3.08
CA LEU C 217 13.58 -15.90 2.20
C LEU C 217 13.00 -15.20 0.97
N CYS C 218 11.92 -15.73 0.41
CA CYS C 218 11.30 -15.12 -0.77
C CYS C 218 10.74 -13.74 -0.45
N GLU C 219 10.11 -13.59 0.72
CA GLU C 219 9.62 -12.28 1.13
C GLU C 219 10.77 -11.29 1.29
N GLY C 220 11.87 -11.73 1.91
CA GLY C 220 13.03 -10.87 2.02
C GLY C 220 13.60 -10.47 0.68
N ILE C 221 13.69 -11.43 -0.25
CA ILE C 221 14.20 -11.15 -1.59
C ILE C 221 13.29 -10.16 -2.31
N TYR C 222 11.97 -10.33 -2.19
CA TYR C 222 11.04 -9.41 -2.83
C TYR C 222 11.18 -8.01 -2.26
N LEU C 223 11.31 -7.89 -0.94
CA LEU C 223 11.50 -6.57 -0.33
C LEU C 223 12.79 -5.93 -0.82
N HIS C 224 13.88 -6.69 -0.84
CA HIS C 224 15.17 -6.14 -1.29
C HIS C 224 15.10 -5.73 -2.75
N THR C 225 14.44 -6.52 -3.59
CA THR C 225 14.33 -6.18 -5.00
C THR C 225 13.48 -4.93 -5.21
N LEU C 226 12.40 -4.80 -4.44
CA LEU C 226 11.57 -3.60 -4.53
C LEU C 226 12.33 -2.36 -4.10
N ILE C 227 13.13 -2.48 -3.04
CA ILE C 227 13.74 -1.29 -2.45
C ILE C 227 15.02 -0.86 -3.17
N VAL C 228 15.91 -1.80 -3.49
CA VAL C 228 17.26 -1.40 -3.88
C VAL C 228 17.54 -1.57 -5.36
N VAL C 229 17.50 -2.82 -5.85
CA VAL C 229 18.02 -3.09 -7.19
C VAL C 229 17.07 -2.58 -8.28
N ALA C 230 15.76 -2.81 -8.11
CA ALA C 230 14.78 -2.42 -9.10
C ALA C 230 13.74 -1.51 -8.45
N VAL C 231 13.59 -0.30 -8.99
CA VAL C 231 12.69 0.69 -8.44
C VAL C 231 11.61 1.09 -9.44
N PHE C 232 11.98 1.30 -10.70
CA PHE C 232 11.02 1.83 -11.67
C PHE C 232 10.00 0.77 -12.09
N THR C 233 10.49 -0.38 -12.56
CA THR C 233 9.58 -1.44 -12.99
C THR C 233 8.80 -1.99 -11.80
N GLU C 234 7.49 -2.17 -11.99
CA GLU C 234 6.61 -2.64 -10.94
C GLU C 234 6.16 -4.08 -11.12
N LYS C 235 5.86 -4.48 -12.35
CA LYS C 235 5.38 -5.83 -12.61
C LYS C 235 6.55 -6.82 -12.52
N GLN C 236 6.38 -7.87 -11.73
CA GLN C 236 7.38 -8.91 -11.57
C GLN C 236 6.73 -10.26 -11.80
N ARG C 237 7.47 -11.16 -12.45
CA ARG C 237 7.00 -12.52 -12.70
C ARG C 237 7.17 -13.33 -11.42
N LEU C 238 6.04 -13.71 -10.81
CA LEU C 238 6.05 -14.42 -9.53
C LEU C 238 6.30 -15.91 -9.70
N ARG C 239 6.55 -16.40 -10.91
CA ARG C 239 6.81 -17.83 -11.10
C ARG C 239 8.08 -18.25 -10.38
N TRP C 240 9.12 -17.41 -10.39
CA TRP C 240 10.34 -17.73 -9.66
C TRP C 240 10.08 -17.80 -8.17
N TYR C 241 9.28 -16.87 -7.64
CA TYR C 241 8.94 -16.90 -6.22
C TYR C 241 8.16 -18.15 -5.87
N TYR C 242 7.21 -18.54 -6.70
CA TYR C 242 6.46 -19.77 -6.45
C TYR C 242 7.36 -20.99 -6.48
N LEU C 243 8.29 -21.04 -7.45
CA LEU C 243 9.18 -22.19 -7.56
C LEU C 243 10.12 -22.28 -6.38
N LEU C 244 10.63 -21.14 -5.91
CA LEU C 244 11.56 -21.16 -4.78
C LEU C 244 10.82 -21.48 -3.48
N GLY C 245 9.62 -20.92 -3.29
CA GLY C 245 8.89 -21.16 -2.06
C GLY C 245 8.42 -22.59 -1.91
N TRP C 246 7.91 -23.19 -2.99
CA TRP C 246 7.30 -24.51 -2.93
C TRP C 246 8.10 -25.60 -3.63
N GLY C 247 8.73 -25.30 -4.76
CA GLY C 247 9.38 -26.33 -5.55
C GLY C 247 10.73 -26.76 -5.03
N PHE C 248 11.61 -25.80 -4.79
CA PHE C 248 12.97 -26.13 -4.34
C PHE C 248 13.01 -26.90 -3.02
N PRO C 249 12.22 -26.56 -1.97
CA PRO C 249 12.33 -27.30 -0.70
C PRO C 249 12.14 -28.81 -0.82
N LEU C 250 11.61 -29.26 -1.97
CA LEU C 250 11.51 -30.69 -2.21
C LEU C 250 12.87 -31.37 -2.27
N VAL C 251 13.86 -30.73 -2.90
CA VAL C 251 15.17 -31.34 -3.13
C VAL C 251 15.87 -31.65 -1.81
N PRO C 252 16.03 -30.68 -0.87
CA PRO C 252 16.68 -31.03 0.41
C PRO C 252 15.94 -32.12 1.16
N THR C 253 14.61 -32.03 1.16
CA THR C 253 13.80 -33.01 1.88
C THR C 253 13.92 -34.40 1.24
N THR C 254 13.87 -34.46 -0.08
CA THR C 254 14.01 -35.74 -0.77
C THR C 254 15.39 -36.34 -0.52
N ILE C 255 16.43 -35.52 -0.59
CA ILE C 255 17.79 -36.01 -0.35
C ILE C 255 17.94 -36.53 1.08
N HIS C 256 17.39 -35.79 2.05
CA HIS C 256 17.46 -36.22 3.44
C HIS C 256 16.70 -37.52 3.64
N ALA C 257 15.52 -37.64 3.03
CA ALA C 257 14.75 -38.87 3.15
C ALA C 257 15.49 -40.06 2.57
N ILE C 258 16.12 -39.87 1.40
CA ILE C 258 16.89 -40.95 0.78
C ILE C 258 18.06 -41.35 1.68
N THR C 259 18.78 -40.35 2.20
CA THR C 259 19.93 -40.65 3.05
C THR C 259 19.52 -41.38 4.32
N ARG C 260 18.40 -40.96 4.93
CA ARG C 260 17.91 -41.65 6.12
C ARG C 260 17.48 -43.08 5.80
N ALA C 261 16.79 -43.27 4.67
CA ALA C 261 16.38 -44.61 4.29
C ALA C 261 17.57 -45.50 3.94
N VAL C 262 18.70 -44.92 3.57
CA VAL C 262 19.87 -45.70 3.18
C VAL C 262 20.70 -46.10 4.41
N TYR C 263 20.97 -45.16 5.31
CA TYR C 263 21.92 -45.36 6.39
C TYR C 263 21.24 -45.46 7.76
N PHE C 264 20.47 -44.46 8.13
CA PHE C 264 19.90 -44.34 9.47
C PHE C 264 18.40 -44.58 9.38
N ASN C 265 18.01 -45.86 9.37
CA ASN C 265 16.61 -46.25 9.21
C ASN C 265 16.01 -46.63 10.57
N ASP C 266 15.67 -45.60 11.33
CA ASP C 266 15.03 -45.79 12.62
C ASP C 266 13.53 -46.03 12.45
N ASN C 267 12.81 -46.02 13.57
CA ASN C 267 11.38 -46.35 13.54
C ASN C 267 10.58 -45.36 12.71
N CYS C 268 10.67 -44.07 13.04
CA CYS C 268 9.82 -43.06 12.43
C CYS C 268 10.59 -41.80 12.05
N TRP C 269 11.91 -41.90 11.89
CA TRP C 269 12.76 -40.75 11.54
C TRP C 269 12.66 -39.62 12.56
N LEU C 270 12.26 -39.94 13.80
CA LEU C 270 12.13 -38.92 14.84
C LEU C 270 13.43 -38.67 15.59
N SER C 271 14.45 -39.48 15.38
CA SER C 271 15.70 -39.31 16.10
C SER C 271 16.41 -38.03 15.66
N VAL C 272 16.86 -37.24 16.63
CA VAL C 272 17.59 -36.02 16.36
C VAL C 272 19.09 -36.16 16.61
N GLU C 273 19.55 -37.35 17.02
CA GLU C 273 20.97 -37.58 17.21
C GLU C 273 21.75 -37.63 15.90
N THR C 274 21.05 -37.71 14.77
CA THR C 274 21.71 -37.80 13.49
C THR C 274 22.36 -36.48 13.11
N HIS C 275 23.51 -36.55 12.45
CA HIS C 275 24.08 -35.37 11.80
C HIS C 275 23.43 -35.10 10.45
N LEU C 276 22.58 -36.01 9.97
CA LEU C 276 21.90 -35.83 8.69
C LEU C 276 20.77 -34.80 8.76
N LEU C 277 20.39 -34.36 9.96
CA LEU C 277 19.37 -33.32 10.08
C LEU C 277 19.86 -31.98 9.53
N TYR C 278 21.17 -31.80 9.43
CA TYR C 278 21.72 -30.58 8.85
C TYR C 278 21.44 -30.50 7.34
N ILE C 279 20.99 -31.59 6.73
CA ILE C 279 20.62 -31.55 5.32
C ILE C 279 19.42 -30.62 5.12
N ILE C 280 18.45 -30.68 6.04
CA ILE C 280 17.30 -29.79 5.95
C ILE C 280 17.56 -28.51 6.75
N HIS C 281 18.21 -28.63 7.91
CA HIS C 281 18.40 -27.46 8.77
C HIS C 281 19.53 -26.58 8.28
N GLY C 282 20.37 -27.09 7.38
CA GLY C 282 21.51 -26.35 6.87
C GLY C 282 21.14 -25.18 5.97
N PRO C 283 20.53 -25.47 4.82
CA PRO C 283 20.19 -24.38 3.88
C PRO C 283 19.27 -23.33 4.47
N VAL C 284 18.46 -23.71 5.47
CA VAL C 284 17.60 -22.74 6.14
C VAL C 284 18.45 -21.66 6.79
N MET C 285 19.56 -22.05 7.42
CA MET C 285 20.45 -21.07 8.05
C MET C 285 21.04 -20.13 7.01
N ALA C 286 21.44 -20.65 5.85
CA ALA C 286 21.96 -19.80 4.79
C ALA C 286 20.91 -18.82 4.28
N ALA C 287 19.67 -19.30 4.11
CA ALA C 287 18.59 -18.42 3.68
C ALA C 287 18.34 -17.31 4.69
N LEU C 288 18.36 -17.66 5.98
CA LEU C 288 18.13 -16.66 7.02
C LEU C 288 19.29 -15.67 7.11
N VAL C 289 20.52 -16.13 6.86
CA VAL C 289 21.66 -15.21 6.83
C VAL C 289 21.53 -14.23 5.67
N VAL C 290 21.09 -14.74 4.50
CA VAL C 290 20.85 -13.86 3.36
C VAL C 290 19.75 -12.84 3.70
N ASN C 291 18.70 -13.30 4.39
CA ASN C 291 17.64 -12.40 4.82
C ASN C 291 18.17 -11.32 5.77
N PHE C 292 19.05 -11.71 6.70
CA PHE C 292 19.63 -10.75 7.62
C PHE C 292 20.47 -9.71 6.89
N PHE C 293 21.26 -10.16 5.90
CA PHE C 293 22.06 -9.21 5.11
C PHE C 293 21.16 -8.26 4.32
N PHE C 294 20.07 -8.77 3.75
CA PHE C 294 19.12 -7.90 3.05
C PHE C 294 18.49 -6.89 4.01
N LEU C 295 18.18 -7.33 5.23
CA LEU C 295 17.66 -6.40 6.23
C LEU C 295 18.68 -5.33 6.57
N LEU C 296 19.95 -5.70 6.68
CA LEU C 296 20.99 -4.72 6.96
C LEU C 296 21.08 -3.70 5.82
N ASN C 297 21.01 -4.17 4.58
CA ASN C 297 21.06 -3.24 3.44
C ASN C 297 19.85 -2.31 3.45
N ILE C 298 18.66 -2.84 3.74
CA ILE C 298 17.46 -2.01 3.77
C ILE C 298 17.56 -0.97 4.88
N VAL C 299 18.08 -1.37 6.04
CA VAL C 299 18.26 -0.43 7.15
C VAL C 299 19.25 0.66 6.77
N ARG C 300 20.33 0.29 6.09
CA ARG C 300 21.30 1.29 5.63
C ARG C 300 20.65 2.28 4.68
N VAL C 301 19.84 1.78 3.74
CA VAL C 301 19.17 2.66 2.79
C VAL C 301 18.21 3.61 3.50
N LEU C 302 17.45 3.07 4.46
CA LEU C 302 16.50 3.92 5.19
C LEU C 302 17.23 4.97 6.02
N VAL C 303 18.34 4.60 6.65
CA VAL C 303 19.11 5.56 7.43
C VAL C 303 19.68 6.65 6.54
N THR C 304 20.19 6.28 5.36
CA THR C 304 20.69 7.27 4.43
C THR C 304 19.59 8.23 3.98
N LYS C 305 18.41 7.68 3.69
CA LYS C 305 17.29 8.53 3.28
C LYS C 305 16.88 9.49 4.39
N MET C 306 16.82 9.01 5.63
CA MET C 306 16.43 9.88 6.74
C MET C 306 17.50 10.93 7.02
N ARG C 307 18.77 10.57 6.84
CA ARG C 307 19.84 11.56 6.97
C ARG C 307 19.71 12.64 5.90
N GLU C 308 19.38 12.25 4.67
CA GLU C 308 19.12 13.23 3.63
C GLU C 308 17.89 14.07 3.95
N THR C 309 16.92 13.50 4.68
CA THR C 309 15.72 14.22 5.07
C THR C 309 15.99 15.28 6.13
N HIS C 310 17.16 15.26 6.75
CA HIS C 310 17.52 16.20 7.82
C HIS C 310 16.58 16.06 9.02
N GLU C 311 16.51 14.83 9.53
CA GLU C 311 15.68 14.51 10.68
C GLU C 311 16.50 14.60 11.97
N ALA C 312 15.79 14.68 13.09
CA ALA C 312 16.44 14.73 14.39
C ALA C 312 17.14 13.40 14.67
N GLU C 313 18.29 13.48 15.35
CA GLU C 313 19.09 12.29 15.61
C GLU C 313 18.33 11.29 16.49
N SER C 314 17.70 11.78 17.55
CA SER C 314 16.91 10.90 18.41
C SER C 314 15.72 10.32 17.66
N HIS C 315 15.02 11.14 16.88
CA HIS C 315 13.91 10.65 16.09
C HIS C 315 14.38 9.63 15.05
N MET C 316 15.53 9.90 14.41
CA MET C 316 16.08 8.95 13.44
C MET C 316 16.41 7.62 14.10
N TYR C 317 17.04 7.66 15.28
CA TYR C 317 17.36 6.42 15.99
C TYR C 317 16.10 5.66 16.36
N LEU C 318 15.09 6.37 16.88
CA LEU C 318 13.85 5.71 17.29
C LEU C 318 13.15 5.08 16.08
N LYS C 319 13.11 5.79 14.95
CA LYS C 319 12.45 5.25 13.77
C LYS C 319 13.23 4.07 13.18
N ALA C 320 14.56 4.12 13.22
CA ALA C 320 15.35 2.99 12.76
C ALA C 320 15.11 1.77 13.64
N VAL C 321 15.05 1.97 14.96
CA VAL C 321 14.78 0.86 15.87
C VAL C 321 13.39 0.28 15.59
N LYS C 322 12.39 1.16 15.39
CA LYS C 322 11.05 0.68 15.09
C LYS C 322 11.00 -0.11 13.79
N ALA C 323 11.69 0.37 12.75
CA ALA C 323 11.71 -0.33 11.48
C ALA C 323 12.38 -1.70 11.61
N THR C 324 13.50 -1.76 12.35
CA THR C 324 14.18 -3.03 12.56
C THR C 324 13.29 -4.01 13.33
N MET C 325 12.61 -3.52 14.37
CA MET C 325 11.70 -4.37 15.13
C MET C 325 10.56 -4.87 14.26
N ILE C 326 10.05 -4.02 13.36
CA ILE C 326 8.97 -4.43 12.46
C ILE C 326 9.47 -5.51 11.50
N LEU C 327 10.67 -5.32 10.96
CA LEU C 327 11.16 -6.23 9.92
C LEU C 327 11.76 -7.52 10.47
N VAL C 328 12.06 -7.59 11.76
CA VAL C 328 12.65 -8.81 12.33
C VAL C 328 11.73 -10.02 12.19
N PRO C 329 10.47 -9.97 12.62
CA PRO C 329 9.64 -11.18 12.55
C PRO C 329 9.41 -11.69 11.13
N LEU C 330 9.29 -10.79 10.15
CA LEU C 330 8.99 -11.20 8.79
C LEU C 330 10.14 -11.99 8.19
N LEU C 331 11.37 -11.56 8.42
CA LEU C 331 12.55 -12.17 7.81
C LEU C 331 13.19 -13.25 8.67
N GLY C 332 12.65 -13.52 9.85
CA GLY C 332 13.21 -14.55 10.71
C GLY C 332 14.61 -14.24 11.21
N ILE C 333 14.85 -13.00 11.63
CA ILE C 333 16.17 -12.60 12.13
C ILE C 333 16.46 -13.19 13.50
N GLN C 334 15.43 -13.62 14.23
CA GLN C 334 15.65 -14.17 15.57
C GLN C 334 16.54 -15.41 15.53
N PHE C 335 16.37 -16.25 14.51
CA PHE C 335 17.20 -17.44 14.39
C PHE C 335 18.66 -17.06 14.19
N VAL C 336 18.93 -16.05 13.36
CA VAL C 336 20.30 -15.63 13.10
C VAL C 336 20.91 -15.00 14.35
N VAL C 337 20.12 -14.21 15.08
CA VAL C 337 20.66 -13.49 16.24
C VAL C 337 21.08 -14.47 17.33
N PHE C 338 20.31 -15.52 17.56
CA PHE C 338 20.61 -16.52 18.59
C PHE C 338 20.61 -17.91 17.97
N PRO C 339 21.66 -18.24 17.21
CA PRO C 339 21.71 -19.55 16.54
C PRO C 339 21.90 -20.71 17.51
N TRP C 340 22.88 -20.61 18.40
CA TRP C 340 23.30 -21.73 19.24
C TRP C 340 22.76 -21.59 20.67
N ARG C 341 22.73 -22.72 21.37
CA ARG C 341 22.29 -22.81 22.75
C ARG C 341 23.48 -22.64 23.69
N PRO C 342 23.44 -21.68 24.62
CA PRO C 342 24.57 -21.50 25.54
C PRO C 342 24.77 -22.72 26.44
N SER C 343 26.04 -22.95 26.80
CA SER C 343 26.38 -24.09 27.64
C SER C 343 25.97 -23.86 29.09
N ASN C 344 25.96 -22.59 29.53
CA ASN C 344 25.60 -22.28 30.90
C ASN C 344 24.15 -22.66 31.19
N LYS C 345 23.90 -23.17 32.39
CA LYS C 345 22.57 -23.66 32.72
C LYS C 345 21.56 -22.53 32.83
N MET C 346 21.90 -21.47 33.57
CA MET C 346 20.98 -20.35 33.74
C MET C 346 20.81 -19.58 32.43
N LEU C 347 21.93 -19.25 31.78
CA LEU C 347 21.86 -18.55 30.50
C LEU C 347 21.20 -19.43 29.44
N GLY C 348 21.47 -20.73 29.47
CA GLY C 348 20.80 -21.64 28.56
C GLY C 348 19.30 -21.70 28.77
N LYS C 349 18.86 -21.70 30.03
CA LYS C 349 17.43 -21.69 30.33
C LYS C 349 16.77 -20.41 29.85
N ILE C 350 17.43 -19.27 30.09
CA ILE C 350 16.89 -17.99 29.63
C ILE C 350 16.80 -17.97 28.11
N TYR C 351 17.84 -18.45 27.44
CA TYR C 351 17.84 -18.51 25.98
C TYR C 351 16.72 -19.42 25.47
N ASP C 352 16.53 -20.57 26.12
CA ASP C 352 15.47 -21.48 25.70
C ASP C 352 14.10 -20.83 25.83
N TYR C 353 13.85 -20.19 26.97
CA TYR C 353 12.56 -19.53 27.16
C TYR C 353 12.33 -18.44 26.12
N VAL C 354 13.32 -17.55 25.94
CA VAL C 354 13.17 -16.44 25.01
C VAL C 354 12.99 -16.95 23.59
N MET C 355 13.79 -17.92 23.17
CA MET C 355 13.73 -18.41 21.81
C MET C 355 12.43 -19.15 21.53
N HIS C 356 11.94 -19.93 22.51
CA HIS C 356 10.65 -20.60 22.32
C HIS C 356 9.54 -19.57 22.22
N SER C 357 9.57 -18.54 23.06
CA SER C 357 8.55 -17.49 22.99
C SER C 357 8.58 -16.79 21.64
N LEU C 358 9.78 -16.52 21.12
CA LEU C 358 9.88 -15.84 19.83
C LEU C 358 9.43 -16.74 18.68
N ILE C 359 9.84 -18.01 18.69
CA ILE C 359 9.56 -18.90 17.58
C ILE C 359 8.07 -19.23 17.52
N HIS C 360 7.48 -19.59 18.67
CA HIS C 360 6.09 -20.03 18.67
C HIS C 360 5.10 -18.89 18.51
N PHE C 361 5.56 -17.64 18.51
CA PHE C 361 4.69 -16.48 18.30
C PHE C 361 5.05 -15.70 17.04
N GLN C 362 5.95 -16.22 16.20
CA GLN C 362 6.38 -15.49 15.02
C GLN C 362 5.22 -15.26 14.05
N GLY C 363 4.41 -16.30 13.82
CA GLY C 363 3.27 -16.15 12.94
C GLY C 363 2.25 -15.15 13.47
N PHE C 364 1.99 -15.19 14.78
CA PHE C 364 1.09 -14.22 15.38
C PHE C 364 1.62 -12.80 15.23
N PHE C 365 2.93 -12.62 15.46
CA PHE C 365 3.52 -11.29 15.30
C PHE C 365 3.39 -10.80 13.87
N VAL C 366 3.68 -11.67 12.89
CA VAL C 366 3.59 -11.27 11.49
C VAL C 366 2.15 -10.89 11.14
N ALA C 367 1.19 -11.71 11.60
CA ALA C 367 -0.21 -11.42 11.30
C ALA C 367 -0.67 -10.12 11.92
N THR C 368 -0.28 -9.86 13.18
CA THR C 368 -0.75 -8.64 13.84
C THR C 368 -0.01 -7.40 13.36
N ILE C 369 1.17 -7.58 12.76
CA ILE C 369 1.93 -6.42 12.29
C ILE C 369 1.52 -6.05 10.87
N TYR C 370 1.53 -7.02 9.96
CA TYR C 370 1.34 -6.74 8.55
C TYR C 370 -0.11 -6.74 8.11
N CYS C 371 -1.04 -7.17 8.96
CA CYS C 371 -2.46 -7.14 8.62
C CYS C 371 -3.26 -6.21 9.53
N PHE C 372 -3.21 -6.42 10.85
CA PHE C 372 -4.04 -5.63 11.75
C PHE C 372 -3.49 -4.22 11.97
N CYS C 373 -2.16 -4.09 12.05
CA CYS C 373 -1.56 -2.78 12.26
C CYS C 373 -1.39 -1.98 10.98
N ASN C 374 -1.63 -2.58 9.81
CA ASN C 374 -1.51 -1.87 8.55
C ASN C 374 -2.59 -0.80 8.44
N ASN C 375 -2.20 0.38 7.92
CA ASN C 375 -3.13 1.50 7.85
C ASN C 375 -4.17 1.30 6.76
N GLU C 376 -3.74 0.83 5.58
CA GLU C 376 -4.69 0.61 4.49
C GLU C 376 -5.68 -0.49 4.83
N VAL C 377 -5.21 -1.58 5.46
CA VAL C 377 -6.11 -2.64 5.89
C VAL C 377 -7.10 -2.12 6.93
N GLN C 378 -6.63 -1.29 7.87
CA GLN C 378 -7.51 -0.72 8.88
C GLN C 378 -8.56 0.17 8.24
N THR C 379 -8.17 1.00 7.27
CA THR C 379 -9.13 1.87 6.60
C THR C 379 -10.16 1.05 5.83
N THR C 380 -9.72 -0.03 5.16
CA THR C 380 -10.66 -0.89 4.46
C THR C 380 -11.63 -1.55 5.44
N VAL C 381 -11.12 -2.03 6.57
CA VAL C 381 -11.98 -2.66 7.57
C VAL C 381 -13.01 -1.66 8.08
N LYS C 382 -12.59 -0.43 8.35
CA LYS C 382 -13.52 0.60 8.82
C LYS C 382 -14.56 0.94 7.76
N ARG C 383 -14.14 1.02 6.50
CA ARG C 383 -15.07 1.43 5.44
C ARG C 383 -16.12 0.34 5.17
N GLN C 384 -15.68 -0.90 5.00
CA GLN C 384 -16.65 -1.98 4.74
C GLN C 384 -17.46 -2.32 5.99
N TRP C 385 -16.94 -2.03 7.18
CA TRP C 385 -17.72 -2.27 8.39
C TRP C 385 -18.94 -1.35 8.45
N ALA C 386 -18.77 -0.09 8.02
CA ALA C 386 -19.90 0.83 8.01
C ALA C 386 -21.00 0.37 7.07
N GLN C 387 -20.62 -0.23 5.93
CA GLN C 387 -21.61 -0.78 5.02
C GLN C 387 -22.39 -1.91 5.67
N PHE C 388 -21.69 -2.78 6.39
CA PHE C 388 -22.33 -3.90 7.09
C PHE C 388 -23.19 -3.41 8.25
N ASP D 11 -29.94 -16.43 -34.17
CA ASP D 11 -29.75 -17.42 -33.11
C ASP D 11 -29.11 -16.78 -31.88
N GLN D 12 -29.75 -16.98 -30.73
CA GLN D 12 -29.21 -16.43 -29.48
C GLN D 12 -27.88 -17.08 -29.12
N ARG D 13 -27.77 -18.40 -29.35
CA ARG D 13 -26.53 -19.10 -29.04
C ARG D 13 -25.38 -18.60 -29.91
N ASN D 14 -25.65 -18.34 -31.19
CA ASN D 14 -24.60 -17.84 -32.08
C ASN D 14 -24.09 -16.48 -31.63
N GLU D 15 -24.99 -15.61 -31.19
CA GLU D 15 -24.57 -14.29 -30.71
C GLU D 15 -23.74 -14.41 -29.44
N GLU D 16 -24.03 -15.42 -28.61
CA GLU D 16 -23.26 -15.62 -27.38
C GLU D 16 -21.81 -15.93 -27.68
N LYS D 17 -21.56 -16.79 -28.68
CA LYS D 17 -20.19 -17.09 -29.07
C LYS D 17 -19.47 -15.86 -29.60
N ALA D 18 -20.17 -15.06 -30.42
CA ALA D 18 -19.56 -13.85 -30.97
C ALA D 18 -19.21 -12.85 -29.86
N GLN D 19 -20.10 -12.71 -28.87
CA GLN D 19 -19.83 -11.80 -27.76
C GLN D 19 -18.64 -12.29 -26.94
N ARG D 20 -18.54 -13.60 -26.70
CA ARG D 20 -17.47 -14.13 -25.87
C ARG D 20 -16.11 -13.95 -26.54
N GLU D 21 -16.02 -14.24 -27.84
CA GLU D 21 -14.74 -14.12 -28.52
C GLU D 21 -14.32 -12.66 -28.66
N ALA D 22 -15.27 -11.75 -28.83
CA ALA D 22 -14.95 -10.33 -28.87
C ALA D 22 -14.38 -9.86 -27.54
N ASN D 23 -14.97 -10.31 -26.43
CA ASN D 23 -14.44 -9.98 -25.11
C ASN D 23 -13.05 -10.55 -24.91
N LYS D 24 -12.83 -11.80 -25.36
CA LYS D 24 -11.53 -12.42 -25.21
C LYS D 24 -10.46 -11.67 -26.00
N LYS D 25 -10.78 -11.27 -27.23
CA LYS D 25 -9.82 -10.51 -28.03
C LYS D 25 -9.53 -9.15 -27.40
N ILE D 26 -10.56 -8.46 -26.93
CA ILE D 26 -10.38 -7.15 -26.32
C ILE D 26 -9.57 -7.25 -25.03
N GLU D 27 -9.89 -8.26 -24.20
CA GLU D 27 -9.15 -8.44 -22.95
C GLU D 27 -7.68 -8.74 -23.20
N LYS D 28 -7.40 -9.52 -24.26
CA LYS D 28 -6.01 -9.77 -24.63
C LYS D 28 -5.30 -8.49 -25.02
N GLN D 29 -5.97 -7.62 -25.79
CA GLN D 29 -5.37 -6.34 -26.15
C GLN D 29 -5.18 -5.46 -24.92
N LEU D 30 -6.16 -5.46 -24.01
CA LEU D 30 -6.04 -4.65 -22.79
C LEU D 30 -4.88 -5.12 -21.93
N GLN D 31 -4.69 -6.44 -21.82
CA GLN D 31 -3.57 -6.96 -21.05
C GLN D 31 -2.23 -6.53 -21.66
N LYS D 32 -2.13 -6.57 -22.99
CA LYS D 32 -0.90 -6.13 -23.65
C LYS D 32 -0.66 -4.63 -23.42
N ASP D 33 -1.72 -3.83 -23.49
CA ASP D 33 -1.59 -2.39 -23.29
C ASP D 33 -1.32 -2.02 -21.84
N LYS D 34 -1.65 -2.92 -20.90
CA LYS D 34 -1.39 -2.62 -19.49
C LYS D 34 0.11 -2.54 -19.20
N GLN D 35 0.89 -3.41 -19.82
CA GLN D 35 2.34 -3.41 -19.59
C GLN D 35 2.98 -2.10 -20.06
N VAL D 36 2.58 -1.62 -21.23
CA VAL D 36 3.18 -0.41 -21.77
C VAL D 36 2.73 0.82 -20.97
N TYR D 37 1.54 0.74 -20.36
CA TYR D 37 1.06 1.86 -19.55
C TYR D 37 1.82 1.95 -18.22
N ARG D 38 2.07 0.80 -17.59
CA ARG D 38 2.78 0.77 -16.32
C ARG D 38 4.28 0.94 -16.48
N ALA D 39 4.81 0.84 -17.70
CA ALA D 39 6.24 0.97 -17.94
C ALA D 39 6.66 2.40 -18.24
N THR D 40 5.73 3.35 -18.21
CA THR D 40 6.02 4.76 -18.44
C THR D 40 5.62 5.57 -17.22
N HIS D 41 6.34 6.66 -16.99
CA HIS D 41 6.09 7.54 -15.86
C HIS D 41 5.68 8.92 -16.36
N ARG D 42 4.60 9.45 -15.80
CA ARG D 42 4.05 10.73 -16.21
C ARG D 42 4.67 11.86 -15.41
N LEU D 43 4.96 12.97 -16.09
CA LEU D 43 5.48 14.17 -15.45
C LEU D 43 4.73 15.39 -15.96
N LEU D 44 4.45 16.32 -15.06
CA LEU D 44 3.72 17.55 -15.38
C LEU D 44 4.68 18.72 -15.26
N LEU D 45 4.78 19.50 -16.34
CA LEU D 45 5.62 20.70 -16.36
C LEU D 45 4.71 21.90 -16.14
N LEU D 46 4.86 22.54 -14.97
CA LEU D 46 4.06 23.70 -14.59
C LEU D 46 4.92 24.94 -14.47
N GLY D 47 5.82 25.16 -15.43
CA GLY D 47 6.62 26.36 -15.45
C GLY D 47 5.77 27.60 -15.58
N ALA D 48 6.10 28.64 -14.82
CA ALA D 48 5.33 29.88 -14.86
C ALA D 48 5.52 30.57 -16.21
N GLY D 49 4.79 31.67 -16.40
CA GLY D 49 4.92 32.43 -17.63
C GLY D 49 6.32 33.00 -17.76
N GLU D 50 6.80 33.06 -19.02
CA GLU D 50 8.13 33.55 -19.39
C GLU D 50 9.22 33.09 -18.43
N SER D 51 9.12 31.84 -17.97
CA SER D 51 10.08 31.28 -17.03
C SER D 51 11.17 30.45 -17.71
N GLY D 52 11.19 30.41 -19.04
CA GLY D 52 12.17 29.62 -19.75
C GLY D 52 11.92 28.13 -19.73
N LYS D 53 10.68 27.70 -19.47
CA LYS D 53 10.37 26.28 -19.44
C LYS D 53 10.55 25.63 -20.81
N ASN D 54 10.41 26.41 -21.88
CA ASN D 54 10.60 25.87 -23.22
C ASN D 54 12.03 25.39 -23.42
N THR D 55 13.01 26.15 -22.92
CA THR D 55 14.40 25.72 -23.02
C THR D 55 14.67 24.47 -22.16
N ILE D 56 13.95 24.35 -21.03
CA ILE D 56 14.09 23.17 -20.19
C ILE D 56 13.61 21.92 -20.91
N VAL D 57 12.74 22.06 -21.90
CA VAL D 57 12.27 20.92 -22.68
C VAL D 57 13.24 20.56 -23.79
N LYS D 58 13.75 21.57 -24.50
CA LYS D 58 14.58 21.32 -25.67
C LYS D 58 16.02 20.96 -25.32
N GLN D 59 16.44 21.10 -24.07
CA GLN D 59 17.82 20.79 -23.71
C GLN D 59 18.11 19.30 -23.82
N MET D 60 17.09 18.46 -23.73
CA MET D 60 17.24 17.01 -23.80
C MET D 60 18.25 16.48 -22.78
N THR D 204 -4.14 25.13 -32.08
CA THR D 204 -4.88 25.37 -30.85
C THR D 204 -4.80 24.17 -29.92
N SER D 205 -3.65 23.50 -29.91
CA SER D 205 -3.46 22.33 -29.07
C SER D 205 -3.38 22.75 -27.61
N GLY D 206 -4.16 22.07 -26.76
CA GLY D 206 -4.19 22.37 -25.34
C GLY D 206 -3.11 21.70 -24.52
N ILE D 207 -2.33 20.82 -25.12
CA ILE D 207 -1.25 20.13 -24.42
C ILE D 207 -0.19 19.71 -25.44
N PHE D 208 1.05 19.62 -24.99
CA PHE D 208 2.17 19.21 -25.82
C PHE D 208 2.87 18.05 -25.12
N GLU D 209 2.62 16.84 -25.59
CA GLU D 209 3.19 15.64 -25.00
C GLU D 209 4.59 15.40 -25.57
N THR D 210 5.58 15.38 -24.69
CA THR D 210 6.97 15.13 -25.07
C THR D 210 7.43 13.86 -24.38
N LYS D 211 7.95 12.91 -25.17
CA LYS D 211 8.40 11.62 -24.65
C LYS D 211 9.91 11.53 -24.76
N PHE D 212 10.56 11.23 -23.64
CA PHE D 212 12.00 11.04 -23.60
C PHE D 212 12.32 9.83 -22.75
N GLN D 213 13.45 9.19 -23.04
CA GLN D 213 13.87 7.97 -22.37
C GLN D 213 15.26 8.15 -21.81
N VAL D 214 15.44 7.80 -20.53
CA VAL D 214 16.74 7.85 -19.88
C VAL D 214 16.90 6.56 -19.07
N ASP D 215 18.10 5.96 -19.15
CA ASP D 215 18.41 4.71 -18.44
C ASP D 215 17.39 3.62 -18.79
N LYS D 216 17.01 3.56 -20.06
CA LYS D 216 16.05 2.57 -20.56
C LYS D 216 14.71 2.66 -19.84
N VAL D 217 14.35 3.87 -19.38
CA VAL D 217 13.08 4.11 -18.71
C VAL D 217 12.34 5.18 -19.50
N ASN D 218 11.11 4.88 -19.91
CA ASN D 218 10.32 5.80 -20.71
C ASN D 218 9.57 6.76 -19.80
N PHE D 219 9.68 8.06 -20.09
CA PHE D 219 9.02 9.10 -19.32
C PHE D 219 8.01 9.83 -20.21
N HIS D 220 6.98 10.38 -19.57
CA HIS D 220 5.92 11.10 -20.28
C HIS D 220 5.80 12.48 -19.65
N MET D 221 6.27 13.50 -20.37
CA MET D 221 6.23 14.88 -19.91
C MET D 221 5.12 15.61 -20.65
N PHE D 222 4.25 16.27 -19.89
CA PHE D 222 3.13 17.02 -20.46
C PHE D 222 3.34 18.51 -20.21
N ASP D 223 3.35 19.28 -21.29
CA ASP D 223 3.44 20.73 -21.22
C ASP D 223 2.08 21.30 -21.56
N VAL D 224 1.34 21.72 -20.54
CA VAL D 224 0.00 22.27 -20.74
C VAL D 224 0.12 23.68 -21.31
N GLY D 225 -0.37 23.87 -22.52
CA GLY D 225 -0.29 25.14 -23.21
C GLY D 225 -1.63 25.56 -23.81
N ALA D 226 -1.66 26.81 -24.27
CA ALA D 226 -2.85 27.42 -24.85
C ALA D 226 -4.05 27.33 -23.90
N GLN D 227 -3.78 27.46 -22.60
CA GLN D 227 -4.81 27.37 -21.58
C GLN D 227 -4.88 28.69 -20.81
N ARG D 228 -6.08 29.00 -20.33
CA ARG D 228 -6.27 30.23 -19.58
C ARG D 228 -5.58 30.13 -18.22
N ASP D 229 -5.33 31.30 -17.62
CA ASP D 229 -4.63 31.38 -16.35
C ASP D 229 -5.42 30.79 -15.19
N GLU D 230 -6.71 30.52 -15.36
CA GLU D 230 -7.52 29.91 -14.31
C GLU D 230 -7.22 28.42 -14.28
N ARG D 231 -6.26 28.04 -13.43
CA ARG D 231 -5.78 26.67 -13.33
C ARG D 231 -6.39 25.92 -12.16
N ARG D 232 -7.52 26.40 -11.63
CA ARG D 232 -8.12 25.77 -10.45
C ARG D 232 -8.73 24.42 -10.77
N LYS D 233 -9.34 24.25 -11.94
CA LYS D 233 -10.12 23.06 -12.26
C LYS D 233 -9.29 21.96 -12.91
N TRP D 234 -8.62 22.28 -14.03
CA TRP D 234 -7.93 21.23 -14.79
C TRP D 234 -6.68 20.72 -14.08
N ILE D 235 -6.24 21.35 -13.00
CA ILE D 235 -5.07 20.87 -12.28
C ILE D 235 -5.37 19.57 -11.55
N GLN D 236 -6.65 19.28 -11.30
CA GLN D 236 -7.00 18.05 -10.60
C GLN D 236 -6.81 16.81 -11.47
N CYS D 237 -6.69 16.98 -12.79
CA CYS D 237 -6.50 15.84 -13.67
C CYS D 237 -5.13 15.20 -13.46
N PHE D 238 -4.15 15.96 -13.00
CA PHE D 238 -2.79 15.47 -12.79
C PHE D 238 -2.55 15.01 -11.35
N ASN D 239 -3.59 14.54 -10.66
CA ASN D 239 -3.42 14.05 -9.30
C ASN D 239 -2.67 12.73 -9.25
N ASP D 240 -2.68 11.97 -10.33
CA ASP D 240 -1.99 10.69 -10.39
C ASP D 240 -0.59 10.79 -10.99
N VAL D 241 -0.11 12.00 -11.27
CA VAL D 241 1.21 12.16 -11.86
C VAL D 241 2.28 11.74 -10.86
N THR D 242 3.43 11.29 -11.39
CA THR D 242 4.54 10.90 -10.54
C THR D 242 5.08 12.10 -9.77
N ALA D 243 5.26 13.23 -10.46
CA ALA D 243 5.77 14.45 -9.84
C ALA D 243 5.41 15.63 -10.72
N ILE D 244 5.18 16.77 -10.09
CA ILE D 244 4.88 18.01 -10.80
C ILE D 244 6.15 18.84 -10.85
N ILE D 245 6.66 19.06 -12.05
CA ILE D 245 7.89 19.84 -12.23
C ILE D 245 7.53 21.31 -12.23
N PHE D 246 8.15 22.07 -11.33
CA PHE D 246 7.85 23.49 -11.13
C PHE D 246 9.10 24.29 -11.45
N VAL D 247 9.01 25.15 -12.47
CA VAL D 247 10.13 25.97 -12.92
C VAL D 247 9.82 27.41 -12.57
N VAL D 248 10.73 28.06 -11.85
CA VAL D 248 10.53 29.42 -11.36
C VAL D 248 11.65 30.31 -11.90
N ALA D 249 11.27 31.40 -12.56
CA ALA D 249 12.23 32.43 -12.96
C ALA D 249 12.21 33.56 -11.93
N SER D 250 12.69 33.23 -10.73
CA SER D 250 12.68 34.19 -9.64
C SER D 250 13.56 35.39 -9.94
N SER D 251 14.58 35.22 -10.77
CA SER D 251 15.47 36.31 -11.15
C SER D 251 14.78 37.37 -12.00
N SER D 252 13.62 37.07 -12.57
CA SER D 252 12.89 38.00 -13.41
C SER D 252 12.06 39.00 -12.61
N TYR D 253 12.36 39.18 -11.34
CA TYR D 253 11.61 40.11 -10.51
C TYR D 253 11.70 41.53 -11.06
N ASN D 254 10.57 42.21 -11.13
CA ASN D 254 10.51 43.56 -11.66
C ASN D 254 10.26 44.57 -10.53
N ASN D 264 7.93 41.57 -9.86
CA ASN D 264 7.45 40.83 -8.71
C ASN D 264 7.04 39.42 -9.11
N ARG D 265 7.83 38.82 -10.01
CA ARG D 265 7.52 37.47 -10.48
C ARG D 265 7.73 36.44 -9.37
N LEU D 266 8.72 36.66 -8.51
CA LEU D 266 9.02 35.69 -7.46
C LEU D 266 7.85 35.55 -6.48
N GLN D 267 7.26 36.66 -6.07
CA GLN D 267 6.15 36.61 -5.13
C GLN D 267 4.93 35.93 -5.76
N ALA D 268 4.66 36.21 -7.04
CA ALA D 268 3.56 35.55 -7.73
C ALA D 268 3.79 34.05 -7.81
N ALA D 269 5.01 33.62 -8.11
CA ALA D 269 5.32 32.20 -8.13
C ALA D 269 5.35 31.62 -6.71
N LEU D 270 5.68 32.45 -5.73
CA LEU D 270 5.68 31.98 -4.34
C LEU D 270 4.28 31.57 -3.89
N LYS D 271 3.27 32.36 -4.25
CA LYS D 271 1.89 32.03 -3.89
C LYS D 271 1.40 30.81 -4.67
N LEU D 272 1.82 30.68 -5.93
CA LEU D 272 1.39 29.54 -6.73
C LEU D 272 1.93 28.23 -6.18
N PHE D 273 3.18 28.23 -5.72
CA PHE D 273 3.74 27.03 -5.11
C PHE D 273 3.02 26.69 -3.81
N ASP D 274 2.68 27.71 -3.03
CA ASP D 274 1.95 27.48 -1.78
C ASP D 274 0.58 26.86 -2.06
N SER D 275 -0.11 27.34 -3.09
CA SER D 275 -1.41 26.78 -3.43
C SER D 275 -1.31 25.33 -3.88
N ILE D 276 -0.29 25.02 -4.70
CA ILE D 276 -0.11 23.65 -5.16
C ILE D 276 0.24 22.73 -4.00
N TRP D 277 1.08 23.20 -3.08
CA TRP D 277 1.53 22.37 -1.97
C TRP D 277 0.36 21.97 -1.08
N ASN D 278 -0.56 22.90 -0.82
CA ASN D 278 -1.66 22.66 0.11
C ASN D 278 -2.93 22.15 -0.57
N ASN D 279 -2.89 21.87 -1.87
CA ASN D 279 -4.06 21.35 -2.56
C ASN D 279 -4.41 19.96 -2.05
N LYS D 280 -5.71 19.72 -1.87
CA LYS D 280 -6.16 18.45 -1.30
C LYS D 280 -5.79 17.28 -2.19
N TRP D 281 -6.02 17.42 -3.50
CA TRP D 281 -5.71 16.33 -4.43
C TRP D 281 -4.21 16.22 -4.69
N LEU D 282 -3.47 17.31 -4.56
CA LEU D 282 -2.03 17.32 -4.79
C LEU D 282 -1.23 17.13 -3.51
N ARG D 283 -1.88 16.88 -2.38
CA ARG D 283 -1.15 16.66 -1.13
C ARG D 283 -0.29 15.40 -1.17
N ASP D 284 -0.66 14.43 -2.00
CA ASP D 284 0.09 13.18 -2.11
C ASP D 284 1.03 13.15 -3.29
N THR D 285 1.17 14.25 -4.03
CA THR D 285 2.01 14.32 -5.21
C THR D 285 3.26 15.13 -4.88
N SER D 286 4.42 14.54 -5.08
CA SER D 286 5.67 15.25 -4.87
C SER D 286 5.87 16.32 -5.94
N VAL D 287 6.48 17.44 -5.55
CA VAL D 287 6.75 18.54 -6.45
C VAL D 287 8.25 18.82 -6.41
N ILE D 288 8.88 18.83 -7.58
CA ILE D 288 10.30 19.13 -7.71
C ILE D 288 10.43 20.55 -8.26
N LEU D 289 11.38 21.31 -7.72
CA LEU D 289 11.50 22.74 -7.97
C LEU D 289 12.80 23.04 -8.68
N PHE D 290 12.71 23.87 -9.73
CA PHE D 290 13.88 24.38 -10.42
C PHE D 290 13.89 25.90 -10.32
N LEU D 291 14.99 26.46 -9.82
CA LEU D 291 15.16 27.91 -9.74
C LEU D 291 15.99 28.33 -10.95
N ASN D 292 15.31 28.63 -12.05
CA ASN D 292 15.95 28.91 -13.32
C ASN D 292 16.58 30.30 -13.32
N LYS D 293 17.30 30.59 -14.41
CA LYS D 293 17.95 31.89 -14.63
C LYS D 293 18.91 32.22 -13.50
N GLN D 294 19.75 31.25 -13.13
CA GLN D 294 20.75 31.49 -12.11
C GLN D 294 21.81 32.47 -12.59
N ASP D 295 22.17 32.41 -13.87
CA ASP D 295 23.17 33.35 -14.41
C ASP D 295 22.61 34.76 -14.45
N LEU D 296 21.37 34.92 -14.91
CA LEU D 296 20.76 36.25 -14.94
C LEU D 296 20.50 36.77 -13.54
N LEU D 297 20.29 35.88 -12.57
CA LEU D 297 20.17 36.30 -11.18
C LEU D 297 21.46 36.94 -10.70
N ALA D 298 22.61 36.37 -11.07
CA ALA D 298 23.89 36.91 -10.63
C ALA D 298 24.12 38.30 -11.18
N GLU D 299 23.79 38.54 -12.44
CA GLU D 299 24.06 39.84 -13.05
C GLU D 299 23.11 40.91 -12.53
N LYS D 300 21.88 40.52 -12.16
CA LYS D 300 20.95 41.50 -11.59
C LYS D 300 21.31 41.81 -10.14
N VAL D 301 21.79 40.82 -9.39
CA VAL D 301 22.22 41.07 -8.02
C VAL D 301 23.43 41.99 -8.00
N LEU D 302 24.39 41.76 -8.90
CA LEU D 302 25.58 42.59 -8.95
C LEU D 302 25.26 44.03 -9.37
N ALA D 303 24.10 44.26 -9.97
CA ALA D 303 23.72 45.62 -10.36
C ALA D 303 23.53 46.48 -9.11
N GLY D 304 23.92 47.76 -9.21
CA GLY D 304 23.82 48.68 -8.11
C GLY D 304 22.42 48.88 -7.58
N LYS D 305 22.24 48.72 -6.27
CA LYS D 305 20.95 48.86 -5.61
C LYS D 305 19.91 47.94 -6.25
N SER D 306 20.23 46.65 -6.30
CA SER D 306 19.29 45.67 -6.83
C SER D 306 18.03 45.62 -5.95
N LYS D 307 16.88 45.60 -6.60
CA LYS D 307 15.59 45.67 -5.90
C LYS D 307 15.16 44.28 -5.41
N ILE D 308 16.06 43.65 -4.65
CA ILE D 308 15.77 42.41 -3.95
C ILE D 308 15.37 42.67 -2.51
N GLU D 309 16.03 43.62 -1.85
CA GLU D 309 15.66 43.99 -0.48
C GLU D 309 14.38 44.82 -0.45
N ASP D 310 14.12 45.62 -1.49
CA ASP D 310 12.89 46.39 -1.54
C ASP D 310 11.67 45.48 -1.55
N TYR D 311 11.70 44.42 -2.36
CA TYR D 311 10.62 43.46 -2.37
C TYR D 311 10.70 42.51 -1.18
N PHE D 312 11.91 42.14 -0.74
CA PHE D 312 12.11 41.20 0.35
C PHE D 312 13.04 41.83 1.38
N PRO D 313 12.49 42.60 2.32
CA PRO D 313 13.35 43.23 3.34
C PRO D 313 14.08 42.25 4.24
N GLU D 314 13.58 41.02 4.36
CA GLU D 314 14.24 40.03 5.19
C GLU D 314 15.60 39.60 4.65
N PHE D 315 15.91 39.92 3.40
CA PHE D 315 17.22 39.59 2.83
C PHE D 315 18.35 40.38 3.48
N ALA D 316 18.04 41.52 4.09
CA ALA D 316 19.06 42.36 4.72
C ALA D 316 19.62 41.75 6.00
N ARG D 317 18.91 40.81 6.63
CA ARG D 317 19.36 40.18 7.85
C ARG D 317 19.62 38.69 7.71
N TYR D 318 19.23 38.06 6.60
CA TYR D 318 19.46 36.64 6.41
C TYR D 318 20.96 36.36 6.26
N THR D 319 21.39 35.26 6.86
CA THR D 319 22.80 34.87 6.86
C THR D 319 22.97 33.57 6.07
N THR D 320 24.06 33.51 5.30
CA THR D 320 24.32 32.34 4.48
C THR D 320 24.61 31.12 5.35
N PRO D 321 23.96 29.99 5.13
CA PRO D 321 24.29 28.78 5.88
C PRO D 321 25.69 28.29 5.58
N GLU D 322 26.29 27.63 6.57
CA GLU D 322 27.67 27.19 6.45
C GLU D 322 27.84 26.06 5.42
N ASP D 323 26.77 25.33 5.10
CA ASP D 323 26.86 24.21 4.18
C ASP D 323 26.62 24.60 2.73
N ALA D 324 26.43 25.89 2.46
CA ALA D 324 26.16 26.36 1.10
C ALA D 324 27.45 26.36 0.29
N THR D 325 27.63 25.33 -0.55
CA THR D 325 28.78 25.25 -1.45
C THR D 325 28.54 26.07 -2.70
N PRO D 326 29.49 26.94 -3.07
CA PRO D 326 29.30 27.81 -4.22
C PRO D 326 29.79 27.18 -5.51
N GLU D 327 29.33 27.76 -6.63
CA GLU D 327 29.80 27.35 -7.94
C GLU D 327 31.14 28.03 -8.21
N PRO D 328 32.20 27.29 -8.55
CA PRO D 328 33.51 27.91 -8.77
C PRO D 328 33.47 29.13 -9.70
N GLY D 329 33.86 30.29 -9.18
CA GLY D 329 33.92 31.51 -9.95
C GLY D 329 32.87 32.55 -9.60
N GLU D 330 32.02 32.29 -8.62
CA GLU D 330 30.98 33.24 -8.23
C GLU D 330 31.45 34.08 -7.04
N ASP D 331 30.55 34.86 -6.48
CA ASP D 331 30.81 35.74 -5.36
C ASP D 331 29.76 35.53 -4.28
N PRO D 332 30.07 35.88 -3.02
CA PRO D 332 29.13 35.58 -1.93
C PRO D 332 27.75 36.22 -2.10
N ARG D 333 27.67 37.42 -2.69
CA ARG D 333 26.40 38.11 -2.77
C ARG D 333 25.39 37.35 -3.63
N VAL D 334 25.83 36.83 -4.78
CA VAL D 334 24.92 36.08 -5.63
C VAL D 334 24.55 34.75 -4.98
N THR D 335 25.47 34.19 -4.18
CA THR D 335 25.13 33.00 -3.41
C THR D 335 24.10 33.31 -2.34
N ARG D 336 24.16 34.51 -1.77
CA ARG D 336 23.20 34.91 -0.74
C ARG D 336 21.78 34.90 -1.29
N ALA D 337 21.54 35.58 -2.42
CA ALA D 337 20.20 35.64 -2.99
C ALA D 337 19.76 34.29 -3.53
N LYS D 338 20.71 33.51 -4.08
CA LYS D 338 20.37 32.21 -4.64
C LYS D 338 19.85 31.26 -3.57
N TYR D 339 20.45 31.27 -2.38
CA TYR D 339 19.99 30.43 -1.29
C TYR D 339 18.88 31.05 -0.47
N PHE D 340 18.79 32.39 -0.46
CA PHE D 340 17.71 33.05 0.28
C PHE D 340 16.34 32.70 -0.31
N ILE D 341 16.25 32.69 -1.64
CA ILE D 341 14.98 32.33 -2.28
C ILE D 341 14.67 30.86 -2.06
N ARG D 342 15.72 30.01 -2.06
CA ARG D 342 15.51 28.59 -1.80
C ARG D 342 15.00 28.34 -0.39
N ASP D 343 15.53 29.09 0.59
CA ASP D 343 15.11 28.89 1.98
C ASP D 343 13.63 29.21 2.16
N GLU D 344 13.14 30.25 1.51
CA GLU D 344 11.73 30.60 1.61
C GLU D 344 10.85 29.49 1.03
N PHE D 345 11.25 28.93 -0.11
CA PHE D 345 10.49 27.83 -0.70
C PHE D 345 10.52 26.59 0.19
N LEU D 346 11.67 26.30 0.80
CA LEU D 346 11.77 25.16 1.71
C LEU D 346 10.91 25.37 2.95
N ARG D 347 10.87 26.60 3.47
CA ARG D 347 10.04 26.89 4.63
C ARG D 347 8.56 26.68 4.31
N ILE D 348 8.13 27.08 3.12
CA ILE D 348 6.75 26.86 2.71
C ILE D 348 6.44 25.37 2.61
N SER D 349 7.36 24.62 1.99
CA SER D 349 7.14 23.19 1.80
C SER D 349 7.13 22.44 3.13
N THR D 350 8.04 22.79 4.03
CA THR D 350 8.14 22.11 5.32
C THR D 350 7.10 22.58 6.33
N ALA D 351 6.33 23.63 6.00
CA ALA D 351 5.32 24.12 6.92
C ALA D 351 4.22 23.09 7.14
N SER D 352 3.79 22.40 6.08
CA SER D 352 2.73 21.42 6.19
C SER D 352 3.08 20.10 5.49
N GLY D 353 4.34 19.89 5.11
CA GLY D 353 4.74 18.66 4.48
C GLY D 353 5.06 17.56 5.47
N ASP D 354 4.02 16.97 6.07
CA ASP D 354 4.19 15.95 7.10
C ASP D 354 4.35 14.56 6.50
N GLY D 355 5.29 14.41 5.56
CA GLY D 355 5.66 13.12 5.02
C GLY D 355 4.83 12.65 3.84
N ARG D 356 3.68 13.29 3.57
CA ARG D 356 2.86 12.88 2.44
C ARG D 356 3.57 13.10 1.11
N HIS D 357 4.26 14.24 0.98
CA HIS D 357 4.99 14.56 -0.24
C HIS D 357 6.16 15.46 0.13
N TYR D 358 7.16 15.48 -0.76
CA TYR D 358 8.40 16.20 -0.51
C TYR D 358 8.71 17.14 -1.67
N CYS D 359 9.40 18.23 -1.34
CA CYS D 359 9.82 19.22 -2.33
C CYS D 359 11.32 19.11 -2.55
N TYR D 360 11.71 19.03 -3.82
CA TYR D 360 13.12 18.88 -4.17
C TYR D 360 13.65 20.17 -4.79
N PRO D 361 14.49 20.92 -4.09
CA PRO D 361 15.03 22.17 -4.65
C PRO D 361 16.31 21.94 -5.44
N HIS D 362 16.42 22.66 -6.56
CA HIS D 362 17.58 22.54 -7.43
C HIS D 362 17.86 23.88 -8.09
N PHE D 363 19.11 24.05 -8.52
CA PHE D 363 19.53 25.20 -9.32
C PHE D 363 19.88 24.73 -10.71
N THR D 364 19.27 25.35 -11.72
CA THR D 364 19.48 24.94 -13.11
C THR D 364 19.66 26.18 -13.99
N CYS D 365 20.36 25.99 -15.10
CA CYS D 365 20.46 27.03 -16.11
C CYS D 365 19.43 26.80 -17.21
N SER D 366 19.35 27.75 -18.14
CA SER D 366 18.41 27.64 -19.24
C SER D 366 18.75 26.52 -20.21
N VAL D 367 20.03 26.18 -20.36
CA VAL D 367 20.46 25.18 -21.34
C VAL D 367 21.18 24.04 -20.63
N ASP D 368 20.83 23.78 -19.38
CA ASP D 368 21.45 22.70 -18.62
C ASP D 368 20.91 21.36 -19.09
N THR D 369 21.81 20.51 -19.60
CA THR D 369 21.43 19.16 -20.01
C THR D 369 21.30 18.21 -18.84
N GLU D 370 21.79 18.59 -17.66
CA GLU D 370 21.69 17.77 -16.46
C GLU D 370 20.26 17.71 -15.92
N ASN D 371 19.37 18.57 -16.44
CA ASN D 371 18.00 18.63 -15.95
C ASN D 371 17.31 17.27 -16.01
N ILE D 372 17.53 16.52 -17.08
CA ILE D 372 16.89 15.21 -17.22
C ILE D 372 17.46 14.23 -16.21
N ARG D 373 18.72 14.43 -15.81
CA ARG D 373 19.32 13.57 -14.79
C ARG D 373 18.77 13.88 -13.40
N ARG D 374 18.54 15.16 -13.11
CA ARG D 374 18.05 15.55 -11.79
C ARG D 374 16.64 15.03 -11.55
N VAL D 375 15.76 15.17 -12.56
CA VAL D 375 14.40 14.67 -12.41
C VAL D 375 14.39 13.14 -12.37
N PHE D 376 15.27 12.51 -13.14
CA PHE D 376 15.35 11.05 -13.12
C PHE D 376 15.77 10.55 -11.74
N ASN D 377 16.78 11.21 -11.14
CA ASN D 377 17.19 10.85 -9.78
C ASN D 377 16.11 11.19 -8.78
N ASP D 378 15.45 12.34 -8.94
CA ASP D 378 14.38 12.72 -8.02
C ASP D 378 13.20 11.76 -8.13
N CYS D 379 12.86 11.34 -9.34
CA CYS D 379 11.77 10.38 -9.52
C CYS D 379 12.09 9.06 -8.85
N ARG D 380 13.34 8.60 -8.95
CA ARG D 380 13.74 7.35 -8.31
C ARG D 380 13.56 7.42 -6.80
N ASP D 381 13.87 8.58 -6.20
CA ASP D 381 13.68 8.74 -4.76
C ASP D 381 12.20 8.72 -4.40
N ILE D 382 11.35 9.26 -5.28
CA ILE D 382 9.91 9.30 -5.00
C ILE D 382 9.33 7.90 -4.94
N ILE D 383 9.69 7.04 -5.90
CA ILE D 383 9.18 5.68 -5.91
C ILE D 383 9.74 4.89 -4.72
N GLN D 384 11.02 5.09 -4.41
CA GLN D 384 11.62 4.40 -3.27
C GLN D 384 10.95 4.81 -1.96
N ARG D 385 10.66 6.11 -1.81
CA ARG D 385 9.97 6.57 -0.61
C ARG D 385 8.56 6.01 -0.54
N MET D 386 7.86 5.93 -1.67
CA MET D 386 6.53 5.35 -1.70
C MET D 386 6.58 3.86 -1.37
N HIS D 387 7.59 3.15 -1.88
CA HIS D 387 7.72 1.73 -1.59
C HIS D 387 7.97 1.49 -0.10
N LEU D 388 8.78 2.33 0.53
CA LEU D 388 9.01 2.22 1.97
C LEU D 388 7.72 2.50 2.74
N ARG D 389 6.91 3.44 2.26
CA ARG D 389 5.65 3.73 2.93
C ARG D 389 4.68 2.55 2.88
N GLN D 390 4.79 1.70 1.85
CA GLN D 390 3.95 0.52 1.76
C GLN D 390 4.25 -0.46 2.90
N TYR D 391 5.52 -0.62 3.24
CA TYR D 391 5.94 -1.50 4.32
C TYR D 391 5.94 -0.81 5.68
N GLU D 392 5.45 0.42 5.77
CA GLU D 392 5.31 1.21 6.99
C GLU D 392 6.65 1.55 7.63
N LEU D 393 7.75 1.46 6.88
CA LEU D 393 9.05 1.85 7.41
C LEU D 393 9.24 3.36 7.44
N LEU D 394 8.34 4.12 6.82
CA LEU D 394 8.43 5.58 6.79
C LEU D 394 7.10 6.22 7.14
N SER E 12 -16.21 58.35 -16.53
CA SER E 12 -17.51 58.99 -16.73
C SER E 12 -18.48 58.02 -17.42
N GLU E 13 -18.19 57.72 -18.70
CA GLU E 13 -19.04 56.80 -19.44
C GLU E 13 -19.02 55.40 -18.83
N LEU E 14 -17.85 54.94 -18.40
CA LEU E 14 -17.75 53.63 -17.75
C LEU E 14 -18.50 53.62 -16.42
N ASP E 15 -18.37 54.70 -15.64
CA ASP E 15 -18.97 54.73 -14.31
C ASP E 15 -20.50 54.65 -14.39
N GLN E 16 -21.10 55.39 -15.31
CA GLN E 16 -22.56 55.40 -15.41
C GLN E 16 -23.08 54.05 -15.92
N LEU E 17 -22.30 53.37 -16.76
CA LEU E 17 -22.70 52.06 -17.24
C LEU E 17 -22.77 51.04 -16.09
N ARG E 18 -21.77 51.07 -15.20
CA ARG E 18 -21.81 50.18 -14.04
C ARG E 18 -22.94 50.56 -13.09
N GLN E 19 -23.19 51.86 -12.92
CA GLN E 19 -24.32 52.30 -12.09
C GLN E 19 -25.63 51.84 -12.70
N GLU E 20 -25.77 51.94 -14.03
CA GLU E 20 -26.95 51.44 -14.69
C GLU E 20 -27.07 49.93 -14.53
N ALA E 21 -25.94 49.21 -14.64
CA ALA E 21 -25.96 47.76 -14.48
C ALA E 21 -26.42 47.37 -13.08
N GLU E 22 -26.03 48.14 -12.07
CA GLU E 22 -26.48 47.87 -10.71
C GLU E 22 -27.98 48.01 -10.59
N GLN E 23 -28.57 49.02 -11.25
CA GLN E 23 -30.00 49.23 -11.18
C GLN E 23 -30.76 48.06 -11.81
N LEU E 24 -30.24 47.51 -12.91
CA LEU E 24 -30.81 46.30 -13.48
C LEU E 24 -30.71 45.13 -12.51
N LYS E 25 -29.57 44.99 -11.85
CA LYS E 25 -29.40 43.91 -10.89
C LYS E 25 -30.38 44.04 -9.72
N ASN E 26 -30.58 45.27 -9.24
CA ASN E 26 -31.54 45.48 -8.16
C ASN E 26 -32.96 45.15 -8.61
N GLN E 27 -33.32 45.55 -9.82
CA GLN E 27 -34.66 45.28 -10.33
C GLN E 27 -34.90 43.78 -10.45
N ILE E 28 -33.90 43.04 -10.93
CA ILE E 28 -34.03 41.59 -11.04
C ILE E 28 -34.25 40.96 -9.67
N ARG E 29 -33.53 41.45 -8.65
CA ARG E 29 -33.73 40.95 -7.29
C ARG E 29 -35.15 41.24 -6.81
N ASP E 30 -35.65 42.45 -7.08
CA ASP E 30 -37.02 42.78 -6.68
C ASP E 30 -38.04 41.92 -7.44
N ALA E 31 -37.82 41.73 -8.74
CA ALA E 31 -38.74 40.91 -9.52
C ALA E 31 -38.72 39.46 -9.05
N ARG E 32 -37.54 38.92 -8.76
CA ARG E 32 -37.45 37.56 -8.26
C ARG E 32 -38.09 37.43 -6.89
N LYS E 33 -37.89 38.43 -6.03
CA LYS E 33 -38.50 38.41 -4.70
C LYS E 33 -40.02 38.47 -4.79
N ALA E 34 -40.55 39.29 -5.69
CA ALA E 34 -42.00 39.42 -5.83
C ALA E 34 -42.64 38.10 -6.24
N CYS E 35 -42.01 37.37 -7.17
CA CYS E 35 -42.55 36.10 -7.63
C CYS E 35 -42.41 35.00 -6.60
N ALA E 36 -41.65 35.21 -5.53
CA ALA E 36 -41.44 34.20 -4.49
C ALA E 36 -42.58 34.25 -3.50
N ASP E 37 -43.76 33.79 -3.96
CA ASP E 37 -44.92 33.73 -3.08
C ASP E 37 -44.80 32.62 -2.04
N ALA E 38 -44.15 31.52 -2.40
CA ALA E 38 -43.96 30.40 -1.47
C ALA E 38 -42.73 29.62 -1.90
N THR E 39 -42.22 28.81 -0.98
CA THR E 39 -41.04 27.99 -1.23
C THR E 39 -41.44 26.54 -1.49
N LEU E 40 -40.54 25.82 -2.16
CA LEU E 40 -40.81 24.43 -2.50
C LEU E 40 -40.89 23.56 -1.24
N SER E 41 -40.05 23.85 -0.24
CA SER E 41 -40.01 23.03 0.96
C SER E 41 -41.33 23.08 1.72
N GLN E 42 -41.96 24.26 1.81
CA GLN E 42 -43.21 24.38 2.56
C GLN E 42 -44.32 23.54 1.94
N ILE E 43 -44.42 23.54 0.61
CA ILE E 43 -45.50 22.83 -0.06
C ILE E 43 -45.34 21.32 0.13
N THR E 44 -44.12 20.82 0.04
CA THR E 44 -43.84 19.39 0.14
C THR E 44 -43.64 18.92 1.57
N ASN E 45 -44.15 19.67 2.55
CA ASN E 45 -44.01 19.24 3.94
C ASN E 45 -44.84 18.00 4.25
N ASN E 46 -45.98 17.84 3.57
CA ASN E 46 -46.90 16.75 3.84
C ASN E 46 -46.71 15.54 2.92
N ILE E 47 -45.74 15.59 2.00
CA ILE E 47 -45.57 14.49 1.05
C ILE E 47 -44.98 13.28 1.76
N ASP E 48 -45.38 12.09 1.30
CA ASP E 48 -44.90 10.86 1.90
C ASP E 48 -43.41 10.69 1.64
N PRO E 49 -42.60 10.45 2.66
CA PRO E 49 -41.16 10.24 2.43
C PRO E 49 -40.91 8.97 1.63
N VAL E 50 -39.81 8.99 0.87
CA VAL E 50 -39.47 7.85 0.01
C VAL E 50 -39.20 6.61 0.86
N GLY E 51 -38.46 6.76 1.94
CA GLY E 51 -38.06 5.64 2.77
C GLY E 51 -36.58 5.32 2.61
N ARG E 52 -36.16 4.31 3.37
CA ARG E 52 -34.76 3.89 3.36
C ARG E 52 -34.46 3.17 2.05
N ILE E 53 -33.85 3.88 1.11
CA ILE E 53 -33.50 3.32 -0.20
C ILE E 53 -32.19 2.55 -0.02
N GLN E 54 -32.24 1.24 -0.21
CA GLN E 54 -31.06 0.39 -0.12
C GLN E 54 -30.75 -0.17 -1.50
N MET E 55 -29.54 0.09 -1.99
CA MET E 55 -29.11 -0.33 -3.31
C MET E 55 -27.75 -1.00 -3.22
N ARG E 56 -27.58 -2.10 -3.95
CA ARG E 56 -26.37 -2.90 -3.89
C ARG E 56 -25.81 -3.09 -5.30
N THR E 57 -24.50 -3.32 -5.36
CA THR E 57 -23.83 -3.51 -6.64
C THR E 57 -24.28 -4.80 -7.31
N ARG E 58 -24.53 -4.72 -8.62
CA ARG E 58 -24.87 -5.89 -9.42
C ARG E 58 -23.76 -6.29 -10.38
N ARG E 59 -23.10 -5.33 -11.01
CA ARG E 59 -21.99 -5.60 -11.92
C ARG E 59 -20.82 -4.69 -11.57
N THR E 60 -19.61 -5.17 -11.87
CA THR E 60 -18.39 -4.41 -11.61
C THR E 60 -17.47 -4.58 -12.80
N LEU E 61 -17.25 -3.51 -13.54
CA LEU E 61 -16.39 -3.53 -14.73
C LEU E 61 -14.99 -3.09 -14.34
N ARG E 62 -14.01 -3.97 -14.54
CA ARG E 62 -12.64 -3.75 -14.11
C ARG E 62 -11.69 -3.71 -15.31
N GLY E 63 -12.15 -3.16 -16.42
CA GLY E 63 -11.34 -3.09 -17.62
C GLY E 63 -10.50 -1.84 -17.75
N HIS E 64 -10.83 -0.82 -16.97
CA HIS E 64 -10.13 0.45 -17.05
C HIS E 64 -8.89 0.44 -16.16
N LEU E 65 -7.86 1.14 -16.60
CA LEU E 65 -6.59 1.20 -15.88
C LEU E 65 -6.50 2.42 -14.97
N ALA E 66 -6.64 3.61 -15.54
CA ALA E 66 -6.54 4.85 -14.78
C ALA E 66 -7.92 5.30 -14.32
N LYS E 67 -7.96 6.44 -13.63
CA LYS E 67 -9.20 6.95 -13.08
C LYS E 67 -10.20 7.25 -14.19
N ILE E 68 -11.46 6.86 -13.96
CA ILE E 68 -12.53 7.10 -14.93
C ILE E 68 -13.06 8.51 -14.72
N TYR E 69 -13.10 9.30 -15.79
CA TYR E 69 -13.53 10.69 -15.71
C TYR E 69 -14.93 10.95 -16.24
N ALA E 70 -15.44 10.10 -17.13
CA ALA E 70 -16.77 10.32 -17.69
C ALA E 70 -17.34 9.00 -18.16
N MET E 71 -18.67 8.94 -18.21
CA MET E 71 -19.39 7.79 -18.74
C MET E 71 -20.74 8.27 -19.26
N HIS E 72 -21.32 7.47 -20.16
CA HIS E 72 -22.61 7.81 -20.75
C HIS E 72 -23.34 6.54 -21.14
N TRP E 73 -24.65 6.54 -20.95
CA TRP E 73 -25.49 5.41 -21.33
C TRP E 73 -25.94 5.54 -22.78
N GLY E 74 -26.45 4.43 -23.31
CA GLY E 74 -27.01 4.41 -24.65
C GLY E 74 -28.52 4.54 -24.64
N THR E 75 -29.08 4.85 -25.80
CA THR E 75 -30.53 4.95 -25.93
C THR E 75 -31.21 3.62 -25.65
N ASP E 76 -30.64 2.52 -26.14
CA ASP E 76 -31.19 1.19 -25.90
C ASP E 76 -31.05 0.75 -24.45
N SER E 77 -30.29 1.48 -23.63
CA SER E 77 -30.09 1.23 -22.20
C SER E 77 -29.31 -0.05 -21.93
N ARG E 78 -28.67 -0.62 -22.96
CA ARG E 78 -27.84 -1.82 -22.78
C ARG E 78 -26.36 -1.47 -22.86
N LEU E 79 -25.94 -0.80 -23.93
CA LEU E 79 -24.54 -0.44 -24.12
C LEU E 79 -24.23 0.91 -23.49
N LEU E 80 -23.00 1.06 -23.01
CA LEU E 80 -22.54 2.30 -22.43
C LEU E 80 -21.08 2.52 -22.78
N VAL E 81 -20.68 3.78 -22.85
CA VAL E 81 -19.30 4.17 -23.15
C VAL E 81 -18.76 4.96 -21.97
N SER E 82 -17.52 4.66 -21.59
CA SER E 82 -16.87 5.32 -20.47
C SER E 82 -15.48 5.79 -20.89
N ALA E 83 -15.04 6.91 -20.30
CA ALA E 83 -13.75 7.51 -20.62
C ALA E 83 -12.84 7.43 -19.40
N SER E 84 -11.59 7.05 -19.64
CA SER E 84 -10.59 6.96 -18.59
C SER E 84 -9.36 7.75 -18.99
N GLN E 85 -8.61 8.20 -17.99
CA GLN E 85 -7.42 9.01 -18.23
C GLN E 85 -6.25 8.22 -18.79
N ASP E 86 -6.35 6.89 -18.83
CA ASP E 86 -5.29 6.08 -19.43
C ASP E 86 -5.30 6.14 -20.95
N GLY E 87 -6.34 6.70 -21.56
CA GLY E 87 -6.39 6.82 -23.00
C GLY E 87 -7.15 5.70 -23.68
N LYS E 88 -8.31 5.35 -23.15
CA LYS E 88 -9.14 4.30 -23.73
C LYS E 88 -10.61 4.70 -23.67
N LEU E 89 -11.38 4.15 -24.60
CA LEU E 89 -12.83 4.36 -24.68
C LEU E 89 -13.47 2.99 -24.87
N ILE E 90 -13.78 2.32 -23.76
CA ILE E 90 -14.29 0.96 -23.79
C ILE E 90 -15.82 1.00 -23.75
N ILE E 91 -16.46 0.28 -24.67
CA ILE E 91 -17.91 0.16 -24.72
C ILE E 91 -18.29 -1.15 -24.04
N TRP E 92 -19.10 -1.07 -22.99
CA TRP E 92 -19.46 -2.22 -22.18
C TRP E 92 -20.89 -2.65 -22.46
N ASP E 93 -21.11 -3.96 -22.54
CA ASP E 93 -22.44 -4.54 -22.55
C ASP E 93 -22.83 -4.79 -21.11
N SER E 94 -23.68 -3.93 -20.56
CA SER E 94 -23.97 -3.97 -19.13
C SER E 94 -24.68 -5.26 -18.72
N TYR E 95 -25.38 -5.91 -19.65
CA TYR E 95 -26.09 -7.13 -19.31
C TYR E 95 -25.13 -8.28 -19.04
N THR E 96 -24.30 -8.63 -20.02
CA THR E 96 -23.42 -9.78 -19.91
C THR E 96 -22.03 -9.43 -19.39
N THR E 97 -21.79 -8.15 -19.07
CA THR E 97 -20.55 -7.62 -18.49
C THR E 97 -19.42 -7.58 -19.51
N ASN E 98 -19.62 -8.14 -20.70
CA ASN E 98 -18.59 -8.12 -21.73
C ASN E 98 -18.44 -6.72 -22.33
N LYS E 99 -17.33 -6.52 -23.03
CA LYS E 99 -17.03 -5.25 -23.70
C LYS E 99 -17.03 -5.47 -25.21
N VAL E 100 -17.66 -4.54 -25.94
CA VAL E 100 -17.79 -4.68 -27.38
C VAL E 100 -16.68 -3.98 -28.16
N HIS E 101 -16.23 -2.81 -27.71
CA HIS E 101 -15.19 -2.08 -28.42
C HIS E 101 -14.20 -1.50 -27.42
N ALA E 102 -12.97 -1.30 -27.90
CA ALA E 102 -11.92 -0.67 -27.10
C ALA E 102 -11.04 0.11 -28.05
N ILE E 103 -11.32 1.40 -28.19
CA ILE E 103 -10.66 2.26 -29.18
C ILE E 103 -9.66 3.15 -28.45
N PRO E 104 -8.38 3.08 -28.78
CA PRO E 104 -7.41 4.00 -28.18
C PRO E 104 -7.60 5.41 -28.71
N LEU E 105 -7.12 6.38 -27.91
CA LEU E 105 -7.24 7.79 -28.24
C LEU E 105 -5.85 8.40 -28.39
N ARG E 106 -5.75 9.41 -29.27
CA ARG E 106 -4.47 10.08 -29.48
C ARG E 106 -3.98 10.77 -28.22
N SER E 107 -4.90 11.42 -27.49
CA SER E 107 -4.57 12.09 -26.24
C SER E 107 -5.22 11.35 -25.09
N SER E 108 -4.42 11.02 -24.07
CA SER E 108 -4.92 10.27 -22.92
C SER E 108 -5.68 11.16 -21.93
N TRP E 109 -5.58 12.49 -22.06
CA TRP E 109 -6.26 13.41 -21.14
C TRP E 109 -7.63 13.71 -21.71
N VAL E 110 -8.62 12.92 -21.29
CA VAL E 110 -10.00 13.08 -21.74
C VAL E 110 -10.87 13.30 -20.51
N MET E 111 -11.74 14.32 -20.57
CA MET E 111 -12.59 14.68 -19.45
C MET E 111 -14.08 14.52 -19.75
N THR E 112 -14.45 14.05 -20.93
CA THR E 112 -15.85 13.91 -21.28
C THR E 112 -16.01 12.83 -22.34
N CYS E 113 -17.24 12.32 -22.45
CA CYS E 113 -17.59 11.34 -23.47
C CYS E 113 -19.08 11.45 -23.74
N ALA E 114 -19.49 10.95 -24.91
CA ALA E 114 -20.88 11.04 -25.31
C ALA E 114 -21.30 9.81 -26.09
N TYR E 115 -22.60 9.53 -26.08
CA TYR E 115 -23.20 8.44 -26.85
C TYR E 115 -24.31 9.03 -27.70
N ALA E 116 -24.25 8.80 -29.01
CA ALA E 116 -25.26 9.34 -29.90
C ALA E 116 -26.61 8.69 -29.65
N PRO E 117 -27.70 9.44 -29.81
CA PRO E 117 -29.04 8.83 -29.64
C PRO E 117 -29.29 7.69 -30.60
N SER E 118 -28.77 7.78 -31.83
CA SER E 118 -28.91 6.68 -32.77
C SER E 118 -28.02 5.49 -32.43
N GLY E 119 -27.01 5.70 -31.59
CA GLY E 119 -26.10 4.64 -31.20
C GLY E 119 -25.00 4.35 -32.19
N ASN E 120 -24.92 5.08 -33.30
CA ASN E 120 -23.90 4.85 -34.31
C ASN E 120 -22.69 5.76 -34.16
N TYR E 121 -22.67 6.63 -33.17
CA TYR E 121 -21.58 7.57 -33.00
C TYR E 121 -21.21 7.68 -31.52
N VAL E 122 -19.93 7.88 -31.26
CA VAL E 122 -19.40 8.09 -29.91
C VAL E 122 -18.35 9.19 -29.98
N ALA E 123 -18.44 10.15 -29.06
CA ALA E 123 -17.54 11.28 -29.03
C ALA E 123 -16.86 11.39 -27.67
N CYS E 124 -15.68 12.02 -27.67
CA CYS E 124 -14.92 12.22 -26.45
C CYS E 124 -14.06 13.48 -26.61
N GLY E 125 -13.64 14.03 -25.47
CA GLY E 125 -12.81 15.22 -25.48
C GLY E 125 -12.15 15.41 -24.13
N GLY E 126 -11.23 16.37 -24.09
CA GLY E 126 -10.48 16.64 -22.87
C GLY E 126 -9.58 17.85 -22.97
N LEU E 127 -8.35 17.72 -22.45
CA LEU E 127 -7.39 18.81 -22.42
C LEU E 127 -6.73 19.05 -23.78
N ASP E 128 -7.17 18.37 -24.82
CA ASP E 128 -6.63 18.54 -26.17
C ASP E 128 -7.36 19.59 -26.98
N ASN E 129 -8.38 20.24 -26.41
CA ASN E 129 -9.13 21.33 -27.04
C ASN E 129 -9.83 20.90 -28.33
N ILE E 130 -9.96 19.59 -28.57
CA ILE E 130 -10.61 19.09 -29.77
C ILE E 130 -11.61 18.01 -29.37
N CYS E 131 -12.60 17.81 -30.24
CA CYS E 131 -13.62 16.79 -30.05
C CYS E 131 -13.54 15.80 -31.22
N SER E 132 -13.43 14.52 -30.90
CA SER E 132 -13.31 13.47 -31.90
C SER E 132 -14.63 12.71 -32.01
N ILE E 133 -14.99 12.35 -33.24
CA ILE E 133 -16.22 11.62 -33.53
C ILE E 133 -15.84 10.26 -34.11
N TYR E 134 -16.38 9.20 -33.51
CA TYR E 134 -16.11 7.83 -33.95
C TYR E 134 -17.42 7.17 -34.37
N ASN E 135 -17.38 6.47 -35.50
CA ASN E 135 -18.54 5.74 -36.01
C ASN E 135 -18.37 4.26 -35.70
N LEU E 136 -19.35 3.70 -35.00
CA LEU E 136 -19.28 2.31 -34.54
C LEU E 136 -19.84 1.32 -35.55
N LYS E 137 -20.34 1.77 -36.69
CA LYS E 137 -20.94 0.90 -37.69
C LYS E 137 -20.13 0.90 -38.98
N THR E 138 -18.81 0.86 -38.84
CA THR E 138 -17.94 0.80 -40.01
C THR E 138 -18.09 -0.54 -40.72
N ARG E 139 -18.07 -0.50 -42.05
CA ARG E 139 -18.18 -1.73 -42.84
C ARG E 139 -16.90 -2.55 -42.83
N GLU E 140 -15.79 -1.99 -42.33
CA GLU E 140 -14.52 -2.70 -42.29
C GLU E 140 -14.32 -3.49 -41.00
N GLY E 141 -15.23 -3.38 -40.04
CA GLY E 141 -15.12 -4.12 -38.80
C GLY E 141 -14.28 -3.46 -37.73
N ASN E 142 -13.66 -2.31 -38.01
CA ASN E 142 -12.86 -1.60 -37.03
C ASN E 142 -13.31 -0.15 -36.95
N VAL E 143 -13.24 0.41 -35.74
CA VAL E 143 -13.71 1.77 -35.49
C VAL E 143 -12.57 2.75 -35.73
N ARG E 144 -12.84 3.79 -36.50
CA ARG E 144 -11.88 4.83 -36.80
C ARG E 144 -12.53 6.20 -36.61
N VAL E 145 -11.70 7.22 -36.35
CA VAL E 145 -12.21 8.56 -36.15
C VAL E 145 -12.79 9.09 -37.46
N SER E 146 -13.88 9.83 -37.36
CA SER E 146 -14.56 10.34 -38.55
C SER E 146 -14.24 11.82 -38.78
N ARG E 147 -14.53 12.67 -37.81
CA ARG E 147 -14.30 14.09 -37.93
C ARG E 147 -13.72 14.63 -36.63
N GLU E 148 -12.83 15.61 -36.76
CA GLU E 148 -12.18 16.26 -35.62
C GLU E 148 -12.49 17.74 -35.66
N LEU E 149 -13.02 18.27 -34.56
CA LEU E 149 -13.38 19.68 -34.43
C LEU E 149 -12.32 20.39 -33.61
N ALA E 150 -11.73 21.44 -34.17
CA ALA E 150 -10.62 22.15 -33.54
C ALA E 150 -10.88 23.66 -33.54
N GLY E 151 -12.10 24.05 -33.17
CA GLY E 151 -12.42 25.46 -33.09
C GLY E 151 -12.25 26.02 -31.69
N HIS E 152 -12.17 25.14 -30.69
CA HIS E 152 -11.99 25.57 -29.31
C HIS E 152 -10.51 25.79 -29.01
N THR E 153 -10.26 26.62 -28.00
CA THR E 153 -8.91 26.88 -27.52
C THR E 153 -8.74 26.54 -26.04
N GLY E 154 -9.65 25.76 -25.47
CA GLY E 154 -9.53 25.35 -24.08
C GLY E 154 -9.95 23.90 -23.91
N TYR E 155 -9.64 23.38 -22.73
CA TYR E 155 -9.94 21.97 -22.43
C TYR E 155 -11.45 21.73 -22.47
N LEU E 156 -11.84 20.65 -23.14
CA LEU E 156 -13.25 20.31 -23.26
C LEU E 156 -13.75 19.70 -21.96
N SER E 157 -14.90 20.18 -21.48
CA SER E 157 -15.49 19.70 -20.24
C SER E 157 -16.70 18.81 -20.44
N CYS E 158 -17.51 19.07 -21.48
CA CYS E 158 -18.68 18.25 -21.73
C CYS E 158 -19.04 18.35 -23.21
N CYS E 159 -19.79 17.35 -23.68
CA CYS E 159 -20.24 17.30 -25.06
C CYS E 159 -21.41 16.33 -25.21
N ARG E 160 -22.49 16.77 -25.85
CA ARG E 160 -23.67 15.95 -26.02
C ARG E 160 -24.17 16.05 -27.46
N PHE E 161 -24.79 14.98 -27.94
CA PHE E 161 -25.28 14.94 -29.31
C PHE E 161 -26.72 15.41 -29.39
N LEU E 162 -27.00 16.30 -30.36
CA LEU E 162 -28.37 16.60 -30.73
C LEU E 162 -28.91 15.55 -31.69
N ASP E 163 -28.13 15.18 -32.69
CA ASP E 163 -28.44 14.09 -33.61
C ASP E 163 -27.13 13.62 -34.22
N ASP E 164 -27.23 12.84 -35.31
CA ASP E 164 -26.04 12.33 -35.98
C ASP E 164 -25.24 13.41 -36.70
N ASN E 165 -25.77 14.62 -36.84
CA ASN E 165 -25.11 15.66 -37.61
C ASN E 165 -24.60 16.83 -36.79
N GLN E 166 -25.24 17.15 -35.67
CA GLN E 166 -24.85 18.30 -34.86
C GLN E 166 -24.54 17.86 -33.43
N ILE E 167 -23.50 18.46 -32.86
CA ILE E 167 -23.07 18.18 -31.49
C ILE E 167 -22.74 19.49 -30.81
N VAL E 168 -23.16 19.61 -29.54
CA VAL E 168 -22.90 20.80 -28.73
C VAL E 168 -21.83 20.48 -27.71
N THR E 169 -20.88 21.40 -27.53
CA THR E 169 -19.74 21.18 -26.65
C THR E 169 -19.54 22.41 -25.75
N SER E 170 -18.96 22.16 -24.59
CA SER E 170 -18.58 23.21 -23.66
C SER E 170 -17.13 22.98 -23.21
N SER E 171 -16.42 24.08 -22.96
CA SER E 171 -15.00 24.01 -22.63
C SER E 171 -14.68 25.06 -21.58
N GLY E 172 -13.39 25.16 -21.24
CA GLY E 172 -12.89 26.14 -20.32
C GLY E 172 -12.66 27.51 -20.89
N ASP E 173 -12.97 27.69 -22.18
CA ASP E 173 -12.88 28.99 -22.84
C ASP E 173 -14.01 29.94 -22.49
N THR E 174 -14.80 29.63 -21.46
CA THR E 174 -15.96 30.42 -21.04
C THR E 174 -17.10 30.34 -22.06
N THR E 175 -16.84 29.77 -23.23
CA THR E 175 -17.80 29.78 -24.33
C THR E 175 -18.28 28.37 -24.60
N CYS E 176 -19.51 28.28 -25.12
CA CYS E 176 -20.09 27.03 -25.59
C CYS E 176 -20.22 27.08 -27.11
N ALA E 177 -20.19 25.92 -27.74
CA ALA E 177 -20.12 25.84 -29.19
C ALA E 177 -21.13 24.84 -29.72
N LEU E 178 -21.65 25.13 -30.92
CA LEU E 178 -22.48 24.22 -31.69
C LEU E 178 -21.78 23.88 -32.99
N TRP E 179 -21.75 22.59 -33.31
CA TRP E 179 -20.94 22.09 -34.41
C TRP E 179 -21.79 21.39 -35.45
N ASP E 180 -21.29 21.39 -36.69
CA ASP E 180 -21.85 20.58 -37.78
C ASP E 180 -20.81 19.51 -38.10
N ILE E 181 -21.16 18.25 -37.81
CA ILE E 181 -20.18 17.17 -37.89
C ILE E 181 -19.70 16.96 -39.32
N GLU E 182 -20.63 17.00 -40.29
CA GLU E 182 -20.28 16.73 -41.67
C GLU E 182 -19.27 17.75 -42.20
N THR E 183 -19.54 19.04 -41.97
CA THR E 183 -18.61 20.08 -42.38
C THR E 183 -17.42 20.20 -41.43
N GLY E 184 -17.60 19.86 -40.16
CA GLY E 184 -16.52 20.01 -39.19
C GLY E 184 -16.14 21.45 -38.93
N GLN E 185 -17.14 22.34 -38.89
CA GLN E 185 -16.90 23.77 -38.70
C GLN E 185 -17.88 24.32 -37.67
N GLN E 186 -17.49 25.41 -37.03
CA GLN E 186 -18.33 26.05 -36.03
C GLN E 186 -19.58 26.64 -36.69
N THR E 187 -20.70 26.54 -35.97
CA THR E 187 -21.97 27.08 -36.44
C THR E 187 -22.59 28.11 -35.51
N THR E 188 -22.48 27.92 -34.20
CA THR E 188 -23.07 28.85 -33.24
C THR E 188 -22.18 28.90 -32.00
N THR E 189 -21.92 30.11 -31.53
CA THR E 189 -21.06 30.33 -30.37
C THR E 189 -21.83 31.07 -29.29
N PHE E 190 -21.67 30.63 -28.05
CA PHE E 190 -22.30 31.26 -26.88
C PHE E 190 -21.20 31.88 -26.03
N THR E 191 -21.30 33.19 -25.79
CA THR E 191 -20.26 33.95 -25.10
C THR E 191 -20.87 34.81 -23.99
N GLY E 192 -21.74 34.22 -23.17
CA GLY E 192 -22.37 34.94 -22.09
C GLY E 192 -21.84 34.67 -20.71
N HIS E 193 -20.89 33.76 -20.55
CA HIS E 193 -20.36 33.41 -19.24
C HIS E 193 -19.15 34.29 -18.90
N THR E 194 -18.64 34.09 -17.68
CA THR E 194 -17.41 34.76 -17.24
C THR E 194 -16.41 33.80 -16.62
N GLY E 195 -16.69 32.49 -16.61
CA GLY E 195 -15.81 31.51 -16.03
C GLY E 195 -15.81 30.24 -16.85
N ASP E 196 -14.97 29.28 -16.42
CA ASP E 196 -14.85 28.02 -17.14
C ASP E 196 -16.13 27.21 -17.01
N VAL E 197 -16.66 26.77 -18.15
CA VAL E 197 -17.87 25.96 -18.18
C VAL E 197 -17.48 24.51 -17.86
N MET E 198 -18.16 23.92 -16.88
CA MET E 198 -17.80 22.60 -16.40
C MET E 198 -18.70 21.48 -16.94
N SER E 199 -19.97 21.75 -17.17
CA SER E 199 -20.90 20.71 -17.61
C SER E 199 -22.08 21.34 -18.32
N LEU E 200 -22.82 20.51 -19.04
CA LEU E 200 -24.03 20.94 -19.72
C LEU E 200 -24.98 19.75 -19.80
N SER E 201 -26.27 20.05 -19.99
CA SER E 201 -27.29 19.02 -20.08
C SER E 201 -28.35 19.46 -21.08
N LEU E 202 -28.68 18.57 -22.01
CA LEU E 202 -29.68 18.89 -23.01
C LEU E 202 -31.08 18.71 -22.44
N ALA E 203 -32.00 19.58 -22.87
CA ALA E 203 -33.40 19.41 -22.53
C ALA E 203 -33.99 18.24 -23.32
N PRO E 204 -35.09 17.66 -22.84
CA PRO E 204 -35.71 16.55 -23.59
C PRO E 204 -36.11 16.94 -25.01
N ASP E 205 -36.51 18.18 -25.24
CA ASP E 205 -36.89 18.62 -26.57
C ASP E 205 -35.70 19.07 -27.42
N THR E 206 -34.51 19.19 -26.83
CA THR E 206 -33.25 19.53 -27.48
C THR E 206 -33.20 21.00 -27.89
N ARG E 207 -34.34 21.71 -27.82
CA ARG E 207 -34.39 23.10 -28.25
C ARG E 207 -33.50 24.02 -27.42
N LEU E 208 -33.18 23.64 -26.20
CA LEU E 208 -32.39 24.48 -25.31
C LEU E 208 -31.59 23.61 -24.36
N PHE E 209 -30.58 24.22 -23.75
CA PHE E 209 -29.72 23.51 -22.81
C PHE E 209 -29.18 24.50 -21.78
N VAL E 210 -28.75 23.97 -20.64
CA VAL E 210 -28.18 24.78 -19.57
C VAL E 210 -26.72 24.37 -19.39
N SER E 211 -25.95 25.29 -18.82
CA SER E 211 -24.53 25.06 -18.55
C SER E 211 -24.10 25.88 -17.36
N GLY E 212 -23.49 25.21 -16.38
CA GLY E 212 -22.97 25.87 -15.19
C GLY E 212 -21.46 26.04 -15.30
N ALA E 213 -20.99 27.23 -14.94
CA ALA E 213 -19.58 27.60 -15.06
C ALA E 213 -19.00 27.88 -13.68
N CYS E 214 -17.73 28.31 -13.68
CA CYS E 214 -17.03 28.63 -12.43
C CYS E 214 -17.52 29.92 -11.79
N ASP E 215 -18.35 30.70 -12.47
CA ASP E 215 -18.89 31.92 -11.91
C ASP E 215 -20.01 31.66 -10.90
N ALA E 216 -20.25 30.40 -10.55
CA ALA E 216 -21.34 30.00 -9.66
C ALA E 216 -22.70 30.43 -10.21
N SER E 217 -22.82 30.48 -11.53
CA SER E 217 -24.06 30.91 -12.19
C SER E 217 -24.40 29.92 -13.30
N ALA E 218 -25.69 29.65 -13.44
CA ALA E 218 -26.21 28.76 -14.47
C ALA E 218 -26.98 29.58 -15.49
N LYS E 219 -26.71 29.34 -16.77
CA LYS E 219 -27.34 30.07 -17.87
C LYS E 219 -28.28 29.15 -18.64
N LEU E 220 -29.15 29.78 -19.43
CA LEU E 220 -30.05 29.06 -20.32
C LEU E 220 -29.85 29.60 -21.72
N TRP E 221 -29.52 28.71 -22.66
CA TRP E 221 -29.22 29.11 -24.03
C TRP E 221 -30.17 28.43 -25.00
N ASP E 222 -30.56 29.15 -26.04
CA ASP E 222 -31.37 28.60 -27.12
C ASP E 222 -30.45 28.27 -28.28
N VAL E 223 -30.47 27.01 -28.72
CA VAL E 223 -29.56 26.57 -29.77
C VAL E 223 -29.90 27.23 -31.10
N ARG E 224 -31.18 27.46 -31.36
CA ARG E 224 -31.63 27.89 -32.68
C ARG E 224 -31.10 29.27 -33.06
N GLU E 225 -31.05 30.23 -32.13
CA GLU E 225 -30.53 31.55 -32.42
C GLU E 225 -29.28 31.90 -31.64
N GLY E 226 -28.82 31.03 -30.74
CA GLY E 226 -27.58 31.26 -30.02
C GLY E 226 -27.58 32.48 -29.14
N MET E 227 -28.65 32.66 -28.35
CA MET E 227 -28.77 33.79 -27.44
C MET E 227 -29.07 33.29 -26.04
N CYS E 228 -28.56 34.00 -25.05
CA CYS E 228 -28.82 33.66 -23.65
C CYS E 228 -30.21 34.12 -23.26
N ARG E 229 -30.99 33.20 -22.68
CA ARG E 229 -32.36 33.53 -22.29
C ARG E 229 -32.44 34.14 -20.89
N GLN E 230 -31.70 33.59 -19.94
CA GLN E 230 -31.72 34.08 -18.56
C GLN E 230 -30.50 33.54 -17.83
N THR E 231 -30.27 34.07 -16.64
CA THR E 231 -29.14 33.69 -15.81
C THR E 231 -29.62 33.35 -14.41
N PHE E 232 -29.10 32.24 -13.87
CA PHE E 232 -29.45 31.78 -12.54
C PHE E 232 -28.25 31.98 -11.61
N THR E 233 -28.53 32.45 -10.39
CA THR E 233 -27.49 32.70 -9.40
C THR E 233 -27.97 32.22 -8.04
N GLY E 234 -27.02 32.08 -7.12
CA GLY E 234 -27.33 31.63 -5.78
C GLY E 234 -26.25 30.76 -5.17
N HIS E 235 -25.40 30.17 -6.02
CA HIS E 235 -24.29 29.37 -5.54
C HIS E 235 -23.14 30.26 -5.09
N GLU E 236 -22.41 29.78 -4.08
CA GLU E 236 -21.29 30.51 -3.51
C GLU E 236 -19.95 29.88 -3.87
N SER E 237 -19.93 28.96 -4.83
CA SER E 237 -18.70 28.31 -5.26
C SER E 237 -18.91 27.83 -6.70
N ASP E 238 -17.80 27.51 -7.36
CA ASP E 238 -17.85 27.14 -8.76
C ASP E 238 -18.71 25.89 -8.96
N ILE E 239 -19.54 25.92 -10.00
CA ILE E 239 -20.44 24.82 -10.33
C ILE E 239 -19.65 23.74 -11.04
N ASN E 240 -19.76 22.50 -10.57
CA ASN E 240 -19.03 21.37 -11.12
C ASN E 240 -19.85 20.52 -12.08
N ALA E 241 -21.09 20.19 -11.72
CA ALA E 241 -21.94 19.34 -12.53
C ALA E 241 -23.34 19.92 -12.62
N ILE E 242 -24.05 19.54 -13.67
CA ILE E 242 -25.42 20.00 -13.91
C ILE E 242 -26.17 18.92 -14.68
N CYS E 243 -27.48 18.88 -14.49
CA CYS E 243 -28.34 17.93 -15.19
C CYS E 243 -29.71 18.54 -15.37
N PHE E 244 -30.46 18.02 -16.33
CA PHE E 244 -31.78 18.53 -16.65
C PHE E 244 -32.86 17.61 -16.10
N PHE E 245 -33.93 18.20 -15.58
CA PHE E 245 -35.04 17.43 -15.07
C PHE E 245 -35.73 16.67 -16.21
N PRO E 246 -36.23 15.46 -15.96
CA PRO E 246 -36.90 14.71 -17.03
C PRO E 246 -38.08 15.45 -17.65
N ASN E 247 -38.82 16.23 -16.86
CA ASN E 247 -39.95 16.98 -17.40
C ASN E 247 -39.53 18.13 -18.30
N GLY E 248 -38.27 18.58 -18.20
CA GLY E 248 -37.77 19.63 -19.06
C GLY E 248 -38.07 21.04 -18.59
N ASN E 249 -38.55 21.22 -17.36
CA ASN E 249 -38.89 22.54 -16.84
C ASN E 249 -38.09 22.88 -15.59
N ALA E 250 -37.01 22.16 -15.32
CA ALA E 250 -36.19 22.41 -14.13
C ALA E 250 -34.83 21.78 -14.36
N PHE E 251 -33.88 22.14 -13.48
CA PHE E 251 -32.56 21.55 -13.52
C PHE E 251 -31.92 21.69 -12.14
N ALA E 252 -30.90 20.88 -11.90
CA ALA E 252 -30.18 20.87 -10.63
C ALA E 252 -28.69 20.86 -10.88
N THR E 253 -27.93 21.32 -9.89
CA THR E 253 -26.49 21.43 -10.02
C THR E 253 -25.85 21.36 -8.64
N GLY E 254 -24.53 21.12 -8.63
CA GLY E 254 -23.77 21.09 -7.40
C GLY E 254 -22.47 21.83 -7.57
N SER E 255 -22.01 22.40 -6.46
CA SER E 255 -20.79 23.21 -6.45
C SER E 255 -19.82 22.68 -5.39
N ASP E 256 -18.68 23.35 -5.29
CA ASP E 256 -17.67 23.00 -4.30
C ASP E 256 -18.08 23.36 -2.88
N ASP E 257 -19.17 24.12 -2.72
CA ASP E 257 -19.65 24.51 -1.39
C ASP E 257 -20.41 23.40 -0.68
N ALA E 258 -20.30 22.15 -1.14
CA ALA E 258 -20.83 20.98 -0.45
C ALA E 258 -22.35 20.99 -0.35
N THR E 259 -23.03 21.71 -1.25
CA THR E 259 -24.49 21.69 -1.30
C THR E 259 -24.96 21.68 -2.75
N CYS E 260 -26.15 21.13 -2.96
CA CYS E 260 -26.82 21.11 -4.25
C CYS E 260 -27.99 22.08 -4.25
N ARG E 261 -28.37 22.52 -5.44
CA ARG E 261 -29.49 23.45 -5.62
C ARG E 261 -30.35 23.01 -6.79
N LEU E 262 -31.65 23.25 -6.67
CA LEU E 262 -32.63 22.97 -7.72
C LEU E 262 -33.22 24.28 -8.20
N PHE E 263 -33.13 24.52 -9.51
CA PHE E 263 -33.68 25.71 -10.14
C PHE E 263 -34.83 25.32 -11.07
N ASP E 264 -35.51 26.34 -11.58
CA ASP E 264 -36.58 26.16 -12.55
C ASP E 264 -36.60 27.34 -13.51
N LEU E 265 -36.80 27.03 -14.80
CA LEU E 265 -36.73 28.06 -15.82
C LEU E 265 -37.83 29.10 -15.69
N ARG E 266 -39.05 28.66 -15.34
CA ARG E 266 -40.19 29.57 -15.33
C ARG E 266 -40.05 30.63 -14.25
N ALA E 267 -39.76 30.21 -13.02
CA ALA E 267 -39.69 31.16 -11.92
C ALA E 267 -38.37 31.93 -11.91
N ASP E 268 -37.35 31.43 -12.61
CA ASP E 268 -36.05 32.09 -12.72
C ASP E 268 -35.40 32.36 -11.36
N GLN E 269 -35.53 31.41 -10.42
CA GLN E 269 -34.91 31.55 -9.13
C GLN E 269 -34.75 30.18 -8.48
N GLU E 270 -33.89 30.12 -7.46
CA GLU E 270 -33.64 28.88 -6.75
C GLU E 270 -34.88 28.45 -5.98
N LEU E 271 -35.06 27.13 -5.83
CA LEU E 271 -36.22 26.57 -5.15
C LEU E 271 -35.86 25.92 -3.83
N MET E 272 -34.93 24.96 -3.81
CA MET E 272 -34.55 24.28 -2.59
C MET E 272 -33.11 23.79 -2.71
N THR E 273 -32.39 23.89 -1.60
CA THR E 273 -30.99 23.47 -1.53
C THR E 273 -30.87 22.24 -0.63
N TYR E 274 -29.97 21.33 -0.99
CA TYR E 274 -29.72 20.12 -0.24
C TYR E 274 -28.32 20.19 0.37
N SER E 275 -28.24 20.12 1.69
CA SER E 275 -26.96 20.16 2.39
C SER E 275 -27.16 19.68 3.82
N HIS E 276 -26.07 19.20 4.41
CA HIS E 276 -26.03 18.81 5.81
C HIS E 276 -24.76 19.33 6.45
N ASP E 277 -24.78 19.44 7.78
CA ASP E 277 -23.62 19.93 8.50
C ASP E 277 -22.42 18.99 8.32
N ASN E 278 -22.68 17.69 8.21
CA ASN E 278 -21.61 16.72 7.99
C ASN E 278 -20.94 16.96 6.63
N ILE E 279 -21.74 17.24 5.60
CA ILE E 279 -21.21 17.36 4.24
C ILE E 279 -20.31 18.60 4.17
N ILE E 280 -19.02 18.38 3.96
CA ILE E 280 -18.06 19.47 3.80
C ILE E 280 -17.23 19.24 2.55
N CYS E 281 -17.73 18.40 1.64
CA CYS E 281 -17.02 18.05 0.41
C CYS E 281 -17.88 18.39 -0.79
N GLY E 282 -17.21 18.80 -1.87
CA GLY E 282 -17.90 19.24 -3.06
C GLY E 282 -18.56 18.11 -3.83
N ILE E 283 -19.39 18.51 -4.79
CA ILE E 283 -20.15 17.59 -5.63
C ILE E 283 -19.46 17.46 -6.97
N THR E 284 -19.29 16.22 -7.43
CA THR E 284 -18.64 15.95 -8.71
C THR E 284 -19.61 15.65 -9.84
N SER E 285 -20.68 14.90 -9.56
CA SER E 285 -21.64 14.54 -10.59
C SER E 285 -23.05 14.67 -10.04
N VAL E 286 -23.99 15.00 -10.93
CA VAL E 286 -25.39 15.16 -10.57
C VAL E 286 -26.25 14.66 -11.73
N SER E 287 -27.27 13.86 -11.40
CA SER E 287 -28.24 13.41 -12.38
C SER E 287 -29.53 13.04 -11.65
N PHE E 288 -30.66 13.35 -12.29
CA PHE E 288 -31.96 13.00 -11.74
C PHE E 288 -32.31 11.56 -12.07
N SER E 289 -33.33 11.04 -11.39
CA SER E 289 -33.85 9.71 -11.68
C SER E 289 -34.85 9.78 -12.83
N LYS E 290 -35.35 8.62 -13.24
CA LYS E 290 -36.29 8.56 -14.35
C LYS E 290 -37.58 9.30 -14.02
N SER E 291 -38.10 9.12 -12.80
CA SER E 291 -39.30 9.83 -12.37
C SER E 291 -38.99 11.25 -11.91
N GLY E 292 -37.72 11.59 -11.70
CA GLY E 292 -37.36 12.89 -11.18
C GLY E 292 -37.49 13.04 -9.69
N ARG E 293 -37.95 12.01 -8.98
CA ARG E 293 -38.10 12.06 -7.53
C ARG E 293 -36.78 11.93 -6.79
N LEU E 294 -35.84 11.15 -7.32
CA LEU E 294 -34.55 10.92 -6.68
C LEU E 294 -33.47 11.69 -7.42
N LEU E 295 -32.62 12.38 -6.67
CA LEU E 295 -31.51 13.16 -7.22
C LEU E 295 -30.22 12.53 -6.69
N LEU E 296 -29.57 11.73 -7.53
CA LEU E 296 -28.32 11.09 -7.16
C LEU E 296 -27.15 12.01 -7.48
N ALA E 297 -26.31 12.28 -6.48
CA ALA E 297 -25.20 13.21 -6.63
C ALA E 297 -23.94 12.60 -6.05
N GLY E 298 -22.86 12.62 -6.83
CA GLY E 298 -21.58 12.16 -6.33
C GLY E 298 -20.95 13.16 -5.38
N TYR E 299 -19.96 12.69 -4.63
CA TYR E 299 -19.31 13.52 -3.63
C TYR E 299 -17.83 13.19 -3.57
N ASP E 300 -17.04 14.13 -3.03
CA ASP E 300 -15.61 13.93 -2.89
C ASP E 300 -15.25 12.96 -1.77
N ASP E 301 -16.20 12.64 -0.88
CA ASP E 301 -15.95 11.75 0.24
C ASP E 301 -16.24 10.28 -0.10
N PHE E 302 -16.10 9.90 -1.37
CA PHE E 302 -16.25 8.53 -1.85
C PHE E 302 -17.68 8.01 -1.74
N ASN E 303 -18.65 8.92 -1.60
CA ASN E 303 -20.05 8.55 -1.43
C ASN E 303 -20.91 9.23 -2.50
N CYS E 304 -22.09 8.65 -2.73
CA CYS E 304 -23.08 9.21 -3.64
C CYS E 304 -24.41 9.21 -2.91
N ASN E 305 -24.70 10.30 -2.21
CA ASN E 305 -25.94 10.40 -1.45
C ASN E 305 -27.13 10.53 -2.39
N VAL E 306 -28.17 9.74 -2.13
CA VAL E 306 -29.41 9.79 -2.92
C VAL E 306 -30.30 10.84 -2.28
N TRP E 307 -30.25 12.06 -2.80
CA TRP E 307 -31.03 13.17 -2.28
C TRP E 307 -32.42 13.15 -2.89
N ASP E 308 -33.44 13.19 -2.03
CA ASP E 308 -34.80 13.33 -2.52
C ASP E 308 -35.01 14.71 -3.12
N ALA E 309 -35.86 14.77 -4.15
CA ALA E 309 -36.10 16.04 -4.84
C ALA E 309 -37.14 16.87 -4.12
N LEU E 310 -38.31 16.27 -3.85
CA LEU E 310 -39.38 17.03 -3.19
C LEU E 310 -39.03 17.32 -1.73
N LYS E 311 -38.37 16.38 -1.06
CA LYS E 311 -37.96 16.54 0.32
C LYS E 311 -36.46 16.80 0.38
N ALA E 312 -36.06 17.81 1.18
CA ALA E 312 -34.65 18.12 1.33
C ALA E 312 -33.91 17.06 2.12
N ASP E 313 -34.62 16.22 2.88
CA ASP E 313 -33.97 15.19 3.68
C ASP E 313 -33.37 14.11 2.78
N ARG E 314 -32.17 13.65 3.15
CA ARG E 314 -31.51 12.59 2.40
C ARG E 314 -32.23 11.27 2.60
N ALA E 315 -32.37 10.51 1.50
CA ALA E 315 -33.05 9.22 1.53
C ALA E 315 -32.12 8.04 1.73
N GLY E 316 -30.95 8.05 1.10
CA GLY E 316 -30.02 6.95 1.24
C GLY E 316 -28.69 7.29 0.62
N VAL E 317 -27.70 6.43 0.87
CA VAL E 317 -26.35 6.60 0.38
C VAL E 317 -25.86 5.29 -0.23
N LEU E 318 -24.80 5.39 -1.03
CA LEU E 318 -24.11 4.22 -1.57
C LEU E 318 -22.61 4.50 -1.49
N ALA E 319 -21.88 3.61 -0.83
CA ALA E 319 -20.46 3.84 -0.58
C ALA E 319 -19.60 2.66 -1.00
N GLY E 320 -19.85 2.13 -2.19
CA GLY E 320 -19.08 1.01 -2.70
C GLY E 320 -17.85 1.37 -3.50
N HIS E 321 -17.48 2.65 -3.55
CA HIS E 321 -16.36 3.10 -4.36
C HIS E 321 -15.13 3.35 -3.50
N ASP E 322 -13.97 2.91 -4.01
CA ASP E 322 -12.73 3.05 -3.24
C ASP E 322 -12.25 4.50 -3.22
N ASN E 323 -12.34 5.20 -4.36
CA ASN E 323 -11.81 6.55 -4.49
C ASN E 323 -12.95 7.52 -4.81
N ARG E 324 -12.58 8.77 -5.10
CA ARG E 324 -13.55 9.82 -5.40
C ARG E 324 -14.40 9.43 -6.61
N VAL E 325 -15.71 9.60 -6.48
CA VAL E 325 -16.64 9.33 -7.57
C VAL E 325 -16.64 10.53 -8.51
N SER E 326 -16.30 10.29 -9.77
CA SER E 326 -16.16 11.36 -10.76
C SER E 326 -17.39 11.53 -11.65
N CYS E 327 -18.10 10.44 -11.96
CA CYS E 327 -19.22 10.50 -12.89
C CYS E 327 -20.24 9.45 -12.51
N LEU E 328 -21.48 9.69 -12.93
CA LEU E 328 -22.56 8.73 -12.72
C LEU E 328 -23.69 9.03 -13.70
N GLY E 329 -24.50 8.01 -13.98
CA GLY E 329 -25.57 8.16 -14.94
C GLY E 329 -26.70 7.17 -14.80
N VAL E 330 -27.93 7.67 -14.85
CA VAL E 330 -29.13 6.84 -14.75
C VAL E 330 -29.54 6.39 -16.14
N THR E 331 -30.04 5.16 -16.23
CA THR E 331 -30.41 4.57 -17.52
C THR E 331 -31.61 5.30 -18.13
N ASP E 332 -31.72 5.19 -19.46
CA ASP E 332 -32.85 5.79 -20.16
C ASP E 332 -34.16 5.17 -19.73
N ASP E 333 -34.17 3.86 -19.48
CA ASP E 333 -35.36 3.19 -18.95
C ASP E 333 -35.40 3.19 -17.43
N GLY E 334 -34.39 3.73 -16.76
CA GLY E 334 -34.40 3.84 -15.33
C GLY E 334 -34.23 2.54 -14.58
N MET E 335 -33.76 1.49 -15.25
CA MET E 335 -33.62 0.18 -14.63
C MET E 335 -32.26 -0.04 -13.99
N ALA E 336 -31.31 0.87 -14.18
CA ALA E 336 -29.98 0.71 -13.61
C ALA E 336 -29.31 2.07 -13.51
N VAL E 337 -28.32 2.15 -12.61
CA VAL E 337 -27.50 3.34 -12.44
C VAL E 337 -26.04 2.90 -12.42
N ALA E 338 -25.22 3.52 -13.28
CA ALA E 338 -23.80 3.22 -13.35
C ALA E 338 -23.00 4.43 -12.89
N THR E 339 -21.99 4.17 -12.06
CA THR E 339 -21.16 5.22 -11.49
C THR E 339 -19.70 4.94 -11.81
N GLY E 340 -18.97 6.02 -12.10
CA GLY E 340 -17.55 5.90 -12.40
C GLY E 340 -16.71 6.74 -11.45
N SER E 341 -15.82 6.08 -10.71
CA SER E 341 -15.00 6.73 -9.70
C SER E 341 -13.55 6.80 -10.17
N TRP E 342 -12.69 7.29 -9.27
CA TRP E 342 -11.27 7.43 -9.56
C TRP E 342 -10.50 6.15 -9.34
N ASP E 343 -11.16 5.08 -8.89
CA ASP E 343 -10.49 3.80 -8.65
C ASP E 343 -10.49 2.90 -9.87
N SER E 344 -10.86 3.42 -11.05
CA SER E 344 -10.88 2.72 -12.33
C SER E 344 -11.89 1.57 -12.36
N PHE E 345 -12.89 1.59 -11.50
CA PHE E 345 -13.91 0.54 -11.45
C PHE E 345 -15.27 1.15 -11.72
N LEU E 346 -15.97 0.62 -12.72
CA LEU E 346 -17.34 1.03 -12.99
C LEU E 346 -18.30 0.15 -12.20
N LYS E 347 -19.22 0.80 -11.49
CA LYS E 347 -20.14 0.10 -10.59
C LYS E 347 -21.57 0.34 -11.06
N ILE E 348 -22.31 -0.74 -11.29
CA ILE E 348 -23.71 -0.67 -11.71
C ILE E 348 -24.59 -1.00 -10.52
N TRP E 349 -25.53 -0.11 -10.23
CA TRP E 349 -26.40 -0.25 -9.07
C TRP E 349 -27.85 -0.42 -9.52
N ASN E 350 -28.59 -1.26 -8.80
CA ASN E 350 -30.00 -1.50 -9.10
C ASN E 350 -30.83 -1.56 -7.82
N SER F 8 -12.99 47.12 -20.27
CA SER F 8 -13.29 47.89 -21.47
C SER F 8 -14.72 48.40 -21.45
N ILE F 9 -14.99 49.44 -22.24
CA ILE F 9 -16.34 49.99 -22.32
C ILE F 9 -17.28 49.00 -22.99
N ALA F 10 -16.80 48.30 -24.01
CA ALA F 10 -17.64 47.36 -24.74
C ALA F 10 -18.17 46.25 -23.85
N GLN F 11 -17.34 45.76 -22.92
CA GLN F 11 -17.80 44.75 -21.98
C GLN F 11 -18.90 45.29 -21.09
N ALA F 12 -18.77 46.54 -20.64
CA ALA F 12 -19.81 47.15 -19.84
C ALA F 12 -21.10 47.34 -20.64
N ARG F 13 -20.97 47.74 -21.91
CA ARG F 13 -22.16 47.90 -22.75
C ARG F 13 -22.84 46.57 -23.00
N LYS F 14 -22.07 45.50 -23.21
CA LYS F 14 -22.67 44.20 -23.45
C LYS F 14 -23.37 43.66 -22.20
N LEU F 15 -22.97 44.12 -21.01
CA LEU F 15 -23.56 43.62 -19.78
C LEU F 15 -24.98 44.17 -19.60
N VAL F 16 -25.18 45.46 -19.83
CA VAL F 16 -26.47 46.08 -19.55
C VAL F 16 -27.53 45.57 -20.53
N GLU F 17 -27.16 45.36 -21.80
CA GLU F 17 -28.11 44.82 -22.76
C GLU F 17 -28.55 43.42 -22.36
N GLN F 18 -27.63 42.61 -21.85
CA GLN F 18 -28.00 41.28 -21.35
C GLN F 18 -28.97 41.40 -20.19
N LEU F 19 -28.70 42.33 -19.26
CA LEU F 19 -29.56 42.50 -18.10
C LEU F 19 -30.91 43.08 -18.49
N LYS F 20 -30.92 44.04 -19.43
CA LYS F 20 -32.17 44.66 -19.84
C LYS F 20 -33.08 43.66 -20.55
N MET F 21 -32.52 42.87 -21.46
CA MET F 21 -33.35 41.92 -22.19
C MET F 21 -33.75 40.74 -21.32
N GLU F 22 -32.98 40.45 -20.27
CA GLU F 22 -33.36 39.41 -19.32
C GLU F 22 -34.44 39.89 -18.35
N ALA F 23 -34.51 41.19 -18.07
CA ALA F 23 -35.44 41.70 -17.09
C ALA F 23 -36.89 41.51 -17.53
N ASN F 24 -37.16 41.65 -18.83
CA ASN F 24 -38.53 41.65 -19.32
C ASN F 24 -39.09 40.25 -19.58
N ILE F 25 -38.31 39.19 -19.32
CA ILE F 25 -38.82 37.84 -19.53
C ILE F 25 -39.98 37.56 -18.58
N ASP F 26 -40.91 36.74 -19.04
CA ASP F 26 -42.08 36.41 -18.23
C ASP F 26 -41.69 35.52 -17.05
N ARG F 27 -42.36 35.75 -15.92
CA ARG F 27 -42.14 34.97 -14.71
C ARG F 27 -43.48 34.60 -14.09
N ILE F 28 -43.47 33.51 -13.33
CA ILE F 28 -44.66 33.01 -12.66
C ILE F 28 -44.31 32.74 -11.20
N LYS F 29 -45.35 32.60 -10.38
CA LYS F 29 -45.16 32.34 -8.96
C LYS F 29 -44.45 31.01 -8.75
N VAL F 30 -43.62 30.95 -7.71
CA VAL F 30 -42.85 29.75 -7.42
C VAL F 30 -43.76 28.59 -7.08
N SER F 31 -44.87 28.86 -6.39
CA SER F 31 -45.78 27.80 -5.98
C SER F 31 -46.34 27.04 -7.19
N LYS F 32 -46.68 27.77 -8.26
CA LYS F 32 -47.20 27.12 -9.45
C LYS F 32 -46.16 26.18 -10.07
N ALA F 33 -44.90 26.62 -10.14
CA ALA F 33 -43.84 25.76 -10.64
C ALA F 33 -43.58 24.60 -9.70
N ALA F 34 -43.63 24.85 -8.39
CA ALA F 34 -43.42 23.78 -7.42
C ALA F 34 -44.50 22.71 -7.54
N ALA F 35 -45.76 23.14 -7.72
CA ALA F 35 -46.84 22.17 -7.88
C ALA F 35 -46.68 21.34 -9.15
N ASP F 36 -46.21 21.98 -10.24
CA ASP F 36 -46.01 21.25 -11.48
C ASP F 36 -44.96 20.16 -11.34
N LEU F 37 -43.87 20.46 -10.61
CA LEU F 37 -42.83 19.46 -10.40
C LEU F 37 -43.35 18.27 -9.60
N MET F 38 -44.16 18.54 -8.57
CA MET F 38 -44.73 17.46 -7.77
C MET F 38 -45.69 16.61 -8.60
N ALA F 39 -46.50 17.25 -9.44
CA ALA F 39 -47.47 16.52 -10.25
C ALA F 39 -46.77 15.57 -11.23
N TYR F 40 -45.67 16.02 -11.83
CA TYR F 40 -44.93 15.16 -12.75
C TYR F 40 -44.33 13.96 -12.02
N CYS F 41 -43.77 14.19 -10.83
CA CYS F 41 -43.20 13.10 -10.06
C CYS F 41 -44.27 12.10 -9.63
N GLU F 42 -45.43 12.60 -9.20
CA GLU F 42 -46.50 11.71 -8.76
C GLU F 42 -47.03 10.87 -9.92
N ALA F 43 -47.15 11.47 -11.11
CA ALA F 43 -47.70 10.75 -12.26
C ALA F 43 -46.81 9.59 -12.67
N HIS F 44 -45.49 9.78 -12.65
CA HIS F 44 -44.54 8.78 -13.09
C HIS F 44 -43.90 8.03 -11.92
N ALA F 45 -44.53 8.05 -10.75
CA ALA F 45 -43.94 7.39 -9.58
C ALA F 45 -43.90 5.88 -9.76
N LYS F 46 -45.00 5.27 -10.24
CA LYS F 46 -45.05 3.83 -10.41
C LYS F 46 -44.15 3.34 -11.53
N GLU F 47 -43.80 4.22 -12.47
CA GLU F 47 -43.09 3.83 -13.67
C GLU F 47 -41.57 3.81 -13.48
N ASP F 48 -41.07 4.35 -12.36
CA ASP F 48 -39.64 4.31 -12.06
C ASP F 48 -39.36 3.18 -11.10
N PRO F 49 -38.59 2.16 -11.51
CA PRO F 49 -38.28 1.06 -10.57
C PRO F 49 -37.29 1.44 -9.48
N LEU F 50 -36.61 2.58 -9.59
CA LEU F 50 -35.69 2.99 -8.53
C LEU F 50 -36.44 3.51 -7.31
N LEU F 51 -37.53 4.24 -7.53
CA LEU F 51 -38.28 4.83 -6.43
C LEU F 51 -38.93 3.74 -5.56
N THR F 52 -39.65 2.82 -6.19
CA THR F 52 -40.40 1.79 -5.50
C THR F 52 -39.73 0.44 -5.62
N PRO F 53 -39.86 -0.44 -4.62
CA PRO F 53 -39.30 -1.79 -4.75
C PRO F 53 -39.91 -2.52 -5.94
N VAL F 54 -39.08 -3.29 -6.63
CA VAL F 54 -39.48 -3.97 -7.86
C VAL F 54 -39.07 -5.44 -7.73
N PRO F 55 -39.83 -6.38 -8.32
CA PRO F 55 -39.38 -7.77 -8.32
C PRO F 55 -38.10 -7.94 -9.13
N ALA F 56 -37.28 -8.91 -8.70
CA ALA F 56 -36.01 -9.18 -9.36
C ALA F 56 -36.15 -10.13 -10.55
N SER F 57 -37.34 -10.67 -10.79
CA SER F 57 -37.52 -11.62 -11.89
C SER F 57 -37.32 -10.95 -13.25
N GLU F 58 -37.94 -9.78 -13.44
CA GLU F 58 -37.85 -9.08 -14.71
C GLU F 58 -36.65 -8.14 -14.79
N ASN F 59 -35.94 -7.93 -13.69
CA ASN F 59 -34.77 -7.06 -13.71
C ASN F 59 -33.63 -7.76 -14.45
N PRO F 60 -33.05 -7.13 -15.48
CA PRO F 60 -31.94 -7.78 -16.20
C PRO F 60 -30.70 -7.98 -15.35
N PHE F 61 -30.55 -7.24 -14.26
CA PHE F 61 -29.39 -7.34 -13.38
C PHE F 61 -29.78 -8.19 -12.17
N ARG F 62 -29.40 -9.45 -12.19
CA ARG F 62 -29.72 -10.37 -11.11
C ARG F 62 -28.45 -10.93 -10.46
N GLN G 1 -26.27 37.24 -5.29
CA GLN G 1 -25.03 37.07 -6.03
C GLN G 1 -23.81 37.25 -5.14
N VAL G 2 -22.67 36.73 -5.57
CA VAL G 2 -21.42 36.84 -4.82
C VAL G 2 -20.75 38.14 -5.25
N GLN G 3 -20.81 39.15 -4.38
CA GLN G 3 -20.19 40.44 -4.63
C GLN G 3 -19.40 40.87 -3.40
N LEU G 4 -18.34 41.65 -3.65
CA LEU G 4 -17.45 42.14 -2.59
C LEU G 4 -17.31 43.65 -2.75
N GLN G 5 -18.23 44.39 -2.14
CA GLN G 5 -18.18 45.84 -2.21
C GLN G 5 -17.02 46.39 -1.40
N GLU G 6 -16.36 47.41 -1.95
CA GLU G 6 -15.20 48.03 -1.32
C GLU G 6 -15.46 49.52 -1.12
N SER G 7 -15.02 50.03 0.03
CA SER G 7 -15.19 51.44 0.36
C SER G 7 -13.90 51.99 0.93
N GLY G 8 -13.74 53.31 0.82
CA GLY G 8 -12.56 53.97 1.32
C GLY G 8 -11.79 54.72 0.24
N GLY G 9 -10.46 54.73 0.37
CA GLY G 9 -9.64 55.44 -0.59
C GLY G 9 -9.70 56.94 -0.41
N GLY G 10 -9.20 57.65 -1.42
CA GLY G 10 -9.18 59.10 -1.42
C GLY G 10 -7.78 59.64 -1.72
N LEU G 11 -7.55 60.88 -1.31
CA LEU G 11 -6.27 61.54 -1.49
C LEU G 11 -5.57 61.70 -0.15
N VAL G 12 -4.38 61.12 -0.02
CA VAL G 12 -3.60 61.18 1.20
C VAL G 12 -2.19 61.61 0.85
N GLN G 13 -1.61 62.45 1.71
CA GLN G 13 -0.22 62.88 1.55
C GLN G 13 0.72 61.73 1.92
N PRO G 14 1.94 61.74 1.37
CA PRO G 14 2.90 60.70 1.72
C PRO G 14 3.21 60.72 3.21
N GLY G 15 3.39 59.53 3.78
CA GLY G 15 3.63 59.38 5.20
C GLY G 15 2.39 59.47 6.06
N GLY G 16 1.21 59.58 5.48
CA GLY G 16 -0.02 59.70 6.22
C GLY G 16 -0.63 58.36 6.57
N SER G 17 -1.91 58.38 6.89
CA SER G 17 -2.65 57.18 7.28
C SER G 17 -3.97 57.12 6.53
N LEU G 18 -4.48 55.91 6.35
CA LEU G 18 -5.72 55.67 5.64
C LEU G 18 -6.28 54.32 6.07
N ARG G 19 -7.57 54.11 5.81
CA ARG G 19 -8.22 52.85 6.13
C ARG G 19 -9.13 52.43 4.98
N LEU G 20 -9.13 51.14 4.67
CA LEU G 20 -9.97 50.56 3.64
C LEU G 20 -10.82 49.46 4.23
N SER G 21 -12.11 49.45 3.89
CA SER G 21 -13.04 48.44 4.37
C SER G 21 -13.66 47.72 3.17
N CYS G 22 -13.59 46.39 3.18
CA CYS G 22 -14.18 45.56 2.14
C CYS G 22 -15.37 44.82 2.74
N ALA G 23 -16.53 44.97 2.12
CA ALA G 23 -17.77 44.38 2.62
C ALA G 23 -18.15 43.18 1.76
N ALA G 24 -18.48 42.07 2.41
CA ALA G 24 -18.84 40.84 1.75
C ALA G 24 -20.31 40.50 2.00
N SER G 25 -20.93 39.89 1.01
CA SER G 25 -22.33 39.51 1.10
C SER G 25 -22.59 38.33 0.17
N GLY G 26 -23.68 37.61 0.47
CA GLY G 26 -24.08 36.48 -0.34
C GLY G 26 -23.43 35.16 0.00
N PHE G 27 -22.55 35.13 1.00
CA PHE G 27 -21.89 33.88 1.39
C PHE G 27 -21.42 33.99 2.83
N THR G 28 -21.10 32.85 3.41
CA THR G 28 -20.61 32.79 4.79
C THR G 28 -19.22 33.41 4.85
N PHE G 29 -19.08 34.53 5.57
CA PHE G 29 -17.82 35.26 5.58
C PHE G 29 -16.71 34.44 6.23
N SER G 30 -17.01 33.77 7.35
CA SER G 30 -15.95 33.10 8.11
C SER G 30 -15.41 31.86 7.42
N ASN G 31 -16.13 31.33 6.43
CA ASN G 31 -15.71 30.08 5.79
C ASN G 31 -14.68 30.27 4.69
N TYR G 32 -14.45 31.50 4.22
CA TYR G 32 -13.61 31.75 3.06
C TYR G 32 -12.39 32.58 3.46
N LYS G 33 -11.22 32.16 3.01
CA LYS G 33 -10.01 32.93 3.21
C LYS G 33 -10.02 34.18 2.33
N MET G 34 -9.57 35.30 2.90
CA MET G 34 -9.58 36.57 2.21
C MET G 34 -8.16 37.01 1.86
N ASN G 35 -8.00 37.58 0.67
CA ASN G 35 -6.73 38.07 0.18
C ASN G 35 -6.87 39.52 -0.29
N TRP G 36 -5.76 40.24 -0.25
CA TRP G 36 -5.69 41.61 -0.73
C TRP G 36 -4.77 41.67 -1.95
N VAL G 37 -5.30 42.18 -3.05
CA VAL G 37 -4.55 42.32 -4.29
C VAL G 37 -4.79 43.72 -4.85
N ARG G 38 -3.76 44.29 -5.47
CA ARG G 38 -3.85 45.63 -6.04
C ARG G 38 -3.24 45.64 -7.44
N GLN G 39 -3.71 46.59 -8.25
CA GLN G 39 -3.24 46.77 -9.62
C GLN G 39 -2.59 48.15 -9.72
N ALA G 40 -1.28 48.17 -9.93
CA ALA G 40 -0.58 49.43 -10.13
C ALA G 40 -0.87 49.99 -11.51
N PRO G 41 -0.88 51.32 -11.66
CA PRO G 41 -1.12 51.90 -12.99
C PRO G 41 0.00 51.54 -13.95
N GLY G 42 -0.40 51.12 -15.15
CA GLY G 42 0.57 50.71 -16.16
C GLY G 42 1.43 49.53 -15.75
N LYS G 43 0.85 48.57 -15.02
CA LYS G 43 1.58 47.40 -14.55
C LYS G 43 0.60 46.26 -14.34
N GLY G 44 1.13 45.10 -13.97
CA GLY G 44 0.32 43.93 -13.72
C GLY G 44 -0.30 43.94 -12.33
N LEU G 45 -0.96 42.84 -12.01
CA LEU G 45 -1.65 42.68 -10.74
C LEU G 45 -0.80 41.83 -9.80
N GLU G 46 -0.72 42.26 -8.55
CA GLU G 46 0.11 41.59 -7.54
C GLU G 46 -0.70 41.36 -6.28
N TRP G 47 -0.15 40.52 -5.40
CA TRP G 47 -0.79 40.14 -4.15
C TRP G 47 -0.08 40.82 -2.98
N VAL G 48 -0.86 41.24 -1.99
CA VAL G 48 -0.35 41.99 -0.85
C VAL G 48 -0.35 41.17 0.43
N SER G 49 -1.53 40.73 0.88
CA SER G 49 -1.64 40.05 2.16
C SER G 49 -2.89 39.20 2.16
N ASP G 50 -2.94 38.25 3.11
CA ASP G 50 -4.07 37.36 3.26
C ASP G 50 -4.30 37.08 4.74
N ILE G 51 -5.51 36.63 5.06
CA ILE G 51 -5.89 36.29 6.42
C ILE G 51 -6.61 34.95 6.40
N SER G 52 -6.36 34.13 7.42
CA SER G 52 -6.97 32.82 7.52
C SER G 52 -8.47 32.94 7.78
N GLN G 53 -9.14 31.79 7.82
CA GLN G 53 -10.59 31.79 8.04
C GLN G 53 -10.94 32.34 9.41
N SER G 54 -10.21 31.93 10.45
CA SER G 54 -10.45 32.39 11.81
C SER G 54 -9.63 33.62 12.19
N GLY G 55 -8.73 34.07 11.31
CA GLY G 55 -7.90 35.22 11.61
C GLY G 55 -6.68 34.93 12.44
N ALA G 56 -6.40 33.66 12.75
CA ALA G 56 -5.25 33.31 13.57
C ALA G 56 -3.96 33.20 12.77
N SER G 57 -4.03 33.19 11.44
CA SER G 57 -2.86 33.11 10.59
C SER G 57 -2.85 34.31 9.64
N ILE G 58 -1.73 35.03 9.61
CA ILE G 58 -1.59 36.24 8.81
C ILE G 58 -0.27 36.19 8.05
N SER G 59 -0.33 36.55 6.78
CA SER G 59 0.86 36.63 5.94
C SER G 59 0.86 37.95 5.19
N TYR G 60 2.06 38.50 4.98
CA TYR G 60 2.23 39.74 4.25
C TYR G 60 3.24 39.54 3.14
N THR G 61 3.17 40.40 2.12
CA THR G 61 4.26 40.51 1.17
C THR G 61 5.35 41.37 1.76
N GLY G 62 6.57 41.22 1.24
CA GLY G 62 7.72 41.88 1.83
C GLY G 62 7.64 43.40 1.73
N SER G 63 7.07 43.91 0.63
CA SER G 63 7.09 45.34 0.38
C SER G 63 6.29 46.12 1.43
N VAL G 64 5.23 45.53 1.96
CA VAL G 64 4.35 46.22 2.91
C VAL G 64 4.48 45.66 4.32
N LYS G 65 5.46 44.79 4.57
CA LYS G 65 5.63 44.25 5.91
C LYS G 65 6.06 45.35 6.87
N GLY G 66 5.38 45.45 8.00
CA GLY G 66 5.63 46.51 8.96
C GLY G 66 5.02 47.85 8.59
N ARG G 67 4.34 47.95 7.45
CA ARG G 67 3.73 49.19 6.99
C ARG G 67 2.22 49.17 7.08
N PHE G 68 1.58 48.13 6.55
CA PHE G 68 0.13 48.00 6.54
C PHE G 68 -0.30 46.94 7.53
N THR G 69 -1.56 47.06 7.99
CA THR G 69 -2.12 46.12 8.94
C THR G 69 -3.45 45.62 8.42
N ILE G 70 -3.66 44.30 8.48
CA ILE G 70 -4.88 43.67 8.00
C ILE G 70 -5.70 43.20 9.20
N SER G 71 -7.02 43.23 9.04
CA SER G 71 -7.93 42.77 10.07
C SER G 71 -9.24 42.35 9.41
N ARG G 72 -9.87 41.31 9.94
CA ARG G 72 -11.18 40.86 9.49
C ARG G 72 -12.12 40.80 10.68
N ASP G 73 -13.41 41.05 10.42
CA ASP G 73 -14.44 41.04 11.44
C ASP G 73 -15.58 40.14 10.95
N ASN G 74 -15.55 38.88 11.39
CA ASN G 74 -16.57 37.92 10.97
C ASN G 74 -17.95 38.28 11.52
N ALA G 75 -18.02 39.05 12.60
CA ALA G 75 -19.31 39.44 13.15
C ALA G 75 -20.11 40.30 12.18
N LYS G 76 -19.44 41.26 11.53
CA LYS G 76 -20.08 42.15 10.57
C LYS G 76 -19.60 41.93 9.15
N ASN G 77 -18.99 40.77 8.88
CA ASN G 77 -18.51 40.35 7.55
C ASN G 77 -17.84 41.50 6.80
N THR G 78 -16.76 42.01 7.38
CA THR G 78 -15.99 43.09 6.78
C THR G 78 -14.51 42.77 6.84
N LEU G 79 -13.78 43.22 5.82
CA LEU G 79 -12.34 43.07 5.75
C LEU G 79 -11.70 44.45 5.79
N TYR G 80 -10.71 44.64 6.65
CA TYR G 80 -10.12 45.94 6.89
C TYR G 80 -8.63 45.93 6.54
N LEU G 81 -8.14 47.09 6.11
CA LEU G 81 -6.72 47.29 5.80
C LEU G 81 -6.32 48.66 6.32
N GLN G 82 -5.51 48.68 7.36
CA GLN G 82 -5.04 49.93 7.98
C GLN G 82 -3.62 50.18 7.53
N MET G 83 -3.37 51.38 6.99
CA MET G 83 -2.06 51.73 6.45
C MET G 83 -1.48 52.93 7.20
N ASN G 84 -0.17 52.90 7.41
CA ASN G 84 0.57 53.99 8.01
C ASN G 84 1.83 54.23 7.20
N SER G 85 2.32 55.47 7.24
CA SER G 85 3.57 55.88 6.58
C SER G 85 3.57 55.48 5.10
N LEU G 86 2.65 56.09 4.35
CA LEU G 86 2.49 55.77 2.95
C LEU G 86 3.70 56.23 2.14
N LYS G 87 3.90 55.57 1.01
CA LYS G 87 5.00 55.83 0.09
C LYS G 87 4.42 56.05 -1.31
N PRO G 88 5.16 56.75 -2.18
CA PRO G 88 4.60 57.08 -3.50
C PRO G 88 4.17 55.88 -4.32
N GLU G 89 4.84 54.73 -4.15
CA GLU G 89 4.47 53.54 -4.90
C GLU G 89 3.14 52.92 -4.44
N ASP G 90 2.57 53.41 -3.34
CA ASP G 90 1.30 52.87 -2.86
C ASP G 90 0.14 53.16 -3.80
N THR G 91 0.30 54.12 -4.71
CA THR G 91 -0.78 54.47 -5.63
C THR G 91 -1.12 53.28 -6.52
N ALA G 92 -2.30 52.72 -6.30
CA ALA G 92 -2.79 51.57 -7.07
C ALA G 92 -4.27 51.38 -6.76
N VAL G 93 -4.92 50.57 -7.58
CA VAL G 93 -6.32 50.21 -7.38
C VAL G 93 -6.37 48.90 -6.61
N TYR G 94 -7.00 48.93 -5.43
CA TYR G 94 -7.02 47.79 -4.53
C TYR G 94 -8.25 46.93 -4.80
N TYR G 95 -8.03 45.63 -4.93
CA TYR G 95 -9.09 44.67 -5.19
C TYR G 95 -9.22 43.73 -3.99
N CYS G 96 -10.46 43.46 -3.58
CA CYS G 96 -10.75 42.57 -2.45
C CYS G 96 -11.16 41.22 -3.02
N ALA G 97 -10.25 40.26 -2.99
CA ALA G 97 -10.48 38.92 -3.53
C ALA G 97 -10.74 37.93 -2.41
N ARG G 98 -11.08 36.70 -2.80
CA ARG G 98 -11.42 35.66 -1.84
C ARG G 98 -11.14 34.28 -2.43
N CYS G 99 -11.04 33.31 -1.53
CA CYS G 99 -10.81 31.90 -1.89
C CYS G 99 -12.11 31.28 -2.38
N PRO G 100 -12.17 30.82 -3.64
CA PRO G 100 -13.41 30.19 -4.14
C PRO G 100 -13.87 28.99 -3.33
N ALA G 101 -12.94 28.11 -2.96
CA ALA G 101 -13.31 26.94 -2.17
C ALA G 101 -13.17 27.24 -0.68
N PRO G 102 -14.26 27.17 0.09
CA PRO G 102 -14.23 27.64 1.48
C PRO G 102 -13.35 26.82 2.41
N PHE G 103 -13.58 25.51 2.47
CA PHE G 103 -13.00 24.69 3.53
C PHE G 103 -11.49 24.51 3.39
N THR G 104 -10.96 24.51 2.17
CA THR G 104 -9.53 24.35 1.99
C THR G 104 -8.79 25.64 2.36
N ARG G 105 -7.52 25.48 2.74
CA ARG G 105 -6.67 26.60 3.10
C ARG G 105 -5.87 27.16 1.93
N ASP G 106 -6.02 26.58 0.74
CA ASP G 106 -5.30 27.04 -0.44
C ASP G 106 -6.30 27.41 -1.52
N CYS G 107 -5.85 28.24 -2.46
CA CYS G 107 -6.70 28.66 -3.56
C CYS G 107 -5.81 29.16 -4.70
N PHE G 108 -6.33 29.02 -5.92
CA PHE G 108 -5.66 29.47 -7.13
C PHE G 108 -6.40 30.66 -7.73
N ASP G 109 -5.75 31.30 -8.70
CA ASP G 109 -6.34 32.35 -9.53
C ASP G 109 -6.83 33.54 -8.72
N VAL G 110 -6.26 33.77 -7.54
CA VAL G 110 -6.59 34.97 -6.78
C VAL G 110 -6.12 36.21 -7.51
N THR G 111 -4.96 36.14 -8.15
CA THR G 111 -4.41 37.24 -8.93
C THR G 111 -4.71 37.13 -10.41
N SER G 112 -5.54 36.18 -10.81
CA SER G 112 -5.87 36.00 -12.22
C SER G 112 -6.65 37.19 -12.75
N THR G 113 -6.41 37.55 -14.01
CA THR G 113 -7.05 38.71 -14.61
C THR G 113 -8.53 38.49 -14.88
N THR G 114 -8.99 37.24 -14.94
CA THR G 114 -10.38 36.92 -15.21
C THR G 114 -11.06 36.30 -13.99
N TYR G 115 -10.60 36.65 -12.80
CA TYR G 115 -11.19 36.12 -11.57
C TYR G 115 -12.61 36.64 -11.38
N ALA G 116 -13.48 35.78 -10.86
CA ALA G 116 -14.90 36.09 -10.73
C ALA G 116 -15.25 36.67 -9.36
N TYR G 117 -14.83 36.00 -8.28
CA TYR G 117 -15.18 36.43 -6.93
C TYR G 117 -14.22 37.50 -6.44
N ARG G 118 -14.11 38.58 -7.22
CA ARG G 118 -13.25 39.71 -6.88
C ARG G 118 -14.10 40.96 -6.78
N GLY G 119 -13.70 41.87 -5.90
CA GLY G 119 -14.44 43.10 -5.70
C GLY G 119 -14.27 44.07 -6.86
N GLN G 120 -15.15 45.07 -6.88
CA GLN G 120 -15.10 46.08 -7.93
C GLN G 120 -13.80 46.88 -7.84
N GLY G 121 -13.37 47.22 -6.64
CA GLY G 121 -12.10 47.90 -6.44
C GLY G 121 -12.29 49.37 -6.09
N THR G 122 -11.30 49.92 -5.40
CA THR G 122 -11.26 51.33 -5.04
C THR G 122 -9.91 51.91 -5.42
N GLN G 123 -9.91 53.19 -5.76
CA GLN G 123 -8.72 53.89 -6.23
C GLN G 123 -8.07 54.62 -5.06
N VAL G 124 -6.80 54.31 -4.80
CA VAL G 124 -6.02 54.96 -3.76
C VAL G 124 -4.83 55.65 -4.42
N THR G 125 -4.75 56.96 -4.26
CA THR G 125 -3.67 57.75 -4.84
C THR G 125 -2.99 58.54 -3.74
N VAL G 126 -1.65 58.52 -3.73
CA VAL G 126 -0.86 59.27 -2.77
C VAL G 126 0.05 60.22 -3.55
N SER G 127 0.06 61.49 -3.14
CA SER G 127 0.87 62.50 -3.80
C SER G 127 1.09 63.66 -2.84
N SER G 128 2.10 64.47 -3.17
CA SER G 128 2.44 65.64 -2.35
C SER G 128 1.46 66.78 -2.61
C1 NAG H . 31.01 -36.09 39.25
C2 NAG H . 31.19 -36.07 40.77
C3 NAG H . 30.67 -34.76 41.35
C4 NAG H . 31.28 -33.56 40.65
C5 NAG H . 31.08 -33.68 39.15
C6 NAG H . 31.77 -32.59 38.37
C7 NAG H . 30.86 -37.66 42.61
C8 NAG H . 30.06 -38.84 43.10
N2 NAG H . 30.53 -37.21 41.40
O3 NAG H . 30.95 -34.70 42.75
O4 NAG H . 30.69 -32.35 41.11
O5 NAG H . 31.63 -34.92 38.67
O6 NAG H . 31.56 -31.32 38.96
O7 NAG H . 31.74 -37.15 43.29
C1 NAG I . 45.21 -55.75 29.81
C2 NAG I . 45.32 -57.13 30.45
C3 NAG I . 46.58 -57.85 29.96
C4 NAG I . 46.61 -57.87 28.44
C5 NAG I . 46.45 -56.46 27.88
C6 NAG I . 46.34 -56.43 26.37
C7 NAG I . 44.20 -57.10 32.63
C8 NAG I . 44.39 -56.98 34.11
N2 NAG I . 45.32 -57.05 31.90
O3 NAG I . 46.60 -59.18 30.47
O4 NAG I . 47.85 -58.42 27.99
O5 NAG I . 45.24 -55.88 28.38
O6 NAG I . 45.00 -56.59 25.93
O7 NAG I . 43.09 -57.22 32.13
#